data_3FSX
#
_entry.id   3FSX
#
_cell.length_a   216.990
_cell.length_b   216.990
_cell.length_c   216.990
_cell.angle_alpha   90.00
_cell.angle_beta   90.00
_cell.angle_gamma   90.00
#
_symmetry.space_group_name_H-M   'I 21 3'
#
loop_
_entity.id
_entity.type
_entity.pdbx_description
1 polymer 'Tetrahydrodipicolinate N-succinyltransferase'
2 non-polymer 'ACETIC ACID'
3 non-polymer (4S)-2-METHYL-2,4-PENTANEDIOL
4 non-polymer 'MAGNESIUM ION'
5 non-polymer 'SODIUM ION'
6 water water
#
_entity_poly.entity_id   1
_entity_poly.type   'polypeptide(L)'
_entity_poly.pdbx_seq_one_letter_code
;MAVSTVTGAAGIGLATLAADGSVLDTWFPAPELTESGTSATSRLAVSDVPVELAALIGRDDDRRTETIAVRTVIGSLDDV
AADPYDAYLRLHLLSHRLVAPHGLNAGGLFGVLTNVVWTNHGPCAIDGFEAVRARLRRRGPVTVYGVDKFPRMVDYVVPT
GVRIADADRVRLGAHLAPGTTVMHEGFVNYNAGTLGASMVEGRISAGVVVGDGSDVGGGASIMGTLSGGGTHVISIGKRC
LLGANSGLGISLGDDCVVEAGLYVTAGTRVTMPDSNSVKARELSGSSNLLFRRNSVSGAVEVLARDGQGIALNEDLHANG
VPRGLEHHHHHH
;
_entity_poly.pdbx_strand_id   A,B,C,D,E
#
loop_
_chem_comp.id
_chem_comp.type
_chem_comp.name
_chem_comp.formula
ACY non-polymer 'ACETIC ACID' 'C2 H4 O2'
MG non-polymer 'MAGNESIUM ION' 'Mg 2'
MPD non-polymer (4S)-2-METHYL-2,4-PENTANEDIOL 'C6 H14 O2'
NA non-polymer 'SODIUM ION' 'Na 1'
#
# COMPACT_ATOMS: atom_id res chain seq x y z
N VAL A 6 2.25 19.92 40.69
CA VAL A 6 3.00 20.84 39.78
C VAL A 6 4.47 20.43 39.54
N THR A 7 4.78 20.11 38.30
CA THR A 7 6.13 19.69 37.93
C THR A 7 6.85 20.84 37.23
N GLY A 8 8.14 21.00 37.52
CA GLY A 8 8.99 21.97 36.83
C GLY A 8 9.95 21.22 35.95
N ALA A 9 10.98 21.90 35.49
CA ALA A 9 11.98 21.23 34.67
C ALA A 9 13.23 22.09 34.70
N ALA A 10 14.38 21.52 34.32
CA ALA A 10 15.63 22.28 34.33
C ALA A 10 16.59 21.65 33.37
N GLY A 11 17.50 22.45 32.85
CA GLY A 11 18.47 21.91 31.91
C GLY A 11 19.63 22.87 31.73
N ILE A 12 20.82 22.31 31.60
CA ILE A 12 21.99 23.06 31.19
C ILE A 12 21.99 23.03 29.71
N GLY A 13 22.21 24.20 29.13
CA GLY A 13 22.07 24.36 27.68
C GLY A 13 23.23 25.10 27.04
N LEU A 14 23.42 24.91 25.72
CA LEU A 14 24.39 25.70 25.00
C LEU A 14 23.56 26.59 24.14
N ALA A 15 23.48 27.87 24.49
CA ALA A 15 22.65 28.79 23.70
C ALA A 15 23.49 29.54 22.64
N THR A 16 22.92 29.74 21.47
CA THR A 16 23.48 30.65 20.48
C THR A 16 22.64 31.95 20.39
N LEU A 17 23.29 33.13 20.58
CA LEU A 17 22.62 34.40 20.50
C LEU A 17 23.08 35.08 19.23
N ALA A 18 22.17 35.88 18.66
CA ALA A 18 22.45 36.83 17.57
C ALA A 18 23.27 38.07 18.04
N ALA A 19 23.63 38.93 17.08
CA ALA A 19 24.47 40.10 17.36
C ALA A 19 23.75 41.04 18.29
N ASP A 20 22.43 41.07 18.20
CA ASP A 20 21.66 42.01 19.04
C ASP A 20 21.28 41.32 20.34
N GLY A 21 21.83 40.13 20.61
CA GLY A 21 21.50 39.47 21.88
C GLY A 21 20.28 38.51 21.84
N SER A 22 19.57 38.45 20.72
CA SER A 22 18.36 37.58 20.62
C SER A 22 18.82 36.14 20.68
N VAL A 23 18.04 35.28 21.37
CA VAL A 23 18.30 33.87 21.44
C VAL A 23 17.88 33.17 20.10
N LEU A 24 18.87 32.64 19.40
CA LEU A 24 18.55 31.88 18.18
C LEU A 24 18.13 30.45 18.51
N ASP A 25 18.94 29.75 19.32
CA ASP A 25 18.56 28.42 19.78
C ASP A 25 19.19 28.11 21.11
N THR A 26 18.83 26.97 21.68
CA THR A 26 19.50 26.37 22.86
C THR A 26 19.40 24.87 22.70
N TRP A 27 20.55 24.21 22.80
CA TRP A 27 20.64 22.79 22.84
C TRP A 27 20.84 22.36 24.30
N PHE A 28 19.94 21.51 24.80
CA PHE A 28 20.01 20.98 26.13
C PHE A 28 20.32 19.51 26.05
N PRO A 29 21.56 19.11 26.34
CA PRO A 29 21.93 17.64 26.21
C PRO A 29 21.15 16.72 27.14
N ALA A 30 20.89 17.14 28.37
CA ALA A 30 20.23 16.30 29.39
C ALA A 30 19.13 17.05 30.16
N PRO A 31 18.05 17.41 29.51
CA PRO A 31 16.95 18.01 30.24
C PRO A 31 16.37 17.07 31.33
N GLU A 32 15.72 17.62 32.34
CA GLU A 32 15.08 16.72 33.31
C GLU A 32 13.88 17.35 33.99
N LEU A 33 12.99 16.49 34.52
CA LEU A 33 11.83 17.00 35.24
C LEU A 33 12.30 17.26 36.65
N THR A 34 11.67 18.20 37.35
CA THR A 34 12.05 18.59 38.70
C THR A 34 10.78 18.98 39.48
N GLU A 35 10.92 19.16 40.77
CA GLU A 35 9.84 19.74 41.58
C GLU A 35 9.44 21.13 41.07
N SER A 36 8.19 21.55 41.30
CA SER A 36 7.82 22.91 40.89
C SER A 36 8.76 23.88 41.62
N GLY A 37 9.12 24.98 40.97
CA GLY A 37 10.21 25.85 41.45
C GLY A 37 10.10 27.26 40.85
N THR A 38 11.22 27.89 40.51
CA THR A 38 11.17 29.28 40.03
C THR A 38 11.79 29.50 38.65
N SER A 39 10.98 29.97 37.72
CA SER A 39 11.44 30.21 36.36
C SER A 39 12.59 31.24 36.20
N ALA A 40 13.65 30.83 35.53
CA ALA A 40 14.81 31.69 35.33
C ALA A 40 15.84 31.01 34.43
N THR A 41 16.53 31.80 33.61
CA THR A 41 17.72 31.33 32.96
C THR A 41 18.95 32.13 33.43
N SER A 42 20.02 31.44 33.81
CA SER A 42 21.17 32.16 34.27
C SER A 42 22.39 31.65 33.49
N ARG A 43 23.35 32.53 33.34
CA ARG A 43 24.62 32.19 32.70
C ARG A 43 25.39 31.32 33.72
N LEU A 44 25.86 30.14 33.30
CA LEU A 44 26.64 29.23 34.19
C LEU A 44 28.01 29.79 34.58
N ALA A 45 28.35 29.78 35.87
CA ALA A 45 29.71 30.12 36.27
C ALA A 45 30.69 29.09 35.66
N VAL A 46 31.94 29.50 35.53
CA VAL A 46 32.95 28.64 34.97
C VAL A 46 32.91 27.18 35.56
N SER A 47 32.95 27.08 36.87
CA SER A 47 33.07 25.75 37.43
C SER A 47 31.80 24.92 37.25
N ASP A 48 30.73 25.50 36.73
CA ASP A 48 29.52 24.74 36.56
C ASP A 48 29.28 24.33 35.10
N VAL A 49 30.18 24.71 34.21
CA VAL A 49 30.05 24.29 32.80
C VAL A 49 30.61 22.88 32.67
N PRO A 50 29.83 21.93 32.18
CA PRO A 50 30.35 20.60 31.87
C PRO A 50 31.48 20.67 30.83
N VAL A 51 32.42 19.76 30.93
CA VAL A 51 33.61 19.77 30.07
C VAL A 51 33.26 19.57 28.60
N GLU A 52 32.31 18.71 28.32
CA GLU A 52 31.89 18.60 26.92
C GLU A 52 31.30 19.91 26.36
N LEU A 53 30.70 20.76 27.21
CA LEU A 53 30.14 22.04 26.67
C LEU A 53 31.18 23.19 26.66
N ALA A 54 32.22 23.04 27.48
CA ALA A 54 33.18 24.11 27.69
C ALA A 54 33.94 24.31 26.42
N ALA A 55 34.21 23.24 25.68
CA ALA A 55 34.94 23.39 24.44
C ALA A 55 34.08 24.01 23.30
N LEU A 56 32.77 24.21 23.54
CA LEU A 56 31.85 24.61 22.50
C LEU A 56 31.47 26.10 22.64
N ILE A 57 31.84 26.71 23.77
CA ILE A 57 31.51 28.10 24.05
C ILE A 57 32.47 28.97 23.25
N GLY A 58 31.99 30.09 22.74
CA GLY A 58 32.85 30.94 21.90
C GLY A 58 32.06 31.98 21.13
N ARG A 59 32.76 32.73 20.26
CA ARG A 59 32.15 33.77 19.49
C ARG A 59 32.45 33.53 18.02
N ASP A 60 31.46 33.66 17.15
CA ASP A 60 31.75 33.49 15.70
C ASP A 60 31.68 34.86 15.02
N ASP A 61 32.83 35.41 14.69
CA ASP A 61 32.91 36.74 14.09
C ASP A 61 32.30 36.84 12.70
N ASP A 62 32.20 35.76 11.95
CA ASP A 62 31.57 35.87 10.63
C ASP A 62 30.06 35.92 10.73
N ARG A 63 29.51 35.16 11.67
CA ARG A 63 28.06 35.09 11.88
C ARG A 63 27.63 36.19 12.81
N ARG A 64 28.58 36.74 13.57
CA ARG A 64 28.26 37.74 14.54
C ARG A 64 27.37 37.10 15.58
N THR A 65 27.69 35.85 15.97
CA THR A 65 26.96 35.21 17.07
C THR A 65 27.88 34.90 18.23
N GLU A 66 27.28 34.43 19.33
CA GLU A 66 28.07 33.91 20.43
C GLU A 66 27.38 32.65 20.94
N THR A 67 28.15 31.67 21.43
CA THR A 67 27.55 30.51 22.04
C THR A 67 27.92 30.52 23.51
N ILE A 68 26.93 30.39 24.38
CA ILE A 68 27.15 30.52 25.83
C ILE A 68 26.49 29.37 26.57
N ALA A 69 26.96 29.11 27.78
CA ALA A 69 26.46 27.98 28.57
C ALA A 69 25.48 28.57 29.64
N VAL A 70 24.26 28.01 29.69
CA VAL A 70 23.23 28.59 30.56
C VAL A 70 22.56 27.47 31.32
N ARG A 71 21.81 27.82 32.35
CA ARG A 71 20.96 26.85 32.98
C ARG A 71 19.58 27.45 32.99
N THR A 72 18.63 26.71 32.44
CA THR A 72 17.26 27.15 32.38
C THR A 72 16.40 26.30 33.33
N VAL A 73 15.57 26.96 34.13
CA VAL A 73 14.60 26.33 35.05
C VAL A 73 13.19 26.81 34.67
N ILE A 74 12.26 25.88 34.59
CA ILE A 74 10.85 26.21 34.48
C ILE A 74 10.24 25.85 35.79
N GLY A 75 9.63 26.82 36.48
CA GLY A 75 9.04 26.56 37.78
C GLY A 75 7.81 25.68 37.65
N SER A 76 7.06 25.83 36.56
CA SER A 76 5.86 25.04 36.37
C SER A 76 5.57 24.80 34.91
N LEU A 77 5.46 23.54 34.57
CA LEU A 77 5.20 23.18 33.18
C LEU A 77 3.81 23.60 32.63
N ASP A 78 2.93 24.04 33.53
CA ASP A 78 1.62 24.56 33.14
C ASP A 78 1.67 26.04 32.74
N ASP A 79 2.72 26.74 33.15
CA ASP A 79 2.92 28.12 32.71
C ASP A 79 3.29 28.11 31.25
N VAL A 80 3.04 29.22 30.60
CA VAL A 80 3.41 29.44 29.22
C VAL A 80 4.94 29.75 29.15
N ALA A 81 5.59 29.40 28.05
CA ALA A 81 7.02 29.75 27.93
C ALA A 81 7.15 31.26 27.96
N ALA A 82 8.13 31.75 28.66
CA ALA A 82 8.19 33.19 28.75
C ALA A 82 9.41 33.70 28.04
N ASP A 83 10.16 32.83 27.35
CA ASP A 83 11.31 33.28 26.59
C ASP A 83 11.84 32.12 25.79
N PRO A 84 12.77 32.39 24.86
CA PRO A 84 13.17 31.29 23.97
C PRO A 84 13.85 30.14 24.73
N TYR A 85 14.56 30.43 25.83
CA TYR A 85 15.32 29.38 26.45
C TYR A 85 14.32 28.33 26.96
N ASP A 86 13.24 28.84 27.58
CA ASP A 86 12.19 28.06 28.24
C ASP A 86 11.43 27.28 27.16
N ALA A 87 11.09 27.92 26.05
CA ALA A 87 10.49 27.26 24.90
C ALA A 87 11.33 26.10 24.38
N TYR A 88 12.61 26.33 24.16
CA TYR A 88 13.51 25.28 23.74
C TYR A 88 13.56 24.16 24.74
N LEU A 89 13.57 24.49 26.01
CA LEU A 89 13.56 23.43 27.03
C LEU A 89 12.29 22.59 26.93
N ARG A 90 11.15 23.26 26.86
CA ARG A 90 9.86 22.57 26.62
C ARG A 90 9.91 21.63 25.41
N LEU A 91 10.46 22.11 24.30
CA LEU A 91 10.51 21.28 23.06
C LEU A 91 11.42 20.05 23.24
N HIS A 92 12.51 20.22 24.02
CA HIS A 92 13.46 19.12 24.28
C HIS A 92 12.74 18.08 25.16
N LEU A 93 11.95 18.54 26.13
CA LEU A 93 11.24 17.62 27.05
C LEU A 93 10.32 16.68 26.28
N LEU A 94 9.57 17.23 25.33
CA LEU A 94 8.67 16.46 24.46
C LEU A 94 9.51 15.47 23.61
N SER A 95 10.51 15.99 22.92
CA SER A 95 11.37 15.15 22.06
C SER A 95 12.19 14.05 22.77
N HIS A 96 12.65 14.36 23.98
CA HIS A 96 13.23 13.33 24.86
C HIS A 96 12.14 12.39 25.46
N ARG A 97 10.87 12.65 25.15
CA ARG A 97 9.78 11.80 25.65
C ARG A 97 9.70 11.87 27.15
N LEU A 98 10.27 12.93 27.74
CA LEU A 98 10.13 13.10 29.21
C LEU A 98 8.72 13.51 29.59
N VAL A 99 8.05 14.15 28.65
CA VAL A 99 6.68 14.58 28.78
C VAL A 99 6.01 14.18 27.44
N ALA A 100 4.74 13.76 27.51
CA ALA A 100 3.99 13.34 26.33
C ALA A 100 3.31 14.61 25.80
N PRO A 101 2.86 14.62 24.50
CA PRO A 101 2.13 15.82 23.98
C PRO A 101 0.99 16.18 24.93
N HIS A 102 0.81 17.48 25.17
CA HIS A 102 -0.19 18.01 26.09
C HIS A 102 0.18 17.83 27.53
N GLY A 103 1.37 17.30 27.81
CA GLY A 103 1.82 17.18 29.22
C GLY A 103 2.49 18.45 29.74
N LEU A 104 2.72 19.41 28.85
CA LEU A 104 3.20 20.73 29.35
C LEU A 104 2.39 21.76 28.53
N ASN A 105 2.36 23.02 28.97
CA ASN A 105 1.74 24.11 28.20
C ASN A 105 2.61 24.49 26.97
N ALA A 106 2.18 24.10 25.76
CA ALA A 106 2.93 24.43 24.56
C ALA A 106 2.35 25.67 23.86
N GLY A 107 1.57 26.50 24.55
CA GLY A 107 1.00 27.66 23.91
C GLY A 107 1.98 28.82 23.72
N GLY A 108 1.65 29.72 22.80
CA GLY A 108 2.43 30.91 22.55
C GLY A 108 3.87 30.76 22.07
N LEU A 109 4.30 29.58 21.62
CA LEU A 109 5.73 29.36 21.36
C LEU A 109 6.16 30.11 20.13
N PHE A 110 5.22 30.25 19.21
CA PHE A 110 5.46 31.01 17.99
C PHE A 110 5.74 32.44 18.34
N GLY A 111 5.03 32.94 19.34
CA GLY A 111 5.17 34.32 19.70
C GLY A 111 6.51 34.49 20.36
N VAL A 112 7.00 33.46 21.06
CA VAL A 112 8.22 33.62 21.84
C VAL A 112 9.54 33.31 21.10
N LEU A 113 9.48 32.53 20.04
CA LEU A 113 10.66 32.01 19.46
C LEU A 113 11.17 32.97 18.35
N THR A 114 12.46 33.06 18.20
CA THR A 114 13.11 33.87 17.12
C THR A 114 13.07 33.10 15.79
N ASN A 115 12.84 33.84 14.70
CA ASN A 115 12.92 33.29 13.34
C ASN A 115 14.40 33.16 13.03
N VAL A 116 14.84 31.98 12.61
CA VAL A 116 16.25 31.77 12.46
C VAL A 116 16.59 31.26 11.05
N VAL A 117 17.70 31.76 10.51
CA VAL A 117 18.32 31.14 9.31
C VAL A 117 19.19 29.95 9.68
N TRP A 118 18.70 28.73 9.42
CA TRP A 118 19.40 27.52 9.87
C TRP A 118 20.39 27.14 8.75
N THR A 119 21.71 27.19 9.02
CA THR A 119 22.67 26.98 7.91
C THR A 119 23.68 25.85 8.23
N ASN A 120 24.52 25.50 7.25
CA ASN A 120 25.51 24.46 7.48
C ASN A 120 26.64 24.98 8.34
N HIS A 121 26.57 26.29 8.74
CA HIS A 121 27.50 26.93 9.66
C HIS A 121 26.92 27.21 11.02
N GLY A 122 25.68 26.72 11.25
CA GLY A 122 24.99 26.95 12.50
C GLY A 122 23.84 27.93 12.36
N PRO A 123 23.14 28.21 13.47
CA PRO A 123 22.08 29.20 13.41
C PRO A 123 22.60 30.63 13.14
N CYS A 124 21.86 31.37 12.30
CA CYS A 124 22.17 32.76 12.01
C CYS A 124 20.94 33.63 12.16
N ALA A 125 21.12 34.93 12.44
CA ALA A 125 20.00 35.87 12.46
C ALA A 125 19.56 36.15 11.05
N ILE A 126 18.30 36.58 10.90
CA ILE A 126 17.83 37.18 9.68
C ILE A 126 18.60 38.46 9.42
N ASP A 127 18.85 39.22 10.48
CA ASP A 127 19.42 40.55 10.30
C ASP A 127 20.85 40.46 9.76
N GLY A 128 21.09 41.11 8.63
CA GLY A 128 22.42 41.16 8.02
C GLY A 128 22.80 39.80 7.43
N PHE A 129 21.82 38.93 7.18
CA PHE A 129 22.20 37.60 6.69
C PHE A 129 22.96 37.60 5.33
N GLU A 130 22.60 38.49 4.42
CA GLU A 130 23.26 38.43 3.16
C GLU A 130 24.76 38.78 3.32
N ALA A 131 25.07 39.69 4.23
CA ALA A 131 26.51 40.01 4.44
C ALA A 131 27.23 38.85 5.11
N VAL A 132 26.55 38.21 6.07
CA VAL A 132 27.06 37.02 6.75
C VAL A 132 27.32 35.85 5.77
N ARG A 133 26.39 35.63 4.84
CA ARG A 133 26.57 34.63 3.79
C ARG A 133 27.86 34.89 3.00
N ALA A 134 28.12 36.13 2.57
CA ALA A 134 29.34 36.45 1.85
C ALA A 134 30.62 36.21 2.68
N ARG A 135 30.63 36.59 3.95
CA ARG A 135 31.74 36.20 4.86
C ARG A 135 31.95 34.68 5.03
N LEU A 136 30.89 33.94 5.34
CA LEU A 136 30.95 32.51 5.55
C LEU A 136 31.39 31.73 4.31
N ARG A 137 31.09 32.26 3.12
CA ARG A 137 31.49 31.63 1.87
C ARG A 137 32.99 31.47 1.74
N ARG A 138 33.77 32.29 2.44
CA ARG A 138 35.21 32.09 2.49
C ARG A 138 35.58 30.71 3.05
N ARG A 139 34.71 30.16 3.90
CA ARG A 139 34.93 28.89 4.56
C ARG A 139 34.52 27.71 3.67
N GLY A 140 33.75 27.99 2.64
CA GLY A 140 33.15 26.96 1.80
C GLY A 140 31.71 27.35 1.55
N PRO A 141 30.93 26.40 1.02
CA PRO A 141 29.57 26.62 0.55
C PRO A 141 28.65 27.01 1.68
N VAL A 142 27.69 27.89 1.41
CA VAL A 142 26.75 28.25 2.48
C VAL A 142 25.38 27.70 2.09
N THR A 143 24.91 26.75 2.92
CA THR A 143 23.65 26.09 2.65
C THR A 143 22.65 26.44 3.75
N VAL A 144 21.49 26.96 3.32
CA VAL A 144 20.44 27.28 4.24
C VAL A 144 19.37 26.13 4.22
N TYR A 145 19.16 25.46 5.36
CA TYR A 145 18.32 24.28 5.46
C TYR A 145 16.89 24.75 5.59
N GLY A 146 16.72 25.94 6.17
CA GLY A 146 15.40 26.49 6.39
C GLY A 146 15.46 27.82 7.09
N VAL A 147 14.34 28.52 7.12
CA VAL A 147 14.23 29.83 7.79
C VAL A 147 12.95 29.75 8.59
N ASP A 148 13.08 29.60 9.91
CA ASP A 148 11.89 29.31 10.69
C ASP A 148 12.21 29.39 12.17
N LYS A 149 11.16 29.32 12.99
CA LYS A 149 11.24 29.36 14.43
C LYS A 149 11.57 28.02 15.10
N PHE A 150 11.31 26.92 14.41
CA PHE A 150 11.44 25.57 14.94
C PHE A 150 12.45 24.84 14.05
N PRO A 151 13.55 24.36 14.63
CA PRO A 151 14.59 23.58 13.96
C PRO A 151 14.28 22.05 13.92
N ARG A 152 15.24 21.26 13.41
CA ARG A 152 15.04 19.84 13.13
C ARG A 152 15.33 19.08 14.41
N MET A 153 14.37 18.25 14.85
CA MET A 153 14.52 17.55 16.12
C MET A 153 15.86 16.88 16.26
N VAL A 154 16.25 16.12 15.22
CA VAL A 154 17.40 15.22 15.33
C VAL A 154 18.72 15.99 15.55
N ASP A 155 18.68 17.32 15.37
CA ASP A 155 19.87 18.16 15.51
C ASP A 155 20.05 18.54 17.00
N TYR A 156 19.14 18.01 17.80
CA TYR A 156 19.17 18.18 19.26
C TYR A 156 19.16 16.87 20.02
N VAL A 157 18.38 15.90 19.53
CA VAL A 157 18.30 14.61 20.19
C VAL A 157 17.90 13.58 19.15
N VAL A 158 18.61 12.46 19.09
CA VAL A 158 18.01 11.29 18.40
C VAL A 158 17.38 10.34 19.42
N PRO A 159 16.06 10.29 19.48
CA PRO A 159 15.47 9.33 20.40
C PRO A 159 15.66 7.89 19.94
N THR A 160 15.77 6.97 20.88
CA THR A 160 15.98 5.57 20.54
C THR A 160 14.71 4.85 20.12
N GLY A 161 14.91 3.72 19.43
CA GLY A 161 13.82 2.85 18.91
C GLY A 161 13.05 3.48 17.75
N VAL A 162 13.68 4.42 17.09
CA VAL A 162 12.95 5.28 16.09
C VAL A 162 13.70 5.34 14.75
N ARG A 163 12.97 5.33 13.65
CA ARG A 163 13.56 5.64 12.34
C ARG A 163 12.88 6.89 11.76
N ILE A 164 13.69 7.72 11.07
CA ILE A 164 13.23 8.95 10.43
C ILE A 164 13.96 9.04 9.09
N ALA A 165 13.24 8.72 8.03
CA ALA A 165 13.83 8.60 6.72
C ALA A 165 14.36 9.93 6.18
N ASP A 166 13.63 10.99 6.44
CA ASP A 166 14.03 12.35 6.03
C ASP A 166 13.87 13.28 7.24
N ALA A 167 14.95 13.62 7.93
CA ALA A 167 14.77 14.32 9.22
C ALA A 167 14.47 15.80 9.12
N ASP A 168 14.40 16.32 7.88
CA ASP A 168 13.90 17.66 7.65
C ASP A 168 12.44 17.69 8.09
N ARG A 169 11.77 16.52 8.16
CA ARG A 169 10.27 16.52 8.32
C ARG A 169 9.81 16.33 9.73
N VAL A 170 10.74 16.41 10.70
CA VAL A 170 10.37 16.27 12.10
C VAL A 170 10.86 17.46 12.93
N ARG A 171 9.93 18.27 13.42
CA ARG A 171 10.28 19.44 14.22
C ARG A 171 10.74 19.09 15.61
N LEU A 172 11.67 19.88 16.11
CA LEU A 172 12.05 19.72 17.52
C LEU A 172 10.77 19.97 18.28
N GLY A 173 10.48 19.15 19.31
CA GLY A 173 9.21 19.19 20.05
C GLY A 173 8.29 18.07 19.57
N ALA A 174 8.69 17.34 18.52
CA ALA A 174 7.95 16.11 18.19
C ALA A 174 8.27 14.99 19.19
N HIS A 175 7.29 14.17 19.50
CA HIS A 175 7.43 13.12 20.48
C HIS A 175 7.27 11.80 19.71
N LEU A 176 8.36 11.05 19.55
CA LEU A 176 8.26 9.83 18.76
C LEU A 176 8.51 8.61 19.62
N ALA A 177 7.45 7.87 19.92
CA ALA A 177 7.60 6.76 20.84
C ALA A 177 8.36 5.61 20.18
N PRO A 178 8.99 4.74 21.00
CA PRO A 178 9.79 3.65 20.45
C PRO A 178 8.97 2.74 19.48
N GLY A 179 9.62 2.32 18.39
CA GLY A 179 8.97 1.48 17.36
C GLY A 179 8.31 2.37 16.29
N THR A 180 8.45 3.67 16.45
CA THR A 180 7.89 4.57 15.47
C THR A 180 8.86 4.78 14.32
N THR A 181 8.33 4.75 13.10
CA THR A 181 9.08 5.10 11.91
C THR A 181 8.37 6.23 11.17
N VAL A 182 9.12 7.29 10.78
CA VAL A 182 8.57 8.37 9.98
C VAL A 182 9.19 8.25 8.62
N MET A 183 8.38 8.03 7.58
CA MET A 183 8.96 7.83 6.25
C MET A 183 9.04 9.20 5.59
N HIS A 184 9.53 9.24 4.35
CA HIS A 184 9.79 10.53 3.70
C HIS A 184 8.61 11.43 3.62
N GLU A 185 7.41 10.87 3.50
CA GLU A 185 6.22 11.68 3.26
C GLU A 185 5.58 11.98 4.63
N GLY A 186 6.10 11.35 5.71
CA GLY A 186 5.59 11.63 7.06
C GLY A 186 6.01 13.06 7.45
N PHE A 187 5.21 13.72 8.28
CA PHE A 187 5.64 14.99 8.88
C PHE A 187 5.14 14.96 10.31
N VAL A 188 5.99 15.34 11.29
CA VAL A 188 5.51 15.43 12.65
C VAL A 188 5.84 16.80 13.25
N ASN A 189 4.80 17.54 13.60
CA ASN A 189 4.96 18.89 14.23
C ASN A 189 5.35 18.85 15.71
N TYR A 190 5.55 20.01 16.32
CA TYR A 190 5.81 20.05 17.77
C TYR A 190 4.56 19.73 18.60
N ASN A 191 4.78 19.32 19.85
CA ASN A 191 3.70 18.96 20.78
C ASN A 191 2.77 17.97 20.09
N ALA A 192 3.37 17.04 19.34
CA ALA A 192 2.57 16.09 18.56
C ALA A 192 3.38 14.80 18.46
N GLY A 193 2.75 13.72 18.02
CA GLY A 193 3.55 12.54 17.64
C GLY A 193 2.84 11.25 18.07
N THR A 194 3.64 10.21 18.37
CA THR A 194 3.10 8.88 18.56
C THR A 194 3.30 8.49 20.01
N LEU A 195 2.35 7.72 20.55
CA LEU A 195 2.47 7.14 21.89
C LEU A 195 3.11 5.74 21.89
N GLY A 196 3.18 5.07 20.75
CA GLY A 196 3.70 3.69 20.72
C GLY A 196 4.30 3.45 19.35
N ALA A 197 4.15 2.24 18.84
CA ALA A 197 4.75 1.91 17.58
C ALA A 197 3.85 2.40 16.44
N SER A 198 4.37 3.18 15.52
CA SER A 198 3.57 3.59 14.41
C SER A 198 4.42 3.82 13.19
N MET A 199 3.86 3.43 12.05
CA MET A 199 4.32 3.82 10.77
C MET A 199 3.65 5.18 10.33
N VAL A 200 4.47 6.23 10.17
CA VAL A 200 3.99 7.59 9.88
C VAL A 200 4.48 8.05 8.52
N GLU A 201 3.56 8.07 7.55
CA GLU A 201 3.88 8.43 6.16
C GLU A 201 3.01 9.61 5.76
N GLY A 202 2.31 10.16 6.74
CA GLY A 202 1.56 11.40 6.51
C GLY A 202 1.77 12.40 7.63
N ARG A 203 0.89 13.40 7.69
CA ARG A 203 1.17 14.61 8.45
CA ARG A 203 1.15 14.60 8.45
C ARG A 203 0.48 14.61 9.80
N ILE A 204 1.25 14.72 10.85
CA ILE A 204 0.70 14.82 12.18
C ILE A 204 0.80 16.28 12.65
N SER A 205 -0.36 16.99 12.68
CA SER A 205 -0.38 18.40 13.01
C SER A 205 0.03 18.65 14.45
N ALA A 206 0.35 19.92 14.79
CA ALA A 206 0.66 20.30 16.19
C ALA A 206 -0.46 19.87 17.13
N GLY A 207 -0.13 19.19 18.22
CA GLY A 207 -1.16 18.83 19.19
C GLY A 207 -1.80 17.45 18.92
N VAL A 208 -1.56 16.90 17.75
CA VAL A 208 -2.11 15.56 17.36
C VAL A 208 -1.32 14.38 17.91
N VAL A 209 -2.03 13.47 18.57
CA VAL A 209 -1.40 12.27 19.14
C VAL A 209 -1.99 10.99 18.50
N VAL A 210 -1.10 10.03 18.17
CA VAL A 210 -1.49 8.81 17.45
C VAL A 210 -1.15 7.65 18.39
N GLY A 211 -2.14 6.79 18.72
CA GLY A 211 -1.98 5.68 19.66
C GLY A 211 -1.15 4.51 19.08
N ASP A 212 -0.74 3.62 19.96
CA ASP A 212 0.14 2.49 19.70
C ASP A 212 -0.41 1.62 18.57
N GLY A 213 0.40 1.35 17.59
CA GLY A 213 0.01 0.49 16.47
C GLY A 213 -0.85 1.09 15.37
N SER A 214 -1.13 2.39 15.45
CA SER A 214 -1.87 3.07 14.43
C SER A 214 -0.90 3.52 13.33
N ASP A 215 -1.27 3.42 12.05
CA ASP A 215 -0.40 3.89 10.98
C ASP A 215 -1.07 4.99 10.16
N VAL A 216 -0.24 5.94 9.77
CA VAL A 216 -0.66 7.04 8.95
C VAL A 216 -0.12 6.79 7.53
N GLY A 217 -0.99 6.50 6.56
CA GLY A 217 -0.55 6.15 5.19
C GLY A 217 0.06 7.32 4.47
N GLY A 218 0.70 7.05 3.31
CA GLY A 218 1.47 8.07 2.55
C GLY A 218 0.58 9.23 2.13
N GLY A 219 1.02 10.45 2.41
CA GLY A 219 0.24 11.66 2.12
C GLY A 219 -1.08 11.83 2.88
N ALA A 220 -1.33 11.06 3.94
CA ALA A 220 -2.53 11.30 4.75
C ALA A 220 -2.38 12.61 5.54
N SER A 221 -3.50 13.26 5.87
CA SER A 221 -3.53 14.59 6.50
C SER A 221 -4.33 14.41 7.81
N ILE A 222 -3.70 14.60 8.96
CA ILE A 222 -4.45 14.74 10.19
C ILE A 222 -4.58 16.20 10.61
N MET A 223 -5.79 16.77 10.53
CA MET A 223 -6.01 18.20 10.84
C MET A 223 -5.66 18.45 12.29
N GLY A 224 -5.30 19.68 12.64
CA GLY A 224 -5.07 20.00 14.07
C GLY A 224 -6.38 19.70 14.77
N THR A 225 -7.45 20.17 14.11
CA THR A 225 -8.90 19.92 14.36
C THR A 225 -9.76 20.53 13.21
N VAL A 233 -9.23 19.48 19.65
CA VAL A 233 -7.89 18.90 19.31
C VAL A 233 -8.08 17.45 18.91
N ILE A 234 -7.43 17.03 17.85
CA ILE A 234 -7.71 15.70 17.31
C ILE A 234 -6.72 14.66 17.84
N SER A 235 -7.18 13.42 18.10
CA SER A 235 -6.26 12.31 18.34
C SER A 235 -6.79 11.03 17.69
N ILE A 236 -5.91 10.04 17.55
CA ILE A 236 -6.25 8.73 17.00
C ILE A 236 -5.93 7.71 18.11
N GLY A 237 -6.77 6.71 18.29
CA GLY A 237 -6.53 5.69 19.31
C GLY A 237 -5.52 4.63 18.84
N LYS A 238 -5.68 3.41 19.32
CA LYS A 238 -4.79 2.35 18.95
C LYS A 238 -5.27 1.57 17.78
N ARG A 239 -4.30 1.06 17.03
CA ARG A 239 -4.58 0.19 15.88
C ARG A 239 -5.46 0.80 14.83
N CYS A 240 -5.30 2.10 14.59
CA CYS A 240 -6.06 2.71 13.49
C CYS A 240 -5.22 2.74 12.24
N LEU A 241 -5.89 2.84 11.10
CA LEU A 241 -5.20 2.89 9.80
C LEU A 241 -5.76 3.99 8.94
N LEU A 242 -4.96 4.99 8.60
CA LEU A 242 -5.36 6.01 7.61
C LEU A 242 -4.77 5.64 6.29
N GLY A 243 -5.60 5.42 5.27
CA GLY A 243 -5.17 4.99 3.95
C GLY A 243 -4.32 6.10 3.30
N ALA A 244 -3.48 5.75 2.33
CA ALA A 244 -2.69 6.81 1.68
C ALA A 244 -3.59 7.91 1.12
N ASN A 245 -3.10 9.15 1.11
CA ASN A 245 -3.85 10.30 0.57
C ASN A 245 -5.25 10.50 1.22
N SER A 246 -5.44 9.99 2.43
CA SER A 246 -6.70 10.19 3.14
C SER A 246 -6.60 11.49 4.00
N GLY A 247 -7.68 11.87 4.65
CA GLY A 247 -7.64 13.08 5.47
C GLY A 247 -8.60 12.87 6.63
N LEU A 248 -8.24 13.43 7.79
CA LEU A 248 -8.98 13.19 9.04
C LEU A 248 -9.18 14.53 9.73
N GLY A 249 -10.44 14.93 9.92
CA GLY A 249 -10.71 16.15 10.65
C GLY A 249 -11.49 15.91 11.94
N ILE A 250 -11.56 14.65 12.40
CA ILE A 250 -12.19 14.30 13.69
C ILE A 250 -11.26 13.32 14.39
N SER A 251 -11.49 13.13 15.69
CA SER A 251 -10.77 12.13 16.45
C SER A 251 -11.36 10.78 16.19
N LEU A 252 -10.51 9.77 16.35
CA LEU A 252 -10.93 8.37 16.15
C LEU A 252 -10.59 7.68 17.44
N GLY A 253 -11.40 6.73 17.88
CA GLY A 253 -10.98 5.89 19.01
C GLY A 253 -10.02 4.79 18.57
N ASP A 254 -10.32 3.54 18.91
CA ASP A 254 -9.49 2.45 18.51
C ASP A 254 -10.06 1.68 17.31
N ASP A 255 -9.17 1.01 16.57
CA ASP A 255 -9.63 0.09 15.55
C ASP A 255 -10.52 0.76 14.52
N CYS A 256 -10.11 1.95 14.06
CA CYS A 256 -10.78 2.65 12.96
C CYS A 256 -9.92 2.70 11.71
N VAL A 257 -10.59 2.80 10.56
CA VAL A 257 -9.95 2.83 9.28
C VAL A 257 -10.57 3.98 8.46
N VAL A 258 -9.73 4.81 7.84
CA VAL A 258 -10.24 5.71 6.86
C VAL A 258 -9.67 5.25 5.53
N GLU A 259 -10.54 5.01 4.57
CA GLU A 259 -10.06 4.55 3.27
C GLU A 259 -9.07 5.44 2.51
N ALA A 260 -8.18 4.77 1.76
CA ALA A 260 -7.27 5.44 0.86
C ALA A 260 -8.02 6.52 0.05
N GLY A 261 -7.53 7.76 0.09
CA GLY A 261 -8.05 8.81 -0.77
C GLY A 261 -9.29 9.51 -0.25
N LEU A 262 -9.81 9.13 0.92
CA LEU A 262 -11.01 9.80 1.52
C LEU A 262 -10.64 10.85 2.55
N TYR A 263 -11.12 12.08 2.33
CA TYR A 263 -10.96 13.18 3.31
C TYR A 263 -12.24 13.22 4.19
N VAL A 264 -12.11 12.93 5.49
CA VAL A 264 -13.25 13.00 6.39
C VAL A 264 -13.15 14.29 7.24
N THR A 265 -13.99 15.28 6.97
CA THR A 265 -13.94 16.53 7.75
C THR A 265 -14.99 16.45 8.82
N ALA A 266 -14.94 17.36 9.79
CA ALA A 266 -15.98 17.37 10.87
C ALA A 266 -17.38 17.63 10.34
N GLY A 267 -17.49 18.36 9.22
CA GLY A 267 -18.81 18.75 8.66
C GLY A 267 -19.27 17.78 7.58
N THR A 268 -18.46 16.79 7.25
CA THR A 268 -18.88 15.80 6.27
C THR A 268 -20.03 14.94 6.78
N ARG A 269 -21.16 14.92 6.08
CA ARG A 269 -22.26 14.05 6.37
C ARG A 269 -21.93 12.59 5.99
N VAL A 270 -22.11 11.68 6.94
CA VAL A 270 -21.75 10.28 6.71
C VAL A 270 -23.02 9.50 6.88
N THR A 271 -23.27 8.59 5.97
CA THR A 271 -24.39 7.72 6.08
C THR A 271 -24.02 6.48 6.85
N MET A 272 -24.93 6.04 7.69
CA MET A 272 -24.71 4.94 8.60
C MET A 272 -25.42 3.69 8.09
N PRO A 273 -25.09 2.54 8.67
CA PRO A 273 -25.70 1.27 8.28
C PRO A 273 -27.22 1.35 8.35
N ASP A 274 -27.78 2.07 9.31
CA ASP A 274 -29.26 2.21 9.32
C ASP A 274 -29.76 3.20 8.26
N SER A 275 -28.84 3.71 7.44
CA SER A 275 -29.27 4.52 6.35
C SER A 275 -29.53 5.95 6.83
N ASN A 276 -29.37 6.18 8.14
CA ASN A 276 -29.50 7.53 8.70
C ASN A 276 -28.16 8.20 8.43
N SER A 277 -28.10 9.52 8.58
CA SER A 277 -26.81 10.15 8.37
C SER A 277 -26.52 11.17 9.46
N VAL A 278 -25.25 11.46 9.68
CA VAL A 278 -24.90 12.37 10.73
C VAL A 278 -23.67 13.15 10.28
N LYS A 279 -23.40 14.34 10.81
CA LYS A 279 -22.10 14.95 10.54
C LYS A 279 -21.04 14.09 11.18
N ALA A 280 -19.84 14.06 10.59
CA ALA A 280 -18.79 13.19 11.09
C ALA A 280 -18.36 13.50 12.51
N ARG A 281 -18.47 14.76 12.93
CA ARG A 281 -18.05 15.13 14.27
C ARG A 281 -18.90 14.43 15.33
N GLU A 282 -20.11 14.02 14.97
CA GLU A 282 -20.97 13.27 15.86
C GLU A 282 -20.33 11.89 16.20
N LEU A 283 -19.39 11.44 15.39
CA LEU A 283 -18.74 10.13 15.56
C LEU A 283 -17.34 10.25 16.18
N SER A 284 -16.91 11.49 16.43
CA SER A 284 -15.55 11.78 16.89
C SER A 284 -15.23 10.98 18.14
N GLY A 285 -14.07 10.32 18.20
CA GLY A 285 -13.73 9.52 19.42
C GLY A 285 -14.33 8.11 19.43
N SER A 286 -15.18 7.81 18.48
CA SER A 286 -15.80 6.49 18.46
C SER A 286 -14.81 5.40 17.95
N SER A 287 -15.06 4.14 18.30
CA SER A 287 -14.15 3.03 17.92
C SER A 287 -14.80 2.19 16.85
N ASN A 288 -13.96 1.36 16.25
CA ASN A 288 -14.41 0.29 15.36
C ASN A 288 -15.09 0.83 14.14
N LEU A 289 -14.64 1.96 13.64
CA LEU A 289 -15.35 2.60 12.50
C LEU A 289 -14.56 2.45 11.22
N LEU A 290 -15.21 2.16 10.12
CA LEU A 290 -14.50 2.24 8.84
C LEU A 290 -15.22 3.27 7.99
N PHE A 291 -14.48 4.30 7.60
CA PHE A 291 -15.00 5.33 6.69
C PHE A 291 -14.64 5.04 5.25
N ARG A 292 -15.62 5.10 4.36
CA ARG A 292 -15.37 4.98 2.94
C ARG A 292 -16.27 5.89 2.08
N ARG A 293 -15.87 6.12 0.85
CA ARG A 293 -16.83 6.67 -0.11
C ARG A 293 -17.29 5.54 -1.00
N ASN A 294 -18.57 5.26 -1.00
CA ASN A 294 -19.18 4.38 -1.96
C ASN A 294 -18.77 4.66 -3.43
N SER A 295 -18.27 3.64 -4.14
CA SER A 295 -17.82 3.80 -5.54
C SER A 295 -18.93 3.69 -6.54
N VAL A 296 -20.14 3.44 -6.07
CA VAL A 296 -21.29 3.51 -6.97
C VAL A 296 -22.08 4.80 -6.78
N SER A 297 -22.38 5.14 -5.52
CA SER A 297 -23.18 6.33 -5.21
C SER A 297 -22.39 7.62 -4.89
N GLY A 298 -21.08 7.54 -4.65
CA GLY A 298 -20.35 8.75 -4.30
C GLY A 298 -20.51 9.21 -2.86
N ALA A 299 -21.38 8.54 -2.11
CA ALA A 299 -21.68 8.88 -0.69
C ALA A 299 -20.61 8.42 0.36
N VAL A 300 -20.21 9.32 1.26
CA VAL A 300 -19.35 8.95 2.40
C VAL A 300 -20.18 8.09 3.35
N GLU A 301 -19.65 6.92 3.70
CA GLU A 301 -20.33 5.95 4.54
C GLU A 301 -19.48 5.56 5.71
N VAL A 302 -20.14 5.13 6.76
CA VAL A 302 -19.39 4.61 7.90
C VAL A 302 -19.91 3.20 8.17
N LEU A 303 -18.97 2.29 8.36
CA LEU A 303 -19.34 0.87 8.63
C LEU A 303 -18.78 0.53 9.98
N ALA A 304 -19.53 -0.33 10.68
CA ALA A 304 -19.10 -0.99 11.91
C ALA A 304 -18.06 -2.10 11.61
N ARG A 305 -16.94 -2.10 12.28
CA ARG A 305 -15.98 -3.18 12.12
C ARG A 305 -16.25 -4.35 13.09
N ASP A 306 -16.05 -5.58 12.62
CA ASP A 306 -15.89 -6.71 13.55
C ASP A 306 -17.12 -6.98 14.38
N GLY A 307 -18.29 -6.78 13.76
CA GLY A 307 -19.61 -7.05 14.34
C GLY A 307 -19.85 -6.24 15.61
N GLN A 308 -19.16 -5.12 15.70
CA GLN A 308 -19.18 -4.28 16.91
C GLN A 308 -20.31 -3.20 16.91
N GLY A 309 -20.99 -3.02 15.80
CA GLY A 309 -22.02 -1.99 15.79
C GLY A 309 -21.40 -0.64 16.08
N ILE A 310 -22.20 0.41 15.93
CA ILE A 310 -21.68 1.77 15.90
C ILE A 310 -22.16 2.57 17.12
N ALA A 311 -21.24 3.29 17.77
CA ALA A 311 -21.58 4.20 18.89
C ALA A 311 -21.35 5.70 18.53
N LEU A 312 -22.41 6.51 18.65
CA LEU A 312 -22.35 7.95 18.37
C LEU A 312 -21.47 8.66 19.39
N VAL B 6 21.54 -17.84 -12.02
CA VAL B 6 22.98 -18.23 -11.86
C VAL B 6 23.96 -17.07 -12.13
N THR B 7 23.60 -15.87 -11.72
CA THR B 7 24.52 -14.72 -11.84
C THR B 7 24.94 -14.28 -10.46
N GLY B 8 26.20 -13.89 -10.33
CA GLY B 8 26.67 -13.34 -9.09
C GLY B 8 27.02 -11.89 -9.29
N ALA B 9 27.75 -11.34 -8.32
CA ALA B 9 28.18 -9.95 -8.42
C ALA B 9 29.36 -9.82 -7.49
N ALA B 10 30.14 -8.75 -7.69
CA ALA B 10 31.30 -8.53 -6.82
C ALA B 10 31.56 -7.04 -6.81
N GLY B 11 32.29 -6.56 -5.81
CA GLY B 11 32.63 -5.15 -5.77
C GLY B 11 33.68 -4.88 -4.71
N ILE B 12 34.58 -3.94 -5.00
CA ILE B 12 35.45 -3.39 -3.97
C ILE B 12 34.75 -2.24 -3.28
N GLY B 13 34.73 -2.25 -1.95
CA GLY B 13 33.93 -1.26 -1.22
C GLY B 13 34.77 -0.57 -0.12
N LEU B 14 34.31 0.60 0.27
CA LEU B 14 34.79 1.33 1.41
C LEU B 14 33.68 1.19 2.47
N ALA B 15 33.89 0.37 3.51
CA ALA B 15 32.85 0.10 4.50
C ALA B 15 33.11 0.93 5.72
N THR B 16 32.07 1.48 6.34
CA THR B 16 32.24 2.14 7.65
C THR B 16 31.61 1.28 8.73
N LEU B 17 32.39 0.94 9.76
CA LEU B 17 31.95 0.12 10.89
C LEU B 17 31.80 0.99 12.15
N ALA B 18 30.83 0.62 12.97
CA ALA B 18 30.60 1.28 14.26
C ALA B 18 31.58 0.76 15.29
N ALA B 19 31.55 1.36 16.46
CA ALA B 19 32.47 0.99 17.54
C ALA B 19 32.36 -0.49 17.93
N ASP B 20 31.18 -1.09 17.77
CA ASP B 20 31.00 -2.47 18.19
C ASP B 20 31.20 -3.33 16.95
N GLY B 21 31.62 -2.75 15.85
CA GLY B 21 31.99 -3.61 14.70
C GLY B 21 30.84 -3.78 13.73
N SER B 22 29.66 -3.27 14.06
CA SER B 22 28.58 -3.48 13.12
C SER B 22 28.74 -2.62 11.87
N VAL B 23 28.33 -3.17 10.73
CA VAL B 23 28.46 -2.47 9.48
C VAL B 23 27.41 -1.35 9.37
N LEU B 24 27.90 -0.11 9.21
CA LEU B 24 26.99 1.02 9.00
C LEU B 24 26.62 1.17 7.56
N ASP B 25 27.64 1.24 6.69
CA ASP B 25 27.38 1.33 5.28
C ASP B 25 28.56 0.78 4.51
N THR B 26 28.42 0.66 3.18
CA THR B 26 29.50 0.33 2.30
C THR B 26 29.19 1.02 0.98
N TRP B 27 30.17 1.76 0.49
CA TRP B 27 30.20 2.44 -0.79
C TRP B 27 31.07 1.65 -1.78
N PHE B 28 30.43 1.13 -2.82
CA PHE B 28 31.11 0.44 -3.93
C PHE B 28 31.18 1.37 -5.12
N PRO B 29 32.38 1.90 -5.39
CA PRO B 29 32.49 2.74 -6.60
C PRO B 29 32.15 2.00 -7.90
N ALA B 30 32.60 0.78 -8.10
CA ALA B 30 32.44 0.11 -9.39
C ALA B 30 31.86 -1.31 -9.26
N PRO B 31 30.59 -1.42 -8.89
CA PRO B 31 30.11 -2.80 -8.80
C PRO B 31 30.04 -3.47 -10.16
N GLU B 32 30.09 -4.80 -10.17
CA GLU B 32 29.98 -5.54 -11.40
C GLU B 32 29.30 -6.93 -11.24
N LEU B 33 28.71 -7.42 -12.33
CA LEU B 33 28.05 -8.72 -12.40
C LEU B 33 29.16 -9.72 -12.66
N THR B 34 29.06 -10.89 -12.06
CA THR B 34 30.03 -11.95 -12.28
C THR B 34 29.28 -13.30 -12.45
N GLU B 35 30.00 -14.31 -12.96
CA GLU B 35 29.54 -15.69 -12.90
C GLU B 35 29.10 -16.05 -11.47
N SER B 36 28.29 -17.10 -11.34
CA SER B 36 27.86 -17.50 -10.00
C SER B 36 29.05 -18.08 -9.23
N GLY B 37 29.07 -17.87 -7.92
CA GLY B 37 30.25 -18.17 -7.12
C GLY B 37 29.93 -18.43 -5.66
N THR B 38 30.77 -17.90 -4.79
CA THR B 38 30.67 -18.13 -3.36
C THR B 38 30.60 -16.79 -2.65
N SER B 39 29.53 -16.57 -1.91
CA SER B 39 29.42 -15.32 -1.17
C SER B 39 30.46 -15.17 -0.04
N ALA B 40 31.11 -14.01 0.05
CA ALA B 40 31.99 -13.70 1.19
C ALA B 40 32.36 -12.26 1.04
N THR B 41 32.73 -11.62 2.14
CA THR B 41 33.32 -10.29 2.08
C THR B 41 34.66 -10.48 2.76
N SER B 42 35.74 -10.03 2.11
CA SER B 42 37.07 -10.03 2.74
C SER B 42 37.65 -8.63 2.90
N ARG B 43 38.61 -8.52 3.80
CA ARG B 43 39.34 -7.28 3.95
C ARG B 43 40.42 -7.22 2.87
N LEU B 44 40.50 -6.17 2.06
CA LEU B 44 41.54 -6.15 1.04
C LEU B 44 42.94 -6.03 1.64
N ALA B 45 43.86 -6.77 1.06
CA ALA B 45 45.30 -6.61 1.30
C ALA B 45 45.75 -5.24 0.78
N VAL B 46 46.85 -4.72 1.34
CA VAL B 46 47.30 -3.38 0.98
C VAL B 46 47.46 -3.23 -0.53
N SER B 47 48.02 -4.22 -1.20
CA SER B 47 48.29 -4.01 -2.57
C SER B 47 47.03 -4.10 -3.43
N ASP B 48 45.88 -4.46 -2.84
CA ASP B 48 44.68 -4.59 -3.66
C ASP B 48 43.71 -3.43 -3.48
N VAL B 49 44.09 -2.45 -2.65
CA VAL B 49 43.25 -1.28 -2.41
C VAL B 49 43.47 -0.28 -3.56
N PRO B 50 42.39 0.07 -4.30
CA PRO B 50 42.58 1.07 -5.36
C PRO B 50 43.21 2.35 -4.77
N VAL B 51 44.07 3.01 -5.53
CA VAL B 51 44.70 4.26 -5.09
C VAL B 51 43.69 5.28 -4.54
N GLU B 52 42.54 5.45 -5.21
CA GLU B 52 41.51 6.40 -4.78
C GLU B 52 40.91 6.08 -3.44
N LEU B 53 40.83 4.81 -3.10
CA LEU B 53 40.23 4.50 -1.84
C LEU B 53 41.25 4.48 -0.72
N ALA B 54 42.53 4.24 -1.03
CA ALA B 54 43.57 4.13 -0.02
C ALA B 54 43.64 5.38 0.85
N ALA B 55 43.50 6.52 0.20
CA ALA B 55 43.42 7.82 0.86
C ALA B 55 42.22 7.97 1.88
N LEU B 56 41.26 7.05 1.84
CA LEU B 56 39.97 7.27 2.50
C LEU B 56 39.80 6.34 3.65
N ILE B 57 40.77 5.50 3.89
CA ILE B 57 40.74 4.53 4.96
C ILE B 57 41.23 5.14 6.29
N GLY B 58 40.60 4.81 7.40
CA GLY B 58 41.03 5.42 8.65
C GLY B 58 40.10 5.13 9.82
N ARG B 59 40.34 5.79 10.94
CA ARG B 59 39.55 5.66 12.13
C ARG B 59 39.21 7.07 12.57
N ASP B 60 37.94 7.30 12.83
CA ASP B 60 37.45 8.55 13.39
C ASP B 60 37.25 8.36 14.91
N ASP B 61 38.05 9.04 15.71
CA ASP B 61 37.98 8.94 17.14
C ASP B 61 36.72 9.58 17.67
N ASP B 62 36.19 10.60 17.00
CA ASP B 62 35.05 11.33 17.55
C ASP B 62 33.81 10.52 17.38
N ARG B 63 33.69 9.86 16.22
CA ARG B 63 32.54 9.02 15.95
C ARG B 63 32.77 7.62 16.46
N ARG B 64 34.01 7.29 16.80
CA ARG B 64 34.36 5.94 17.14
C ARG B 64 33.96 4.98 16.05
N THR B 65 34.32 5.30 14.80
CA THR B 65 34.04 4.39 13.71
C THR B 65 35.38 4.12 13.01
N GLU B 66 35.38 3.20 12.03
CA GLU B 66 36.57 2.98 11.19
C GLU B 66 36.05 2.77 9.77
N THR B 67 36.88 3.09 8.80
CA THR B 67 36.55 2.94 7.37
C THR B 67 37.62 2.02 6.82
N ILE B 68 37.21 0.94 6.17
CA ILE B 68 38.13 -0.11 5.79
C ILE B 68 37.80 -0.46 4.35
N ALA B 69 38.72 -1.06 3.65
CA ALA B 69 38.49 -1.43 2.26
C ALA B 69 38.23 -2.93 2.21
N VAL B 70 37.12 -3.29 1.53
CA VAL B 70 36.71 -4.70 1.45
C VAL B 70 36.41 -5.10 0.02
N ARG B 71 36.31 -6.39 -0.21
CA ARG B 71 35.79 -6.88 -1.42
C ARG B 71 34.63 -7.83 -1.09
N THR B 72 33.49 -7.55 -1.69
CA THR B 72 32.28 -8.30 -1.41
C THR B 72 31.90 -9.07 -2.65
N VAL B 73 31.56 -10.33 -2.47
CA VAL B 73 31.19 -11.15 -3.55
C VAL B 73 29.88 -11.81 -3.20
N ILE B 74 28.95 -11.85 -4.16
CA ILE B 74 27.67 -12.60 -4.04
C ILE B 74 27.70 -13.77 -4.99
N GLY B 75 27.51 -14.98 -4.48
CA GLY B 75 27.61 -16.14 -5.32
C GLY B 75 26.44 -16.27 -6.28
N SER B 76 25.26 -15.87 -5.82
CA SER B 76 24.06 -15.93 -6.65
C SER B 76 23.11 -14.80 -6.28
N LEU B 77 22.68 -14.02 -7.25
CA LEU B 77 21.76 -12.91 -6.95
C LEU B 77 20.34 -13.33 -6.53
N ASP B 78 19.97 -14.57 -6.81
CA ASP B 78 18.77 -15.21 -6.25
C ASP B 78 18.80 -15.50 -4.73
N ASP B 79 19.98 -15.56 -4.14
CA ASP B 79 20.09 -15.74 -2.71
C ASP B 79 19.72 -14.48 -1.96
N VAL B 80 19.25 -14.64 -0.73
CA VAL B 80 18.94 -13.46 0.09
C VAL B 80 20.26 -12.77 0.55
N ALA B 81 20.27 -11.45 0.79
CA ALA B 81 21.52 -10.82 1.30
C ALA B 81 22.00 -11.53 2.57
N ALA B 82 23.30 -11.77 2.69
CA ALA B 82 23.79 -12.56 3.79
C ALA B 82 24.10 -11.59 4.96
N ASP B 83 24.40 -10.34 4.64
CA ASP B 83 24.90 -9.43 5.67
C ASP B 83 24.84 -8.03 5.07
N PRO B 84 25.27 -7.01 5.86
CA PRO B 84 25.09 -5.69 5.30
C PRO B 84 25.97 -5.42 4.09
N TYR B 85 27.16 -6.01 3.93
CA TYR B 85 27.99 -5.67 2.75
C TYR B 85 27.25 -6.13 1.50
N ASP B 86 26.72 -7.36 1.59
CA ASP B 86 25.97 -8.05 0.54
C ASP B 86 24.73 -7.20 0.25
N ALA B 87 24.04 -6.78 1.30
CA ALA B 87 22.92 -5.87 1.12
C ALA B 87 23.20 -4.58 0.33
N TYR B 88 24.26 -3.84 0.72
CA TYR B 88 24.65 -2.63 0.02
C TYR B 88 25.10 -2.90 -1.41
N LEU B 89 25.78 -4.00 -1.63
CA LEU B 89 26.17 -4.39 -3.02
C LEU B 89 24.95 -4.52 -3.88
N ARG B 90 23.94 -5.24 -3.39
CA ARG B 90 22.67 -5.40 -4.13
C ARG B 90 22.04 -4.04 -4.46
N LEU B 91 21.96 -3.12 -3.48
CA LEU B 91 21.34 -1.81 -3.67
C LEU B 91 22.17 -1.00 -4.67
N HIS B 92 23.50 -1.18 -4.67
CA HIS B 92 24.32 -0.54 -5.71
C HIS B 92 24.03 -1.07 -7.12
N LEU B 93 23.89 -2.38 -7.26
CA LEU B 93 23.65 -2.97 -8.57
C LEU B 93 22.35 -2.38 -9.14
N LEU B 94 21.33 -2.27 -8.29
CA LEU B 94 20.04 -1.66 -8.75
C LEU B 94 20.25 -0.22 -9.16
N SER B 95 20.88 0.56 -8.28
CA SER B 95 20.95 2.02 -8.56
C SER B 95 21.96 2.32 -9.69
N HIS B 96 22.92 1.41 -9.89
CA HIS B 96 23.77 1.48 -11.08
C HIS B 96 23.07 0.95 -12.36
N ARG B 97 21.89 0.39 -12.23
CA ARG B 97 21.14 -0.04 -13.41
C ARG B 97 21.77 -1.25 -14.01
N LEU B 98 22.69 -1.88 -13.27
CA LEU B 98 23.23 -3.17 -13.74
C LEU B 98 22.18 -4.27 -13.60
N VAL B 99 21.23 -4.09 -12.68
CA VAL B 99 20.11 -5.02 -12.48
C VAL B 99 18.84 -4.19 -12.41
N ALA B 100 17.78 -4.56 -13.15
CA ALA B 100 16.46 -3.87 -13.05
C ALA B 100 15.79 -4.37 -11.78
N PRO B 101 14.72 -3.67 -11.28
CA PRO B 101 13.98 -4.23 -10.12
C PRO B 101 13.46 -5.64 -10.34
N HIS B 102 13.56 -6.44 -9.29
CA HIS B 102 13.30 -7.88 -9.28
C HIS B 102 14.35 -8.70 -10.02
N GLY B 103 15.42 -8.07 -10.51
CA GLY B 103 16.45 -8.83 -11.21
C GLY B 103 17.37 -9.41 -10.14
N LEU B 104 17.08 -9.18 -8.88
CA LEU B 104 17.89 -9.80 -7.82
C LEU B 104 16.99 -9.97 -6.61
N ASN B 105 17.36 -10.85 -5.69
CA ASN B 105 16.60 -11.00 -4.45
C ASN B 105 16.81 -9.83 -3.52
N ALA B 106 15.77 -9.05 -3.34
CA ALA B 106 15.85 -7.90 -2.47
C ALA B 106 15.06 -8.15 -1.19
N GLY B 107 14.66 -9.40 -0.95
CA GLY B 107 13.96 -9.71 0.31
C GLY B 107 14.85 -9.55 1.55
N GLY B 108 14.24 -9.23 2.67
CA GLY B 108 14.94 -9.39 3.96
C GLY B 108 15.94 -8.29 4.34
N LEU B 109 16.03 -7.20 3.56
CA LEU B 109 17.04 -6.15 3.85
C LEU B 109 16.91 -5.50 5.19
N PHE B 110 15.67 -5.21 5.57
CA PHE B 110 15.37 -4.54 6.82
C PHE B 110 15.96 -5.31 7.97
N GLY B 111 15.90 -6.64 7.84
CA GLY B 111 16.40 -7.47 8.89
C GLY B 111 17.93 -7.44 8.88
N VAL B 112 18.53 -7.29 7.72
CA VAL B 112 19.98 -7.45 7.69
C VAL B 112 20.72 -6.08 7.93
N LEU B 113 20.10 -4.99 7.50
CA LEU B 113 20.71 -3.69 7.48
C LEU B 113 20.76 -3.07 8.88
N THR B 114 21.82 -2.36 9.19
CA THR B 114 21.89 -1.59 10.44
C THR B 114 21.16 -0.26 10.36
N ASN B 115 20.43 0.07 11.41
CA ASN B 115 19.89 1.43 11.55
C ASN B 115 21.01 2.46 11.85
N VAL B 116 21.10 3.51 11.02
CA VAL B 116 22.26 4.38 11.00
C VAL B 116 21.80 5.85 11.25
N VAL B 117 22.56 6.60 12.07
CA VAL B 117 22.38 8.07 12.10
C VAL B 117 23.25 8.65 10.98
N TRP B 118 22.62 9.14 9.91
CA TRP B 118 23.36 9.72 8.80
C TRP B 118 23.61 11.21 9.11
N THR B 119 24.87 11.59 9.20
CA THR B 119 25.22 12.98 9.57
C THR B 119 26.14 13.64 8.55
N ASN B 120 26.34 14.96 8.71
CA ASN B 120 27.20 15.72 7.83
C ASN B 120 28.67 15.39 8.12
N HIS B 121 28.91 14.50 9.11
CA HIS B 121 30.26 13.92 9.32
C HIS B 121 30.36 12.47 8.99
N GLY B 122 29.32 11.93 8.39
CA GLY B 122 29.38 10.54 7.99
C GLY B 122 28.44 9.69 8.80
N PRO B 123 28.35 8.40 8.40
CA PRO B 123 27.50 7.46 9.12
C PRO B 123 27.92 7.35 10.60
N CYS B 124 26.93 7.24 11.50
CA CYS B 124 27.20 7.03 12.95
C CYS B 124 26.22 6.01 13.52
N ALA B 125 26.62 5.29 14.58
CA ALA B 125 25.79 4.30 15.27
C ALA B 125 24.78 5.08 16.11
N ILE B 126 23.69 4.43 16.44
CA ILE B 126 22.76 5.02 17.38
C ILE B 126 23.40 4.99 18.74
N ASP B 127 24.09 3.89 19.04
CA ASP B 127 24.74 3.74 20.32
C ASP B 127 25.76 4.86 20.60
N GLY B 128 25.63 5.50 21.76
CA GLY B 128 26.54 6.57 22.19
C GLY B 128 26.44 7.83 21.29
N PHE B 129 25.36 7.94 20.50
CA PHE B 129 25.25 9.07 19.58
C PHE B 129 25.29 10.44 20.26
N GLU B 130 24.63 10.61 21.42
CA GLU B 130 24.65 11.94 22.05
C GLU B 130 26.05 12.35 22.49
N ALA B 131 26.86 11.41 22.97
CA ALA B 131 28.28 11.77 23.26
C ALA B 131 29.09 12.04 21.97
N VAL B 132 28.80 11.29 20.90
CA VAL B 132 29.41 11.55 19.60
C VAL B 132 29.07 12.97 19.14
N ARG B 133 27.81 13.36 19.21
CA ARG B 133 27.39 14.69 18.77
C ARG B 133 28.20 15.77 19.49
N ALA B 134 28.34 15.68 20.81
CA ALA B 134 29.04 16.73 21.52
C ALA B 134 30.51 16.74 21.03
N ARG B 135 31.06 15.57 20.75
CA ARG B 135 32.44 15.56 20.30
C ARG B 135 32.59 16.20 18.91
N LEU B 136 31.68 15.84 18.00
CA LEU B 136 31.71 16.32 16.65
C LEU B 136 31.43 17.84 16.61
N ARG B 137 30.70 18.37 17.57
CA ARG B 137 30.42 19.78 17.57
C ARG B 137 31.66 20.62 17.77
N ARG B 138 32.76 20.01 18.19
CA ARG B 138 34.02 20.76 18.22
C ARG B 138 34.50 21.07 16.79
N ARG B 139 33.99 20.36 15.79
CA ARG B 139 34.41 20.56 14.42
C ARG B 139 33.49 21.53 13.74
N GLY B 140 32.36 21.84 14.36
CA GLY B 140 31.33 22.67 13.74
C GLY B 140 29.96 21.99 13.87
N PRO B 141 28.91 22.58 13.25
CA PRO B 141 27.56 22.04 13.50
C PRO B 141 27.41 20.56 13.14
N VAL B 142 26.54 19.87 13.85
CA VAL B 142 26.23 18.47 13.57
C VAL B 142 24.81 18.41 13.06
N THR B 143 24.68 18.01 11.81
CA THR B 143 23.42 17.90 11.17
C THR B 143 23.16 16.43 10.93
N VAL B 144 21.96 15.98 11.34
CA VAL B 144 21.51 14.63 11.06
C VAL B 144 20.55 14.71 9.91
N TYR B 145 20.90 14.05 8.83
CA TYR B 145 20.05 13.95 7.65
C TYR B 145 18.88 13.00 7.80
N GLY B 146 19.07 11.93 8.59
CA GLY B 146 18.05 10.90 8.80
C GLY B 146 18.60 9.81 9.69
N VAL B 147 17.70 8.99 10.22
CA VAL B 147 18.05 7.85 11.07
C VAL B 147 17.29 6.70 10.42
N ASP B 148 18.00 5.85 9.68
CA ASP B 148 17.34 4.84 8.86
C ASP B 148 18.33 3.79 8.45
N LYS B 149 17.81 2.68 7.98
CA LYS B 149 18.58 1.57 7.50
C LYS B 149 19.00 1.81 6.03
N PHE B 150 18.31 2.72 5.33
CA PHE B 150 18.66 2.96 3.90
C PHE B 150 19.15 4.37 3.68
N PRO B 151 20.33 4.55 3.03
CA PRO B 151 20.75 5.96 2.89
C PRO B 151 20.24 6.53 1.56
N ARG B 152 20.74 7.70 1.20
CA ARG B 152 20.38 8.44 -0.03
C ARG B 152 21.15 7.94 -1.23
N MET B 153 20.45 7.58 -2.31
CA MET B 153 21.14 7.05 -3.46
C MET B 153 22.33 7.85 -3.91
N VAL B 154 22.10 9.15 -4.06
CA VAL B 154 23.03 10.02 -4.76
C VAL B 154 24.31 10.13 -3.98
N ASP B 155 24.30 9.66 -2.73
CA ASP B 155 25.51 9.73 -1.90
C ASP B 155 26.45 8.53 -2.19
N TYR B 156 26.00 7.66 -3.08
CA TYR B 156 26.78 6.53 -3.58
C TYR B 156 27.03 6.59 -5.11
N VAL B 157 26.01 6.91 -5.90
CA VAL B 157 26.14 6.96 -7.34
C VAL B 157 25.16 8.01 -7.88
N VAL B 158 25.58 8.85 -8.84
CA VAL B 158 24.61 9.65 -9.60
C VAL B 158 24.46 9.02 -11.00
N PRO B 159 23.31 8.39 -11.29
CA PRO B 159 23.18 7.74 -12.61
C PRO B 159 23.07 8.78 -13.70
N THR B 160 23.55 8.49 -14.89
CA THR B 160 23.49 9.45 -15.97
C THR B 160 22.06 9.51 -16.53
N GLY B 161 21.82 10.62 -17.20
CA GLY B 161 20.58 10.90 -17.89
C GLY B 161 19.44 11.17 -16.94
N VAL B 162 19.73 11.52 -15.69
CA VAL B 162 18.69 11.63 -14.67
C VAL B 162 18.71 12.97 -13.92
N ARG B 163 17.54 13.52 -13.59
CA ARG B 163 17.46 14.66 -12.65
C ARG B 163 16.67 14.27 -11.43
N ILE B 164 17.10 14.79 -10.28
CA ILE B 164 16.50 14.46 -9.03
C ILE B 164 16.42 15.79 -8.29
N ALA B 165 15.24 16.37 -8.25
CA ALA B 165 15.13 17.74 -7.66
C ALA B 165 15.48 17.82 -6.17
N ASP B 166 15.09 16.81 -5.41
CA ASP B 166 15.36 16.80 -3.98
C ASP B 166 15.88 15.39 -3.65
N ALA B 167 17.20 15.25 -3.49
CA ALA B 167 17.77 13.87 -3.46
C ALA B 167 17.56 13.15 -2.10
N ASP B 168 16.90 13.81 -1.12
CA ASP B 168 16.47 13.12 0.12
C ASP B 168 15.40 12.07 -0.20
N ARG B 169 14.78 12.22 -1.37
CA ARG B 169 13.56 11.46 -1.74
C ARG B 169 13.87 10.24 -2.62
N VAL B 170 15.13 9.83 -2.74
CA VAL B 170 15.44 8.64 -3.52
C VAL B 170 16.42 7.74 -2.74
N ARG B 171 15.93 6.59 -2.27
CA ARG B 171 16.75 5.66 -1.48
C ARG B 171 17.79 5.00 -2.30
N LEU B 172 18.94 4.73 -1.69
CA LEU B 172 19.87 3.89 -2.40
C LEU B 172 19.12 2.60 -2.76
N GLY B 173 19.28 2.12 -4.01
CA GLY B 173 18.53 0.88 -4.42
C GLY B 173 17.41 1.22 -5.41
N ALA B 174 17.10 2.51 -5.57
CA ALA B 174 16.16 2.95 -6.59
C ALA B 174 16.88 2.81 -7.93
N HIS B 175 16.13 2.43 -8.96
CA HIS B 175 16.58 2.26 -10.32
C HIS B 175 15.93 3.37 -11.18
N LEU B 176 16.73 4.29 -11.71
CA LEU B 176 16.15 5.46 -12.45
C LEU B 176 16.71 5.47 -13.86
N ALA B 177 15.98 4.97 -14.84
CA ALA B 177 16.50 4.82 -16.19
C ALA B 177 16.78 6.19 -16.80
N PRO B 178 17.59 6.24 -17.86
CA PRO B 178 17.87 7.54 -18.53
C PRO B 178 16.57 8.27 -18.95
N GLY B 179 16.51 9.59 -18.75
CA GLY B 179 15.38 10.40 -19.21
C GLY B 179 14.38 10.56 -18.06
N THR B 180 14.69 9.95 -16.93
CA THR B 180 13.83 10.07 -15.75
C THR B 180 14.10 11.34 -14.94
N THR B 181 13.06 12.06 -14.53
CA THR B 181 13.19 13.16 -13.63
C THR B 181 12.37 12.85 -12.37
N VAL B 182 12.98 12.95 -11.19
CA VAL B 182 12.21 12.89 -9.92
C VAL B 182 12.06 14.32 -9.44
N MET B 183 10.82 14.79 -9.34
CA MET B 183 10.64 16.14 -8.87
C MET B 183 10.58 16.16 -7.33
N HIS B 184 10.34 17.32 -6.72
CA HIS B 184 10.40 17.43 -5.25
C HIS B 184 9.44 16.53 -4.53
N GLU B 185 8.27 16.31 -5.11
CA GLU B 185 7.21 15.50 -4.48
C GLU B 185 7.37 14.02 -4.86
N GLY B 186 8.18 13.76 -5.89
CA GLY B 186 8.51 12.35 -6.28
C GLY B 186 9.17 11.62 -5.10
N PHE B 187 9.01 10.29 -5.05
CA PHE B 187 9.75 9.49 -4.11
C PHE B 187 10.03 8.13 -4.71
N VAL B 188 11.27 7.61 -4.59
CA VAL B 188 11.54 6.29 -5.13
C VAL B 188 12.25 5.49 -4.08
N ASN B 189 11.65 4.35 -3.76
CA ASN B 189 12.16 3.40 -2.79
C ASN B 189 13.16 2.44 -3.44
N TYR B 190 13.75 1.53 -2.66
CA TYR B 190 14.72 0.59 -3.17
C TYR B 190 13.93 -0.46 -3.99
N ASN B 191 14.62 -1.11 -4.93
CA ASN B 191 14.08 -2.21 -5.74
C ASN B 191 12.81 -1.71 -6.47
N ALA B 192 12.88 -0.49 -6.98
CA ALA B 192 11.69 0.18 -7.50
C ALA B 192 12.21 1.25 -8.43
N GLY B 193 11.34 1.78 -9.29
CA GLY B 193 11.80 2.89 -10.19
C GLY B 193 11.27 2.76 -11.60
N THR B 194 12.08 3.26 -12.54
CA THR B 194 11.66 3.46 -13.86
C THR B 194 12.49 2.62 -14.78
N LEU B 195 11.82 2.16 -15.84
CA LEU B 195 12.50 1.41 -16.89
C LEU B 195 12.87 2.30 -18.11
N GLY B 196 12.25 3.47 -18.25
CA GLY B 196 12.59 4.35 -19.37
C GLY B 196 12.50 5.81 -18.98
N ALA B 197 12.11 6.68 -19.94
CA ALA B 197 11.94 8.10 -19.58
C ALA B 197 10.63 8.37 -18.81
N SER B 198 10.67 8.81 -17.56
CA SER B 198 9.46 9.17 -16.79
C SER B 198 9.66 10.47 -16.00
N MET B 199 8.60 11.24 -15.92
CA MET B 199 8.44 12.33 -14.96
C MET B 199 7.80 11.76 -13.68
N VAL B 200 8.55 11.72 -12.58
CA VAL B 200 8.07 11.18 -11.34
C VAL B 200 7.84 12.23 -10.29
N GLU B 201 6.56 12.54 -10.05
CA GLU B 201 6.28 13.60 -9.06
C GLU B 201 5.46 13.01 -7.94
N GLY B 202 5.27 11.70 -7.94
CA GLY B 202 4.59 11.01 -6.85
C GLY B 202 5.43 9.84 -6.36
N ARG B 203 4.79 8.95 -5.62
CA ARG B 203 5.49 8.00 -4.80
C ARG B 203 5.48 6.57 -5.31
N ILE B 204 6.68 6.08 -5.64
CA ILE B 204 6.92 4.71 -6.08
C ILE B 204 7.44 3.80 -4.91
N SER B 205 6.54 2.96 -4.37
CA SER B 205 6.85 2.01 -3.32
C SER B 205 7.85 0.94 -3.70
N ALA B 206 8.36 0.24 -2.69
CA ALA B 206 9.34 -0.83 -2.91
C ALA B 206 8.75 -1.84 -3.88
N GLY B 207 9.56 -2.26 -4.86
CA GLY B 207 9.14 -3.32 -5.77
C GLY B 207 8.26 -2.83 -6.93
N VAL B 208 7.93 -1.55 -6.94
CA VAL B 208 7.06 -1.02 -8.01
C VAL B 208 7.88 -0.55 -9.17
N VAL B 209 7.47 -0.98 -10.38
CA VAL B 209 8.19 -0.67 -11.61
C VAL B 209 7.31 0.18 -12.55
N VAL B 210 7.90 1.22 -13.12
CA VAL B 210 7.14 2.14 -13.99
C VAL B 210 7.73 2.11 -15.41
N GLY B 211 6.89 1.78 -16.38
CA GLY B 211 7.33 1.62 -17.78
C GLY B 211 7.65 2.92 -18.50
N ASP B 212 8.37 2.77 -19.58
CA ASP B 212 8.88 3.88 -20.39
C ASP B 212 7.80 4.85 -20.77
N GLY B 213 8.04 6.15 -20.58
CA GLY B 213 7.06 7.15 -21.04
C GLY B 213 5.86 7.32 -20.12
N SER B 214 5.84 6.65 -18.98
CA SER B 214 4.77 6.83 -17.96
C SER B 214 5.10 7.93 -16.98
N ASP B 215 4.13 8.79 -16.63
CA ASP B 215 4.40 9.94 -15.75
C ASP B 215 3.57 9.79 -14.52
N VAL B 216 4.13 10.19 -13.40
CA VAL B 216 3.43 10.04 -12.13
C VAL B 216 3.20 11.44 -11.61
N GLY B 217 1.94 11.91 -11.54
CA GLY B 217 1.62 13.29 -11.20
C GLY B 217 1.99 13.63 -9.75
N GLY B 218 1.96 14.91 -9.40
CA GLY B 218 2.39 15.32 -8.05
C GLY B 218 1.50 14.73 -7.01
N GLY B 219 2.09 14.19 -5.94
CA GLY B 219 1.26 13.63 -4.85
C GLY B 219 0.61 12.28 -5.13
N ALA B 220 0.83 11.73 -6.34
CA ALA B 220 0.22 10.43 -6.68
C ALA B 220 0.83 9.35 -5.80
N SER B 221 0.03 8.35 -5.49
CA SER B 221 0.40 7.27 -4.55
C SER B 221 0.35 5.95 -5.31
N ILE B 222 1.52 5.31 -5.54
CA ILE B 222 1.46 4.00 -6.15
C ILE B 222 1.69 2.91 -5.12
N MET B 223 0.62 2.13 -4.85
CA MET B 223 0.68 0.98 -3.96
C MET B 223 0.85 1.42 -2.49
N GLY B 224 0.09 2.44 -2.09
CA GLY B 224 0.18 2.97 -0.74
C GLY B 224 -0.74 2.27 0.23
N THR B 225 -0.70 2.71 1.47
CA THR B 225 -1.45 2.10 2.51
C THR B 225 -2.93 2.01 2.15
N LEU B 226 -3.56 0.85 2.46
CA LEU B 226 -4.94 0.50 2.02
C LEU B 226 -5.23 0.57 0.51
N SER B 227 -4.20 0.52 -0.33
CA SER B 227 -4.48 0.48 -1.78
C SER B 227 -4.90 -0.90 -2.33
N GLY B 228 -4.79 -1.96 -1.52
CA GLY B 228 -5.04 -3.31 -2.01
C GLY B 228 -4.61 -4.32 -0.96
N GLY B 229 -5.09 -5.57 -1.09
CA GLY B 229 -4.74 -6.68 -0.15
C GLY B 229 -3.23 -6.89 0.03
N GLY B 230 -2.41 -6.13 -0.70
CA GLY B 230 -0.95 -6.11 -0.48
C GLY B 230 -0.13 -7.41 -0.45
N THR B 231 -0.52 -8.43 -1.19
CA THR B 231 0.33 -9.61 -1.29
C THR B 231 1.33 -9.65 -2.50
N HIS B 232 0.98 -9.00 -3.62
CA HIS B 232 1.83 -8.94 -4.80
C HIS B 232 2.09 -7.47 -5.17
N VAL B 233 3.24 -7.19 -5.77
CA VAL B 233 3.62 -5.86 -6.22
C VAL B 233 2.86 -5.46 -7.48
N ILE B 234 2.62 -4.18 -7.63
CA ILE B 234 2.01 -3.76 -8.85
C ILE B 234 3.04 -3.08 -9.78
N SER B 235 2.72 -2.95 -11.04
CA SER B 235 3.55 -2.20 -11.97
C SER B 235 2.68 -1.40 -12.91
N ILE B 236 3.30 -0.44 -13.61
CA ILE B 236 2.66 0.41 -14.59
C ILE B 236 3.42 0.09 -15.87
N GLY B 237 2.72 -0.16 -16.96
CA GLY B 237 3.38 -0.35 -18.25
C GLY B 237 3.86 0.98 -18.88
N LYS B 238 3.79 1.07 -20.19
CA LYS B 238 4.31 2.24 -20.91
C LYS B 238 3.25 3.30 -21.24
N ARG B 239 3.67 4.57 -21.24
CA ARG B 239 2.75 5.64 -21.66
C ARG B 239 1.50 5.75 -20.84
N CYS B 240 1.61 5.39 -19.56
CA CYS B 240 0.58 5.60 -18.56
C CYS B 240 0.69 6.98 -17.89
N LEU B 241 -0.43 7.49 -17.39
CA LEU B 241 -0.40 8.80 -16.73
C LEU B 241 -1.23 8.82 -15.47
N LEU B 242 -0.60 9.09 -14.32
CA LEU B 242 -1.35 9.19 -13.09
C LEU B 242 -1.53 10.65 -12.79
N GLY B 243 -2.79 11.08 -12.65
CA GLY B 243 -3.03 12.48 -12.28
C GLY B 243 -2.50 12.90 -10.92
N ALA B 244 -2.39 14.21 -10.73
CA ALA B 244 -1.90 14.69 -9.42
C ALA B 244 -2.84 14.22 -8.33
N ASN B 245 -2.30 13.94 -7.14
CA ASN B 245 -3.13 13.48 -6.03
C ASN B 245 -3.98 12.23 -6.33
N SER B 246 -3.60 11.40 -7.30
CA SER B 246 -4.33 10.18 -7.54
C SER B 246 -3.69 9.05 -6.74
N GLY B 247 -4.29 7.87 -6.82
CA GLY B 247 -3.71 6.69 -6.17
C GLY B 247 -3.94 5.47 -7.01
N LEU B 248 -3.06 4.49 -6.88
CA LEU B 248 -3.16 3.29 -7.69
C LEU B 248 -2.86 2.04 -6.87
N GLY B 249 -3.76 1.08 -6.90
CA GLY B 249 -3.57 -0.12 -6.14
C GLY B 249 -3.68 -1.44 -6.94
N ILE B 250 -3.72 -1.35 -8.26
CA ILE B 250 -3.71 -2.48 -9.18
C ILE B 250 -2.67 -2.15 -10.24
N SER B 251 -2.19 -3.16 -10.96
CA SER B 251 -1.21 -2.93 -12.02
C SER B 251 -1.96 -2.35 -13.24
N LEU B 252 -1.27 -1.50 -13.98
CA LEU B 252 -1.80 -1.00 -15.24
C LEU B 252 -0.95 -1.54 -16.38
N GLY B 253 -1.60 -1.85 -17.49
CA GLY B 253 -0.91 -2.22 -18.73
C GLY B 253 -0.29 -0.98 -19.39
N ASP B 254 -0.40 -0.86 -20.69
CA ASP B 254 0.11 0.32 -21.38
C ASP B 254 -1.07 1.29 -21.60
N ASP B 255 -0.77 2.57 -21.72
CA ASP B 255 -1.73 3.55 -22.22
C ASP B 255 -2.94 3.66 -21.33
N CYS B 256 -2.73 3.64 -20.01
CA CYS B 256 -3.83 3.80 -19.03
C CYS B 256 -3.68 5.15 -18.38
N VAL B 257 -4.79 5.73 -17.92
CA VAL B 257 -4.78 7.01 -17.26
C VAL B 257 -5.60 6.94 -15.96
N VAL B 258 -5.10 7.52 -14.86
CA VAL B 258 -5.98 7.64 -13.71
C VAL B 258 -6.13 9.13 -13.46
N GLU B 259 -7.37 9.59 -13.44
CA GLU B 259 -7.64 10.99 -13.28
C GLU B 259 -7.10 11.63 -12.00
N ALA B 260 -6.74 12.91 -12.11
CA ALA B 260 -6.28 13.66 -10.94
C ALA B 260 -7.21 13.44 -9.74
N GLY B 261 -6.64 13.18 -8.57
CA GLY B 261 -7.44 13.13 -7.34
C GLY B 261 -8.21 11.83 -7.11
N LEU B 262 -8.12 10.88 -8.06
CA LEU B 262 -8.84 9.60 -7.89
C LEU B 262 -7.95 8.54 -7.34
N TYR B 263 -8.38 7.88 -6.25
CA TYR B 263 -7.65 6.72 -5.71
C TYR B 263 -8.29 5.39 -6.20
N VAL B 264 -7.64 4.69 -7.14
CA VAL B 264 -8.17 3.38 -7.60
C VAL B 264 -7.53 2.23 -6.78
N THR B 265 -8.26 1.70 -5.79
CA THR B 265 -7.74 0.54 -5.00
C THR B 265 -8.21 -0.78 -5.63
N ALA B 266 -7.54 -1.88 -5.29
CA ALA B 266 -7.92 -3.20 -5.82
C ALA B 266 -9.36 -3.54 -5.50
N GLY B 267 -9.85 -3.02 -4.39
CA GLY B 267 -11.23 -3.35 -3.95
C GLY B 267 -12.20 -2.26 -4.40
N THR B 268 -11.74 -1.24 -5.10
CA THR B 268 -12.72 -0.25 -5.62
C THR B 268 -13.64 -0.87 -6.68
N ARG B 269 -14.95 -0.69 -6.55
CA ARG B 269 -15.89 -1.13 -7.61
C ARG B 269 -15.93 -0.09 -8.74
N VAL B 270 -15.79 -0.55 -9.97
CA VAL B 270 -15.78 0.38 -11.10
C VAL B 270 -16.84 -0.02 -12.10
N THR B 271 -17.50 1.01 -12.64
CA THR B 271 -18.59 0.77 -13.57
C THR B 271 -18.01 0.91 -14.95
N MET B 272 -18.24 -0.13 -15.75
CA MET B 272 -17.75 -0.17 -17.11
C MET B 272 -18.79 0.41 -18.01
N PRO B 273 -18.42 0.63 -19.27
CA PRO B 273 -19.32 1.19 -20.27
C PRO B 273 -20.60 0.37 -20.51
N ASP B 274 -20.54 -0.98 -20.48
CA ASP B 274 -21.78 -1.80 -20.56
C ASP B 274 -22.69 -1.69 -19.31
N SER B 275 -22.26 -0.93 -18.29
CA SER B 275 -23.11 -0.64 -17.15
C SER B 275 -22.93 -1.74 -16.12
N ASN B 276 -22.16 -2.75 -16.49
CA ASN B 276 -21.61 -3.69 -15.53
C ASN B 276 -20.55 -3.10 -14.63
N SER B 277 -20.29 -3.80 -13.54
CA SER B 277 -19.33 -3.31 -12.59
C SER B 277 -18.46 -4.46 -12.11
N VAL B 278 -17.24 -4.16 -11.72
CA VAL B 278 -16.29 -5.17 -11.37
C VAL B 278 -15.40 -4.52 -10.33
N LYS B 279 -14.78 -5.31 -9.45
CA LYS B 279 -13.69 -4.76 -8.64
C LYS B 279 -12.47 -4.43 -9.51
N ALA B 280 -11.80 -3.32 -9.23
CA ALA B 280 -10.72 -2.90 -10.08
C ALA B 280 -9.66 -4.02 -10.24
N ARG B 281 -9.42 -4.80 -9.18
CA ARG B 281 -8.42 -5.89 -9.30
C ARG B 281 -8.67 -6.75 -10.51
N GLU B 282 -9.94 -6.95 -10.90
CA GLU B 282 -10.26 -7.70 -12.11
C GLU B 282 -9.70 -7.08 -13.42
N LEU B 283 -9.32 -5.81 -13.39
CA LEU B 283 -8.79 -5.11 -14.57
C LEU B 283 -7.30 -5.05 -14.54
N SER B 284 -6.74 -5.62 -13.47
CA SER B 284 -5.34 -5.46 -13.16
C SER B 284 -4.46 -5.85 -14.36
N GLY B 285 -3.54 -4.99 -14.82
CA GLY B 285 -2.67 -5.36 -15.97
C GLY B 285 -3.25 -5.12 -17.36
N SER B 286 -4.51 -4.70 -17.42
CA SER B 286 -5.11 -4.35 -18.67
C SER B 286 -4.53 -3.04 -19.26
N SER B 287 -4.66 -2.87 -20.57
CA SER B 287 -4.20 -1.68 -21.26
C SER B 287 -5.34 -0.78 -21.71
N ASN B 288 -5.01 0.48 -22.01
CA ASN B 288 -6.01 1.39 -22.60
C ASN B 288 -7.20 1.75 -21.73
N LEU B 289 -7.03 1.85 -20.44
CA LEU B 289 -8.11 2.16 -19.53
C LEU B 289 -7.97 3.62 -19.07
N LEU B 290 -9.09 4.30 -18.89
CA LEU B 290 -9.05 5.58 -18.22
C LEU B 290 -9.98 5.40 -17.03
N PHE B 291 -9.51 5.71 -15.83
CA PHE B 291 -10.33 5.69 -14.61
C PHE B 291 -10.67 7.11 -14.17
N ARG B 292 -11.94 7.35 -13.85
CA ARG B 292 -12.34 8.66 -13.40
C ARG B 292 -13.55 8.51 -12.47
N ARG B 293 -13.81 9.53 -11.65
CA ARG B 293 -15.05 9.50 -10.90
C ARG B 293 -15.94 10.51 -11.55
N ASN B 294 -17.02 10.03 -12.08
CA ASN B 294 -18.08 10.86 -12.52
C ASN B 294 -18.40 12.03 -11.54
N SER B 295 -18.15 13.26 -12.01
CA SER B 295 -18.37 14.49 -11.22
C SER B 295 -19.88 14.76 -11.03
N VAL B 296 -20.72 14.14 -11.85
CA VAL B 296 -22.16 14.26 -11.63
C VAL B 296 -22.75 13.16 -10.74
N SER B 297 -22.44 11.90 -11.04
CA SER B 297 -22.98 10.77 -10.26
C SER B 297 -22.07 10.29 -9.13
N GLY B 298 -20.81 10.71 -9.10
CA GLY B 298 -19.92 10.24 -8.03
C GLY B 298 -19.45 8.78 -8.13
N ALA B 299 -19.95 8.02 -9.10
CA ALA B 299 -19.49 6.66 -9.37
C ALA B 299 -18.07 6.63 -9.95
N VAL B 300 -17.26 5.70 -9.45
CA VAL B 300 -16.02 5.36 -10.15
C VAL B 300 -16.25 4.57 -11.45
N GLU B 301 -15.67 5.05 -12.54
CA GLU B 301 -15.97 4.49 -13.86
C GLU B 301 -14.62 4.22 -14.55
N VAL B 302 -14.61 3.25 -15.46
CA VAL B 302 -13.44 2.97 -16.28
C VAL B 302 -13.95 3.06 -17.75
N LEU B 303 -13.18 3.74 -18.63
CA LEU B 303 -13.53 3.85 -20.05
C LEU B 303 -12.41 3.24 -20.86
N ALA B 304 -12.71 2.75 -22.05
CA ALA B 304 -11.65 2.43 -23.02
C ALA B 304 -11.09 3.70 -23.67
N ARG B 305 -9.78 3.81 -23.79
CA ARG B 305 -9.14 5.02 -24.30
C ARG B 305 -8.73 5.07 -25.79
N ASP B 306 -9.06 4.03 -26.53
CA ASP B 306 -8.46 3.96 -27.83
C ASP B 306 -9.48 3.68 -28.88
N GLY B 307 -10.73 3.92 -28.56
CA GLY B 307 -11.82 3.46 -29.38
C GLY B 307 -12.06 1.96 -29.38
N GLN B 308 -11.33 1.16 -28.60
CA GLN B 308 -11.52 -0.28 -28.72
C GLN B 308 -11.77 -1.08 -27.40
N GLY B 309 -12.82 -0.72 -26.66
CA GLY B 309 -13.35 -1.58 -25.58
C GLY B 309 -12.40 -2.05 -24.49
N ILE B 310 -12.89 -2.99 -23.68
CA ILE B 310 -12.23 -3.43 -22.43
C ILE B 310 -12.27 -4.93 -22.24
N ALA B 311 -13.48 -5.49 -22.41
CA ALA B 311 -13.93 -6.75 -21.77
C ALA B 311 -13.15 -8.01 -22.18
N VAL C 6 11.23 47.74 -22.44
CA VAL C 6 12.26 48.80 -22.28
C VAL C 6 12.90 48.75 -20.89
N THR C 7 12.63 47.69 -20.14
CA THR C 7 13.33 47.44 -18.86
C THR C 7 14.34 46.31 -19.03
N GLY C 8 15.59 46.57 -18.63
CA GLY C 8 16.66 45.56 -18.63
C GLY C 8 17.00 45.19 -17.22
N ALA C 9 18.15 44.55 -17.03
CA ALA C 9 18.63 44.21 -15.66
C ALA C 9 20.13 44.02 -15.72
N ALA C 10 20.78 44.05 -14.55
CA ALA C 10 22.23 43.87 -14.46
C ALA C 10 22.64 43.35 -13.09
N GLY C 11 23.78 42.68 -13.06
CA GLY C 11 24.23 42.13 -11.84
C GLY C 11 25.67 41.71 -11.92
N ILE C 12 26.35 41.92 -10.81
CA ILE C 12 27.69 41.45 -10.69
C ILE C 12 27.51 40.12 -10.02
N GLY C 13 28.08 39.09 -10.61
CA GLY C 13 27.90 37.77 -10.09
C GLY C 13 29.17 37.00 -9.81
N LEU C 14 29.03 35.94 -9.00
CA LEU C 14 30.09 34.96 -8.83
C LEU C 14 29.63 33.64 -9.50
N ALA C 15 30.25 33.33 -10.63
CA ALA C 15 29.89 32.18 -11.45
C ALA C 15 30.83 31.01 -11.19
N THR C 16 30.29 29.81 -11.19
CA THR C 16 31.14 28.63 -11.09
C THR C 16 31.04 27.92 -12.44
N LEU C 17 32.19 27.66 -13.07
CA LEU C 17 32.24 26.96 -14.37
C LEU C 17 32.77 25.59 -14.14
N ALA C 18 32.29 24.65 -14.94
CA ALA C 18 32.75 23.28 -14.94
C ALA C 18 34.10 23.19 -15.70
N ALA C 19 34.67 21.99 -15.69
CA ALA C 19 35.94 21.74 -16.29
C ALA C 19 35.88 22.07 -17.77
N ASP C 20 34.72 21.87 -18.40
CA ASP C 20 34.67 22.16 -19.82
C ASP C 20 34.23 23.60 -20.14
N GLY C 21 33.98 24.44 -19.12
CA GLY C 21 33.59 25.83 -19.37
C GLY C 21 32.12 26.07 -19.14
N SER C 22 31.33 25.01 -18.98
CA SER C 22 29.86 25.12 -18.83
C SER C 22 29.61 25.91 -17.57
N VAL C 23 28.64 26.80 -17.61
CA VAL C 23 28.29 27.57 -16.42
C VAL C 23 27.44 26.66 -15.56
N LEU C 24 27.92 26.31 -14.37
CA LEU C 24 27.12 25.53 -13.46
C LEU C 24 26.09 26.44 -12.71
N ASP C 25 26.56 27.53 -12.09
CA ASP C 25 25.65 28.52 -11.47
C ASP C 25 26.21 29.93 -11.48
N THR C 26 25.40 30.87 -11.05
CA THR C 26 25.90 32.22 -10.85
C THR C 26 25.13 32.80 -9.65
N TRP C 27 25.88 33.34 -8.65
CA TRP C 27 25.30 33.99 -7.49
C TRP C 27 25.50 35.49 -7.68
N PHE C 28 24.38 36.22 -7.71
CA PHE C 28 24.34 37.67 -7.81
C PHE C 28 23.85 38.25 -6.49
N PRO C 29 24.75 38.79 -5.67
CA PRO C 29 24.37 39.36 -4.38
C PRO C 29 23.38 40.54 -4.51
N ALA C 30 23.56 41.36 -5.54
CA ALA C 30 22.77 42.58 -5.69
C ALA C 30 22.29 42.87 -7.12
N PRO C 31 21.34 42.07 -7.65
CA PRO C 31 20.83 42.30 -9.01
C PRO C 31 19.99 43.57 -9.02
N GLU C 32 19.84 44.19 -10.19
CA GLU C 32 19.07 45.41 -10.31
C GLU C 32 18.37 45.52 -11.63
N LEU C 33 17.28 46.28 -11.61
CA LEU C 33 16.60 46.65 -12.83
C LEU C 33 17.38 47.80 -13.44
N THR C 34 17.43 47.85 -14.77
CA THR C 34 18.12 48.94 -15.45
C THR C 34 17.27 49.39 -16.61
N GLU C 35 17.73 50.44 -17.30
CA GLU C 35 17.08 50.86 -18.52
C GLU C 35 17.46 49.82 -19.57
N SER C 36 16.72 49.75 -20.67
CA SER C 36 17.01 48.69 -21.63
C SER C 36 18.43 48.99 -22.16
N GLY C 37 19.19 47.95 -22.49
CA GLY C 37 20.64 48.08 -22.78
C GLY C 37 21.06 46.98 -23.74
N THR C 38 22.28 46.48 -23.63
CA THR C 38 22.68 45.35 -24.49
C THR C 38 23.05 44.10 -23.70
N SER C 39 22.32 43.01 -23.93
CA SER C 39 22.61 41.75 -23.28
C SER C 39 24.09 41.35 -23.47
N ALA C 40 24.81 41.13 -22.37
CA ALA C 40 26.13 40.48 -22.43
C ALA C 40 26.57 40.11 -21.03
N THR C 41 27.45 39.11 -20.94
CA THR C 41 28.19 38.84 -19.73
C THR C 41 29.71 39.07 -19.99
N SER C 42 30.36 39.82 -19.11
CA SER C 42 31.79 39.97 -19.20
C SER C 42 32.49 39.62 -17.89
N ARG C 43 33.77 39.29 -17.99
CA ARG C 43 34.58 39.04 -16.80
C ARG C 43 34.96 40.42 -16.20
N LEU C 44 34.75 40.60 -14.89
CA LEU C 44 35.23 41.83 -14.24
C LEU C 44 36.76 41.93 -14.25
N ALA C 45 37.25 43.10 -14.63
CA ALA C 45 38.60 43.52 -14.34
C ALA C 45 38.84 43.52 -12.83
N VAL C 46 40.12 43.44 -12.47
CA VAL C 46 40.49 43.34 -11.07
C VAL C 46 39.88 44.50 -10.29
N SER C 47 39.95 45.70 -10.83
CA SER C 47 39.55 46.82 -10.04
C SER C 47 38.04 46.94 -9.87
N ASP C 48 37.26 46.12 -10.58
CA ASP C 48 35.80 46.19 -10.50
C ASP C 48 35.15 45.07 -9.67
N VAL C 49 35.93 44.04 -9.30
CA VAL C 49 35.44 42.98 -8.41
C VAL C 49 35.18 43.55 -7.00
N PRO C 50 33.92 43.48 -6.51
CA PRO C 50 33.79 44.05 -5.16
C PRO C 50 34.64 43.29 -4.13
N VAL C 51 34.98 43.99 -3.06
CA VAL C 51 35.91 43.45 -2.06
C VAL C 51 35.39 42.13 -1.43
N GLU C 52 34.09 42.04 -1.15
CA GLU C 52 33.52 40.86 -0.50
C GLU C 52 33.56 39.64 -1.42
N LEU C 53 33.72 39.89 -2.72
CA LEU C 53 33.73 38.82 -3.70
C LEU C 53 35.17 38.40 -4.07
N ALA C 54 36.12 39.31 -3.92
CA ALA C 54 37.50 39.06 -4.32
C ALA C 54 38.01 37.77 -3.67
N ALA C 55 37.64 37.54 -2.43
CA ALA C 55 38.19 36.43 -1.69
C ALA C 55 37.56 35.10 -2.09
N LEU C 56 36.49 35.14 -2.89
CA LEU C 56 35.77 33.95 -3.23
C LEU C 56 36.13 33.43 -4.63
N ILE C 57 36.96 34.17 -5.34
CA ILE C 57 37.38 33.72 -6.65
C ILE C 57 38.50 32.66 -6.52
N GLY C 58 38.47 31.64 -7.36
CA GLY C 58 39.50 30.65 -7.29
C GLY C 58 39.22 29.43 -8.15
N ARG C 59 40.08 28.41 -8.03
CA ARG C 59 39.94 27.17 -8.80
C ARG C 59 39.93 26.02 -7.81
N ASP C 60 39.04 25.05 -8.02
CA ASP C 60 38.96 23.88 -7.11
C ASP C 60 39.41 22.69 -7.91
N ASP C 61 40.58 22.19 -7.53
CA ASP C 61 41.24 21.15 -8.25
C ASP C 61 40.52 19.78 -8.04
N ASP C 62 39.89 19.58 -6.89
CA ASP C 62 39.11 18.34 -6.72
C ASP C 62 37.86 18.29 -7.60
N ARG C 63 37.14 19.41 -7.64
CA ARG C 63 35.89 19.52 -8.36
C ARG C 63 36.17 19.79 -9.83
N ARG C 64 37.37 20.26 -10.13
CA ARG C 64 37.69 20.72 -11.52
C ARG C 64 36.81 21.88 -11.97
N THR C 65 36.57 22.83 -11.05
CA THR C 65 35.75 23.96 -11.35
C THR C 65 36.59 25.22 -11.19
N GLU C 66 36.10 26.37 -11.68
CA GLU C 66 36.64 27.66 -11.27
C GLU C 66 35.48 28.59 -10.92
N THR C 67 35.77 29.57 -10.05
CA THR C 67 34.79 30.56 -9.63
C THR C 67 35.33 31.94 -10.06
N ILE C 68 34.48 32.68 -10.76
CA ILE C 68 34.93 33.87 -11.43
C ILE C 68 33.93 34.99 -11.20
N ALA C 69 34.40 36.23 -11.31
CA ALA C 69 33.55 37.35 -11.10
C ALA C 69 33.15 37.89 -12.48
N VAL C 70 31.84 38.02 -12.70
CA VAL C 70 31.33 38.55 -13.97
C VAL C 70 30.30 39.67 -13.79
N ARG C 71 30.01 40.36 -14.88
CA ARG C 71 28.87 41.23 -14.85
C ARG C 71 27.95 40.81 -16.00
N THR C 72 26.70 40.58 -15.68
CA THR C 72 25.75 40.12 -16.65
C THR C 72 24.78 41.27 -16.82
N VAL C 73 24.52 41.65 -18.06
CA VAL C 73 23.54 42.70 -18.41
C VAL C 73 22.46 42.00 -19.24
N ILE C 74 21.20 42.22 -18.90
CA ILE C 74 20.04 41.90 -19.79
C ILE C 74 19.50 43.17 -20.46
N GLY C 75 19.61 43.28 -21.78
CA GLY C 75 19.02 44.37 -22.54
C GLY C 75 17.51 44.50 -22.40
N SER C 76 16.79 43.39 -22.43
CA SER C 76 15.34 43.46 -22.31
C SER C 76 14.80 42.26 -21.59
N LEU C 77 14.14 42.50 -20.46
CA LEU C 77 13.45 41.43 -19.71
C LEU C 77 12.42 40.67 -20.58
N ASP C 78 11.96 41.28 -21.67
CA ASP C 78 11.10 40.58 -22.66
C ASP C 78 11.79 39.50 -23.50
N ASP C 79 13.11 39.60 -23.66
CA ASP C 79 13.87 38.63 -24.46
C ASP C 79 13.98 37.34 -23.68
N VAL C 80 14.13 36.23 -24.38
CA VAL C 80 14.39 34.97 -23.71
C VAL C 80 15.83 34.95 -23.17
N ALA C 81 16.08 34.26 -22.07
CA ALA C 81 17.43 34.10 -21.54
C ALA C 81 18.32 33.52 -22.64
N ALA C 82 19.48 34.12 -22.83
CA ALA C 82 20.33 33.78 -23.93
C ALA C 82 21.39 32.75 -23.51
N ASP C 83 21.73 32.73 -22.20
CA ASP C 83 22.78 31.86 -21.67
C ASP C 83 22.53 31.68 -20.18
N PRO C 84 23.31 30.78 -19.55
CA PRO C 84 22.99 30.48 -18.18
C PRO C 84 23.20 31.68 -17.25
N TYR C 85 24.14 32.59 -17.55
CA TYR C 85 24.29 33.72 -16.64
C TYR C 85 23.00 34.59 -16.60
N ASP C 86 22.45 34.79 -17.79
CA ASP C 86 21.27 35.58 -18.04
C ASP C 86 20.12 34.90 -17.30
N ALA C 87 20.06 33.59 -17.43
CA ALA C 87 19.01 32.83 -16.85
C ALA C 87 19.06 32.91 -15.33
N TYR C 88 20.24 32.68 -14.75
CA TYR C 88 20.41 32.95 -13.29
C TYR C 88 20.01 34.36 -12.87
N LEU C 89 20.34 35.37 -13.68
CA LEU C 89 20.09 36.74 -13.27
C LEU C 89 18.55 36.89 -13.19
N ARG C 90 17.86 36.33 -14.19
CA ARG C 90 16.40 36.31 -14.21
C ARG C 90 15.76 35.69 -12.96
N LEU C 91 16.25 34.54 -12.56
CA LEU C 91 15.71 33.84 -11.43
C LEU C 91 15.98 34.61 -10.13
N HIS C 92 17.11 35.28 -10.04
CA HIS C 92 17.40 36.13 -8.88
C HIS C 92 16.50 37.33 -8.84
N LEU C 93 16.18 37.90 -9.99
CA LEU C 93 15.29 39.02 -9.98
C LEU C 93 13.93 38.64 -9.38
N LEU C 94 13.40 37.50 -9.83
CA LEU C 94 12.12 36.95 -9.29
C LEU C 94 12.22 36.71 -7.80
N SER C 95 13.26 36.01 -7.35
CA SER C 95 13.35 35.72 -5.89
C SER C 95 13.67 36.92 -5.02
N HIS C 96 14.41 37.88 -5.54
CA HIS C 96 14.54 39.15 -4.88
C HIS C 96 13.24 39.97 -4.88
N ARG C 97 12.22 39.49 -5.58
CA ARG C 97 10.98 40.28 -5.75
C ARG C 97 11.21 41.61 -6.44
N LEU C 98 12.29 41.75 -7.20
CA LEU C 98 12.43 43.01 -7.96
C LEU C 98 11.48 42.98 -9.14
N VAL C 99 11.18 41.75 -9.56
CA VAL C 99 10.20 41.48 -10.62
C VAL C 99 9.20 40.42 -10.13
N ALA C 100 7.92 40.64 -10.43
CA ALA C 100 6.88 39.66 -10.09
C ALA C 100 6.80 38.51 -11.14
N PRO C 101 6.23 37.36 -10.76
CA PRO C 101 6.07 36.34 -11.82
C PRO C 101 5.38 36.87 -13.07
N HIS C 102 5.85 36.43 -14.23
CA HIS C 102 5.41 36.93 -15.55
C HIS C 102 5.88 38.34 -15.80
N GLY C 103 6.67 38.87 -14.88
CA GLY C 103 7.21 40.23 -15.07
C GLY C 103 8.40 40.21 -16.04
N LEU C 104 8.91 39.03 -16.38
CA LEU C 104 10.01 38.90 -17.31
C LEU C 104 9.83 37.62 -18.10
N ASN C 105 10.55 37.46 -19.19
CA ASN C 105 10.36 36.25 -20.00
C ASN C 105 11.09 35.11 -19.32
N ALA C 106 10.34 34.12 -18.81
CA ALA C 106 10.97 32.97 -18.15
C ALA C 106 10.88 31.72 -19.02
N GLY C 107 10.54 31.89 -20.28
CA GLY C 107 10.54 30.73 -21.16
C GLY C 107 11.93 30.16 -21.42
N GLY C 108 11.98 28.92 -21.89
CA GLY C 108 13.27 28.38 -22.41
C GLY C 108 14.40 28.13 -21.42
N LEU C 109 14.15 28.28 -20.11
CA LEU C 109 15.23 28.09 -19.13
C LEU C 109 15.73 26.67 -19.07
N PHE C 110 14.84 25.71 -19.21
CA PHE C 110 15.25 24.32 -19.20
C PHE C 110 16.32 24.07 -20.25
N GLY C 111 16.13 24.66 -21.44
CA GLY C 111 17.08 24.46 -22.49
C GLY C 111 18.34 25.27 -22.23
N VAL C 112 18.29 26.30 -21.41
CA VAL C 112 19.51 27.07 -21.29
C VAL C 112 20.42 26.63 -20.13
N LEU C 113 19.80 26.15 -19.06
CA LEU C 113 20.47 25.83 -17.82
C LEU C 113 21.24 24.53 -17.91
N THR C 114 22.39 24.47 -17.21
CA THR C 114 23.19 23.25 -17.12
C THR C 114 22.57 22.33 -16.08
N ASN C 115 22.56 21.05 -16.34
CA ASN C 115 22.18 20.11 -15.29
C ASN C 115 23.32 19.97 -14.27
N VAL C 116 23.08 20.19 -12.99
CA VAL C 116 24.17 20.32 -12.02
C VAL C 116 24.07 19.34 -10.84
N VAL C 117 25.20 18.81 -10.37
CA VAL C 117 25.19 18.02 -9.11
C VAL C 117 25.49 18.99 -7.97
N TRP C 118 24.48 19.32 -7.15
CA TRP C 118 24.62 20.28 -6.09
C TRP C 118 25.13 19.51 -4.87
N THR C 119 26.30 19.88 -4.39
CA THR C 119 26.95 19.13 -3.27
C THR C 119 27.27 20.01 -2.07
N ASN C 120 27.62 19.39 -0.95
CA ASN C 120 28.08 20.12 0.26
C ASN C 120 29.50 20.71 0.02
N HIS C 121 30.07 20.48 -1.18
CA HIS C 121 31.30 21.15 -1.62
C HIS C 121 31.05 22.17 -2.75
N GLY C 122 29.77 22.42 -3.05
CA GLY C 122 29.36 23.38 -4.05
C GLY C 122 28.90 22.67 -5.33
N PRO C 123 28.66 23.44 -6.39
CA PRO C 123 28.19 22.85 -7.60
C PRO C 123 29.28 22.05 -8.34
N CYS C 124 28.86 20.93 -8.93
CA CYS C 124 29.73 20.05 -9.67
C CYS C 124 29.11 19.67 -11.01
N ALA C 125 29.91 19.38 -12.02
CA ALA C 125 29.38 18.88 -13.30
C ALA C 125 29.00 17.37 -13.15
N ILE C 126 28.10 16.87 -14.01
CA ILE C 126 27.81 15.49 -14.04
C ILE C 126 29.04 14.80 -14.63
N ASP C 127 29.69 15.42 -15.61
CA ASP C 127 30.81 14.73 -16.21
C ASP C 127 31.95 14.49 -15.20
N GLY C 128 32.42 13.24 -15.12
CA GLY C 128 33.51 12.87 -14.25
C GLY C 128 33.12 12.94 -12.75
N PHE C 129 31.82 12.99 -12.44
CA PHE C 129 31.43 13.22 -11.02
C PHE C 129 31.86 12.13 -10.04
N GLU C 130 31.87 10.87 -10.44
CA GLU C 130 32.26 9.82 -9.54
C GLU C 130 33.75 9.92 -9.12
N ALA C 131 34.65 10.28 -10.06
CA ALA C 131 36.07 10.61 -9.76
C ALA C 131 36.16 11.84 -8.83
N VAL C 132 35.36 12.85 -9.09
CA VAL C 132 35.29 14.04 -8.23
C VAL C 132 34.82 13.67 -6.80
N ARG C 133 33.75 12.89 -6.70
CA ARG C 133 33.28 12.42 -5.39
C ARG C 133 34.43 11.78 -4.62
N ALA C 134 35.19 10.89 -5.24
CA ALA C 134 36.21 10.18 -4.50
C ALA C 134 37.35 11.09 -4.05
N ARG C 135 37.64 12.13 -4.83
CA ARG C 135 38.61 13.14 -4.44
C ARG C 135 38.09 13.99 -3.27
N LEU C 136 36.85 14.45 -3.33
CA LEU C 136 36.30 15.29 -2.26
C LEU C 136 36.15 14.57 -0.92
N ARG C 137 35.99 13.24 -1.01
CA ARG C 137 35.86 12.43 0.18
C ARG C 137 37.12 12.54 1.04
N ARG C 138 38.25 12.92 0.47
CA ARG C 138 39.40 13.18 1.34
C ARG C 138 39.14 14.37 2.30
N ARG C 139 38.28 15.30 1.91
CA ARG C 139 37.91 16.42 2.75
C ARG C 139 36.88 16.07 3.80
N GLY C 140 36.07 15.07 3.54
CA GLY C 140 35.03 14.70 4.45
C GLY C 140 33.96 14.10 3.57
N PRO C 141 32.81 13.79 4.18
CA PRO C 141 31.64 13.16 3.55
C PRO C 141 31.22 13.96 2.31
N VAL C 142 30.78 13.27 1.26
CA VAL C 142 30.27 13.97 0.10
C VAL C 142 28.77 13.73 0.04
N THR C 143 28.03 14.84 0.10
CA THR C 143 26.56 14.85 0.12
C THR C 143 26.03 15.59 -1.09
N VAL C 144 25.15 14.91 -1.81
CA VAL C 144 24.53 15.51 -2.99
C VAL C 144 23.10 15.87 -2.59
N TYR C 145 22.79 17.16 -2.66
CA TYR C 145 21.46 17.70 -2.35
C TYR C 145 20.43 17.49 -3.49
N GLY C 146 20.90 17.50 -4.73
CA GLY C 146 20.02 17.28 -5.85
C GLY C 146 20.87 17.26 -7.10
N VAL C 147 20.27 16.85 -8.20
CA VAL C 147 20.92 16.89 -9.52
C VAL C 147 19.82 17.50 -10.39
N ASP C 148 20.02 18.73 -10.85
CA ASP C 148 18.96 19.40 -11.50
C ASP C 148 19.50 20.73 -12.04
N LYS C 149 18.68 21.41 -12.84
CA LYS C 149 19.06 22.66 -13.50
C LYS C 149 18.78 23.82 -12.60
N PHE C 150 17.98 23.58 -11.56
CA PHE C 150 17.57 24.70 -10.72
C PHE C 150 17.97 24.44 -9.29
N PRO C 151 18.69 25.38 -8.63
CA PRO C 151 19.09 25.17 -7.26
C PRO C 151 18.04 25.74 -6.26
N ARG C 152 18.45 25.77 -4.99
CA ARG C 152 17.55 26.10 -3.88
C ARG C 152 17.62 27.58 -3.66
N MET C 153 16.47 28.24 -3.67
CA MET C 153 16.46 29.68 -3.58
C MET C 153 17.32 30.21 -2.50
N VAL C 154 17.23 29.61 -1.31
CA VAL C 154 17.74 30.28 -0.12
C VAL C 154 19.26 30.30 -0.12
N ASP C 155 19.83 29.58 -1.06
CA ASP C 155 21.30 29.46 -1.16
C ASP C 155 21.84 30.62 -1.96
N TYR C 156 20.91 31.48 -2.39
CA TYR C 156 21.21 32.69 -3.18
C TYR C 156 20.69 33.92 -2.49
N VAL C 157 19.44 33.86 -2.01
CA VAL C 157 18.90 35.00 -1.28
C VAL C 157 17.86 34.46 -0.30
N VAL C 158 17.81 35.03 0.90
CA VAL C 158 16.71 34.79 1.81
C VAL C 158 15.88 36.09 1.81
N PRO C 159 14.69 36.06 1.18
CA PRO C 159 13.92 37.34 1.17
C PRO C 159 13.25 37.62 2.49
N THR C 160 13.02 38.89 2.78
CA THR C 160 12.64 39.24 4.11
C THR C 160 11.11 39.13 4.24
N GLY C 161 10.66 38.99 5.50
CA GLY C 161 9.27 38.70 5.87
C GLY C 161 8.79 37.32 5.52
N VAL C 162 9.73 36.38 5.41
CA VAL C 162 9.36 35.03 4.93
C VAL C 162 9.80 33.90 5.88
N ARG C 163 8.97 32.87 6.02
CA ARG C 163 9.47 31.65 6.64
C ARG C 163 9.47 30.53 5.62
N ILE C 164 10.47 29.65 5.68
CA ILE C 164 10.48 28.45 4.80
C ILE C 164 10.88 27.30 5.67
N ALA C 165 9.94 26.42 6.00
CA ALA C 165 10.26 25.34 6.93
C ALA C 165 11.33 24.40 6.42
N ASP C 166 11.19 24.03 5.14
CA ASP C 166 12.10 23.08 4.50
C ASP C 166 12.56 23.72 3.19
N ALA C 167 13.72 24.36 3.20
CA ALA C 167 14.18 25.14 2.04
C ALA C 167 14.58 24.29 0.78
N ASP C 168 14.54 22.97 0.87
CA ASP C 168 14.69 22.10 -0.30
C ASP C 168 13.49 22.33 -1.22
N ARG C 169 12.41 22.91 -0.69
CA ARG C 169 11.15 22.95 -1.47
C ARG C 169 10.92 24.26 -2.24
N VAL C 170 11.90 25.14 -2.30
CA VAL C 170 11.65 26.41 -2.95
C VAL C 170 12.77 26.63 -3.96
N ARG C 171 12.44 26.47 -5.25
CA ARG C 171 13.43 26.73 -6.32
C ARG C 171 13.84 28.18 -6.43
N LEU C 172 15.10 28.37 -6.75
CA LEU C 172 15.56 29.70 -7.10
C LEU C 172 14.69 30.16 -8.28
N GLY C 173 14.23 31.41 -8.22
CA GLY C 173 13.18 31.83 -9.16
C GLY C 173 11.81 31.94 -8.51
N ALA C 174 11.58 31.30 -7.34
CA ALA C 174 10.31 31.46 -6.57
C ALA C 174 10.21 32.87 -6.02
N HIS C 175 9.00 33.43 -6.08
CA HIS C 175 8.74 34.79 -5.60
C HIS C 175 7.78 34.73 -4.37
N LEU C 176 8.30 35.07 -3.21
CA LEU C 176 7.59 34.90 -1.97
C LEU C 176 7.44 36.24 -1.30
N ALA C 177 6.22 36.81 -1.32
CA ALA C 177 6.04 38.19 -0.84
C ALA C 177 6.14 38.20 0.70
N PRO C 178 6.40 39.39 1.33
CA PRO C 178 6.41 39.40 2.80
C PRO C 178 5.11 38.88 3.46
N GLY C 179 5.25 38.15 4.57
CA GLY C 179 4.10 37.53 5.25
C GLY C 179 3.89 36.08 4.85
N THR C 180 4.58 35.66 3.80
CA THR C 180 4.47 34.29 3.34
C THR C 180 5.25 33.26 4.17
N THR C 181 4.61 32.11 4.41
CA THR C 181 5.24 30.98 5.07
C THR C 181 5.07 29.76 4.17
N VAL C 182 6.18 29.10 3.82
CA VAL C 182 6.08 27.88 3.07
C VAL C 182 6.29 26.82 4.18
N MET C 183 5.29 25.97 4.42
CA MET C 183 5.49 24.83 5.34
C MET C 183 6.15 23.64 4.65
N HIS C 184 6.38 22.57 5.42
CA HIS C 184 7.12 21.43 4.88
C HIS C 184 6.55 20.87 3.60
N GLU C 185 5.23 20.82 3.48
CA GLU C 185 4.57 20.13 2.38
C GLU C 185 4.37 21.18 1.24
N GLY C 186 4.61 22.46 1.55
CA GLY C 186 4.56 23.49 0.49
C GLY C 186 5.65 23.27 -0.56
N PHE C 187 5.46 23.79 -1.76
CA PHE C 187 6.48 23.74 -2.79
C PHE C 187 6.21 24.89 -3.70
N VAL C 188 7.27 25.57 -4.12
CA VAL C 188 7.11 26.71 -5.02
C VAL C 188 8.17 26.65 -6.10
N ASN C 189 7.71 26.58 -7.34
CA ASN C 189 8.55 26.51 -8.48
C ASN C 189 9.10 27.90 -8.89
N TYR C 190 9.84 27.99 -9.99
CA TYR C 190 10.39 29.29 -10.42
C TYR C 190 9.29 30.04 -11.14
N ASN C 191 9.44 31.35 -11.24
CA ASN C 191 8.44 32.14 -11.90
C ASN C 191 7.05 31.87 -11.32
N ALA C 192 6.95 31.82 -10.00
CA ALA C 192 5.68 31.46 -9.37
C ALA C 192 5.79 31.95 -7.93
N GLY C 193 4.67 32.02 -7.21
CA GLY C 193 4.70 32.33 -5.78
C GLY C 193 3.53 33.14 -5.29
N THR C 194 3.81 33.99 -4.32
CA THR C 194 2.74 34.72 -3.66
C THR C 194 2.97 36.20 -3.94
N LEU C 195 1.89 37.01 -3.96
CA LEU C 195 2.04 38.41 -4.11
C LEU C 195 1.87 39.07 -2.76
N GLY C 196 1.43 38.31 -1.75
CA GLY C 196 1.24 38.90 -0.45
C GLY C 196 1.46 37.89 0.65
N ALA C 197 0.63 37.96 1.67
CA ALA C 197 0.79 37.15 2.85
C ALA C 197 0.02 35.86 2.71
N SER C 198 0.69 34.73 2.58
CA SER C 198 0.02 33.46 2.36
C SER C 198 0.70 32.34 3.12
N MET C 199 -0.12 31.41 3.59
CA MET C 199 0.33 30.19 4.17
C MET C 199 0.36 29.15 3.02
N VAL C 200 1.54 28.68 2.66
CA VAL C 200 1.66 27.69 1.58
C VAL C 200 2.04 26.35 2.14
N GLU C 201 1.09 25.43 2.15
CA GLU C 201 1.44 24.08 2.50
C GLU C 201 1.18 23.12 1.39
N GLY C 202 0.91 23.60 0.18
CA GLY C 202 0.74 22.70 -0.97
C GLY C 202 1.56 23.23 -2.16
N ARG C 203 1.25 22.78 -3.37
CA ARG C 203 2.23 22.90 -4.49
C ARG C 203 1.84 23.94 -5.53
N ILE C 204 2.73 24.92 -5.68
CA ILE C 204 2.59 26.04 -6.63
C ILE C 204 3.46 25.81 -7.87
N SER C 205 2.83 25.46 -8.96
CA SER C 205 3.53 25.05 -10.19
C SER C 205 4.15 26.27 -10.86
N ALA C 206 5.09 26.07 -11.80
CA ALA C 206 5.72 27.20 -12.53
C ALA C 206 4.63 28.07 -13.12
N GLY C 207 4.74 29.38 -12.98
CA GLY C 207 3.78 30.28 -13.62
C GLY C 207 2.62 30.62 -12.74
N VAL C 208 2.48 29.91 -11.62
CA VAL C 208 1.32 30.09 -10.81
C VAL C 208 1.54 31.14 -9.76
N VAL C 209 0.60 32.05 -9.70
CA VAL C 209 0.68 33.12 -8.76
C VAL C 209 -0.50 33.05 -7.80
N VAL C 210 -0.23 33.32 -6.52
CA VAL C 210 -1.25 33.27 -5.47
C VAL C 210 -1.36 34.62 -4.74
N GLY C 211 -2.56 35.16 -4.70
CA GLY C 211 -2.79 36.52 -4.23
C GLY C 211 -2.83 36.63 -2.71
N ASP C 212 -2.70 37.87 -2.27
CA ASP C 212 -2.58 38.19 -0.86
C ASP C 212 -3.70 37.61 -0.03
N GLY C 213 -3.35 37.01 1.11
CA GLY C 213 -4.37 36.49 1.99
C GLY C 213 -4.80 35.06 1.64
N SER C 214 -4.35 34.53 0.51
CA SER C 214 -4.82 33.19 0.09
C SER C 214 -3.99 32.12 0.72
N ASP C 215 -4.64 31.13 1.32
CA ASP C 215 -3.91 30.00 1.87
C ASP C 215 -4.03 28.72 1.06
N VAL C 216 -2.92 27.97 1.00
CA VAL C 216 -2.89 26.71 0.29
C VAL C 216 -2.68 25.58 1.29
N GLY C 217 -3.72 24.77 1.49
CA GLY C 217 -3.71 23.72 2.46
C GLY C 217 -2.72 22.60 2.20
N GLY C 218 -2.50 21.79 3.25
CA GLY C 218 -1.43 20.79 3.20
C GLY C 218 -1.64 19.84 2.03
N GLY C 219 -0.65 19.75 1.15
CA GLY C 219 -0.75 18.74 0.10
C GLY C 219 -1.64 19.15 -1.09
N ALA C 220 -2.22 20.36 -1.07
CA ALA C 220 -2.98 20.86 -2.24
C ALA C 220 -2.09 20.89 -3.49
N SER C 221 -2.69 20.69 -4.65
CA SER C 221 -2.03 20.64 -5.92
C SER C 221 -2.54 21.80 -6.78
N ILE C 222 -1.68 22.75 -7.16
CA ILE C 222 -2.20 23.76 -8.07
C ILE C 222 -1.63 23.57 -9.47
N MET C 223 -2.54 23.24 -10.40
CA MET C 223 -2.23 23.05 -11.85
C MET C 223 -1.30 21.83 -11.98
N GLY C 224 -1.66 20.70 -11.37
CA GLY C 224 -0.75 19.58 -11.37
C GLY C 224 -1.13 18.77 -12.55
N THR C 225 -0.60 17.55 -12.64
CA THR C 225 -0.85 16.71 -13.81
C THR C 225 -2.34 16.36 -13.94
N LEU C 226 -2.88 16.51 -15.17
CA LEU C 226 -4.27 16.20 -15.53
C LEU C 226 -5.31 17.13 -14.92
N SER C 227 -4.85 18.27 -14.41
CA SER C 227 -5.79 19.36 -13.98
C SER C 227 -6.53 20.11 -15.10
N GLY C 228 -6.10 19.96 -16.36
CA GLY C 228 -6.77 20.59 -17.53
C GLY C 228 -5.92 20.63 -18.80
N GLY C 229 -6.50 21.06 -19.92
CA GLY C 229 -5.77 21.16 -21.21
C GLY C 229 -4.50 22.05 -21.37
N GLY C 230 -3.78 22.32 -20.28
CA GLY C 230 -2.39 22.81 -20.41
C GLY C 230 -2.11 24.27 -20.77
N THR C 231 -2.75 24.77 -21.83
CA THR C 231 -2.49 26.11 -22.42
C THR C 231 -2.07 27.22 -21.46
N HIS C 232 -3.07 27.82 -20.81
CA HIS C 232 -2.91 28.99 -19.95
C HIS C 232 -2.54 28.63 -18.51
N VAL C 233 -1.64 29.40 -17.91
CA VAL C 233 -1.35 29.23 -16.50
C VAL C 233 -2.52 29.76 -15.72
N ILE C 234 -2.78 29.16 -14.58
CA ILE C 234 -3.82 29.66 -13.70
C ILE C 234 -3.24 30.49 -12.54
N SER C 235 -4.10 31.21 -11.83
CA SER C 235 -3.70 32.08 -10.73
C SER C 235 -4.82 32.04 -9.73
N ILE C 236 -4.47 32.27 -8.47
CA ILE C 236 -5.45 32.39 -7.39
C ILE C 236 -5.49 33.86 -6.97
N GLY C 237 -6.67 34.44 -6.78
CA GLY C 237 -6.77 35.78 -6.22
C GLY C 237 -6.48 35.92 -4.72
N LYS C 238 -7.18 36.88 -4.13
CA LYS C 238 -7.03 37.23 -2.73
C LYS C 238 -8.00 36.49 -1.83
N ARG C 239 -7.52 36.19 -0.60
CA ARG C 239 -8.37 35.60 0.43
C ARG C 239 -9.01 34.29 -0.03
N CYS C 240 -8.33 33.57 -0.92
CA CYS C 240 -8.79 32.23 -1.27
C CYS C 240 -8.34 31.19 -0.25
N LEU C 241 -9.06 30.08 -0.23
CA LEU C 241 -8.66 28.99 0.62
C LEU C 241 -8.69 27.66 -0.10
N LEU C 242 -7.53 27.00 -0.24
CA LEU C 242 -7.54 25.61 -0.75
C LEU C 242 -7.40 24.57 0.37
N GLY C 243 -8.39 23.69 0.52
CA GLY C 243 -8.34 22.72 1.62
C GLY C 243 -7.18 21.75 1.43
N ALA C 244 -6.81 21.05 2.50
CA ALA C 244 -5.74 20.07 2.42
C ALA C 244 -6.07 19.00 1.40
N ASN C 245 -5.04 18.56 0.65
CA ASN C 245 -5.18 17.52 -0.38
C ASN C 245 -6.18 17.84 -1.48
N SER C 246 -6.53 19.10 -1.63
CA SER C 246 -7.41 19.53 -2.72
C SER C 246 -6.58 19.74 -4.01
N GLY C 247 -7.24 20.06 -5.10
CA GLY C 247 -6.57 20.29 -6.36
C GLY C 247 -7.30 21.34 -7.15
N LEU C 248 -6.54 22.12 -7.91
CA LEU C 248 -7.06 23.20 -8.74
C LEU C 248 -6.47 23.23 -10.17
N GLY C 249 -7.36 23.21 -11.15
CA GLY C 249 -6.96 23.28 -12.54
C GLY C 249 -7.64 24.44 -13.26
N ILE C 250 -8.27 25.36 -12.53
CA ILE C 250 -8.80 26.61 -13.10
C ILE C 250 -8.30 27.82 -12.26
N SER C 251 -8.37 29.02 -12.82
CA SER C 251 -8.08 30.19 -12.03
C SER C 251 -9.25 30.48 -11.09
N LEU C 252 -8.91 30.97 -9.90
CA LEU C 252 -9.92 31.49 -8.98
C LEU C 252 -9.73 33.00 -8.84
N GLY C 253 -10.81 33.73 -8.64
CA GLY C 253 -10.72 35.15 -8.34
C GLY C 253 -10.52 35.29 -6.85
N ASP C 254 -11.24 36.22 -6.23
CA ASP C 254 -11.02 36.47 -4.83
C ASP C 254 -12.03 35.72 -4.01
N ASP C 255 -11.68 35.38 -2.78
CA ASP C 255 -12.70 34.85 -1.85
C ASP C 255 -13.30 33.52 -2.32
N CYS C 256 -12.47 32.64 -2.88
CA CYS C 256 -12.93 31.30 -3.26
C CYS C 256 -12.46 30.25 -2.26
N VAL C 257 -13.22 29.14 -2.16
CA VAL C 257 -12.84 28.00 -1.33
C VAL C 257 -12.93 26.69 -2.13
N VAL C 258 -11.88 25.87 -2.04
CA VAL C 258 -11.97 24.51 -2.49
C VAL C 258 -11.89 23.63 -1.26
N GLU C 259 -12.94 22.83 -1.04
CA GLU C 259 -13.00 21.90 0.08
C GLU C 259 -11.87 20.85 0.09
N ALA C 260 -11.53 20.36 1.27
CA ALA C 260 -10.38 19.52 1.46
C ALA C 260 -10.64 18.23 0.70
N GLY C 261 -9.62 17.69 0.10
CA GLY C 261 -9.83 16.45 -0.61
C GLY C 261 -10.39 16.54 -2.02
N LEU C 262 -10.86 17.73 -2.44
CA LEU C 262 -11.51 17.89 -3.78
C LEU C 262 -10.52 18.39 -4.85
N TYR C 263 -10.38 17.65 -5.97
CA TYR C 263 -9.62 18.12 -7.15
C TYR C 263 -10.59 18.74 -8.23
N VAL C 264 -10.64 20.08 -8.36
CA VAL C 264 -11.45 20.74 -9.42
C VAL C 264 -10.57 20.94 -10.66
N THR C 265 -10.76 20.10 -11.65
CA THR C 265 -10.02 20.21 -12.90
C THR C 265 -10.86 21.02 -13.87
N ALA C 266 -10.21 21.60 -14.88
CA ALA C 266 -10.93 22.37 -15.90
C ALA C 266 -12.08 21.60 -16.49
N GLY C 267 -11.97 20.27 -16.54
CA GLY C 267 -13.03 19.48 -17.21
C GLY C 267 -13.99 18.85 -16.23
N THR C 268 -13.84 19.12 -14.94
CA THR C 268 -14.82 18.66 -13.94
C THR C 268 -16.17 19.35 -14.18
N ARG C 269 -17.21 18.58 -14.37
CA ARG C 269 -18.55 19.14 -14.49
C ARG C 269 -19.02 19.58 -13.09
N VAL C 270 -19.40 20.83 -12.92
CA VAL C 270 -19.87 21.24 -11.61
C VAL C 270 -21.34 21.64 -11.65
N THR C 271 -22.05 21.27 -10.61
CA THR C 271 -23.45 21.61 -10.51
C THR C 271 -23.66 22.90 -9.75
N MET C 272 -24.43 23.79 -10.36
CA MET C 272 -24.79 25.05 -9.73
C MET C 272 -26.06 25.00 -8.89
N PRO C 273 -26.24 26.03 -8.08
CA PRO C 273 -27.39 26.10 -7.18
C PRO C 273 -28.67 25.85 -7.97
N ASP C 274 -28.78 26.41 -9.18
CA ASP C 274 -29.98 26.18 -10.04
C ASP C 274 -30.18 24.74 -10.57
N SER C 275 -29.22 23.83 -10.35
CA SER C 275 -29.36 22.46 -10.87
C SER C 275 -28.68 22.27 -12.24
N ASN C 276 -28.40 23.39 -12.92
CA ASN C 276 -27.65 23.35 -14.16
C ASN C 276 -26.15 23.08 -13.89
N SER C 277 -25.53 22.19 -14.68
CA SER C 277 -24.10 21.94 -14.53
C SER C 277 -23.35 22.61 -15.65
N VAL C 278 -22.05 22.76 -15.44
CA VAL C 278 -21.18 23.36 -16.39
C VAL C 278 -19.77 22.84 -16.09
N LYS C 279 -18.87 22.90 -17.06
CA LYS C 279 -17.49 22.53 -16.83
C LYS C 279 -16.84 23.63 -16.03
N ALA C 280 -15.94 23.27 -15.12
CA ALA C 280 -15.36 24.25 -14.22
C ALA C 280 -14.62 25.40 -14.98
N ARG C 281 -14.06 25.12 -16.17
CA ARG C 281 -13.30 26.15 -16.86
C ARG C 281 -14.16 27.34 -17.23
N GLU C 282 -15.46 27.10 -17.39
CA GLU C 282 -16.39 28.17 -17.64
C GLU C 282 -16.49 29.11 -16.44
N LEU C 283 -16.04 28.69 -15.27
CA LEU C 283 -16.08 29.55 -14.10
C LEU C 283 -14.70 30.10 -13.81
N SER C 284 -13.73 29.74 -14.62
CA SER C 284 -12.38 30.16 -14.40
C SER C 284 -12.31 31.66 -14.08
N GLY C 285 -11.72 32.01 -12.95
CA GLY C 285 -11.47 33.42 -12.62
C GLY C 285 -12.61 34.14 -11.91
N SER C 286 -13.74 33.48 -11.74
CA SER C 286 -14.84 34.02 -10.93
C SER C 286 -14.49 34.10 -9.43
N SER C 287 -15.22 34.95 -8.71
CA SER C 287 -14.99 35.16 -7.30
C SER C 287 -16.14 34.63 -6.42
N ASN C 288 -15.90 34.52 -5.11
CA ASN C 288 -16.94 34.16 -4.09
C ASN C 288 -17.53 32.78 -4.30
N LEU C 289 -16.71 31.84 -4.74
CA LEU C 289 -17.21 30.52 -5.13
C LEU C 289 -16.78 29.46 -4.11
N LEU C 290 -17.72 28.65 -3.67
CA LEU C 290 -17.32 27.48 -2.90
C LEU C 290 -17.46 26.17 -3.71
N PHE C 291 -16.37 25.44 -3.89
CA PHE C 291 -16.41 24.13 -4.54
C PHE C 291 -16.43 22.97 -3.53
N ARG C 292 -17.35 22.04 -3.70
CA ARG C 292 -17.33 20.95 -2.75
C ARG C 292 -17.91 19.69 -3.30
N ARG C 293 -17.60 18.57 -2.67
CA ARG C 293 -18.29 17.36 -3.08
C ARG C 293 -19.35 16.97 -2.07
N ASN C 294 -20.57 16.99 -2.52
CA ASN C 294 -21.69 16.40 -1.79
C ASN C 294 -21.36 15.00 -1.20
N SER C 295 -21.24 14.94 0.13
CA SER C 295 -20.97 13.68 0.85
C SER C 295 -22.12 12.69 0.66
N VAL C 296 -23.22 13.19 0.11
CA VAL C 296 -24.43 12.37 -0.03
C VAL C 296 -24.70 11.88 -1.47
N SER C 297 -24.64 12.79 -2.45
CA SER C 297 -24.88 12.38 -3.84
C SER C 297 -23.56 12.14 -4.60
N GLY C 298 -22.43 12.57 -4.05
CA GLY C 298 -21.12 12.42 -4.74
C GLY C 298 -20.76 13.48 -5.79
N ALA C 299 -21.78 14.23 -6.22
CA ALA C 299 -21.64 15.35 -7.15
C ALA C 299 -20.75 16.52 -6.68
N VAL C 300 -19.89 17.01 -7.57
CA VAL C 300 -19.21 18.31 -7.43
C VAL C 300 -20.18 19.49 -7.68
N GLU C 301 -20.29 20.34 -6.66
CA GLU C 301 -21.21 21.47 -6.62
C GLU C 301 -20.38 22.70 -6.42
N VAL C 302 -20.92 23.80 -6.90
CA VAL C 302 -20.37 25.07 -6.58
C VAL C 302 -21.50 25.91 -5.97
N LEU C 303 -21.16 26.64 -4.89
CA LEU C 303 -22.08 27.51 -4.19
C LEU C 303 -21.47 28.90 -4.15
N ALA C 304 -22.31 29.90 -3.91
CA ALA C 304 -21.83 31.27 -3.67
C ALA C 304 -21.43 31.38 -2.22
N ARG C 305 -20.37 32.11 -1.89
CA ARG C 305 -20.16 32.37 -0.45
C ARG C 305 -20.53 33.78 0.00
N VAL D 6 27.54 -19.38 15.62
CA VAL D 6 26.61 -19.85 16.69
C VAL D 6 26.88 -19.32 18.13
N THR D 7 25.81 -19.38 18.92
CA THR D 7 25.72 -18.77 20.24
C THR D 7 25.53 -19.81 21.32
N GLY D 8 26.27 -19.62 22.39
CA GLY D 8 26.14 -20.47 23.57
C GLY D 8 25.42 -19.71 24.68
N ALA D 9 25.47 -20.27 25.88
CA ALA D 9 24.93 -19.52 26.97
C ALA D 9 25.60 -20.04 28.23
N ALA D 10 25.43 -19.33 29.35
CA ALA D 10 26.06 -19.73 30.62
C ALA D 10 25.40 -19.01 31.80
N GLY D 11 25.49 -19.60 32.98
CA GLY D 11 24.88 -18.98 34.11
C GLY D 11 25.40 -19.64 35.35
N ILE D 12 25.51 -18.83 36.40
CA ILE D 12 25.71 -19.31 37.76
C ILE D 12 24.35 -19.57 38.35
N GLY D 13 24.16 -20.76 38.90
CA GLY D 13 22.84 -21.09 39.39
C GLY D 13 22.89 -21.68 40.79
N LEU D 14 21.73 -21.77 41.41
CA LEU D 14 21.61 -22.44 42.65
C LEU D 14 20.68 -23.59 42.38
N ALA D 15 21.22 -24.80 42.45
CA ALA D 15 20.43 -25.97 42.12
C ALA D 15 19.96 -26.67 43.35
N THR D 16 18.76 -27.24 43.34
CA THR D 16 18.36 -28.14 44.40
C THR D 16 18.28 -29.58 43.89
N LEU D 17 18.96 -30.48 44.62
CA LEU D 17 19.02 -31.89 44.30
C LEU D 17 18.17 -32.69 45.27
N ALA D 18 17.56 -33.76 44.77
CA ALA D 18 16.76 -34.64 45.61
C ALA D 18 17.70 -35.58 46.36
N ALA D 19 17.15 -36.44 47.23
CA ALA D 19 18.01 -37.32 48.01
C ALA D 19 18.82 -38.26 47.12
N ASP D 20 18.31 -38.61 45.95
CA ASP D 20 19.03 -39.59 45.12
C ASP D 20 19.92 -38.84 44.15
N GLY D 21 20.05 -37.51 44.30
CA GLY D 21 20.99 -36.74 43.49
C GLY D 21 20.31 -36.20 42.21
N SER D 22 19.05 -36.53 41.99
CA SER D 22 18.41 -35.95 40.81
C SER D 22 18.18 -34.40 40.91
N VAL D 23 18.29 -33.69 39.79
CA VAL D 23 18.14 -32.26 39.83
C VAL D 23 16.64 -31.89 39.88
N LEU D 24 16.21 -31.31 40.99
CA LEU D 24 14.82 -30.77 41.08
C LEU D 24 14.67 -29.43 40.37
N ASP D 25 15.56 -28.47 40.64
CA ASP D 25 15.50 -27.26 39.83
C ASP D 25 16.81 -26.55 39.83
N THR D 26 16.88 -25.46 39.12
CA THR D 26 18.04 -24.58 39.24
C THR D 26 17.55 -23.16 38.98
N TRP D 27 17.93 -22.22 39.85
CA TRP D 27 17.63 -20.80 39.70
C TRP D 27 18.92 -20.08 39.27
N PHE D 28 18.87 -19.42 38.12
CA PHE D 28 20.00 -18.68 37.58
C PHE D 28 19.66 -17.22 37.67
N PRO D 29 20.30 -16.50 38.65
CA PRO D 29 19.92 -15.10 38.76
C PRO D 29 20.27 -14.30 37.52
N ALA D 30 21.42 -14.55 36.87
CA ALA D 30 21.92 -13.67 35.82
C ALA D 30 22.41 -14.52 34.68
N PRO D 31 21.50 -15.16 33.96
CA PRO D 31 21.99 -15.91 32.80
C PRO D 31 22.47 -14.97 31.68
N GLU D 32 23.40 -15.43 30.84
CA GLU D 32 23.79 -14.62 29.70
C GLU D 32 24.12 -15.44 28.45
N LEU D 33 24.05 -14.77 27.29
CA LEU D 33 24.50 -15.40 26.05
C LEU D 33 26.01 -15.33 25.93
N THR D 34 26.61 -16.28 25.22
CA THR D 34 28.09 -16.36 25.12
C THR D 34 28.52 -16.93 23.75
N GLU D 35 29.81 -16.93 23.44
CA GLU D 35 30.33 -17.60 22.22
C GLU D 35 30.22 -19.14 22.23
N SER D 36 30.33 -19.74 21.03
CA SER D 36 30.34 -21.22 20.87
C SER D 36 31.23 -21.82 21.93
N GLY D 37 30.82 -22.92 22.55
CA GLY D 37 31.63 -23.46 23.65
C GLY D 37 31.33 -24.92 23.92
N THR D 38 31.62 -25.35 25.16
CA THR D 38 31.40 -26.75 25.54
C THR D 38 30.42 -26.88 26.68
N SER D 39 29.33 -27.57 26.41
CA SER D 39 28.31 -27.82 27.39
C SER D 39 28.84 -28.60 28.63
N ALA D 40 28.58 -28.11 29.84
CA ALA D 40 28.98 -28.79 31.05
C ALA D 40 28.39 -28.04 32.22
N THR D 41 28.04 -28.76 33.27
CA THR D 41 27.70 -28.08 34.49
C THR D 41 28.77 -28.47 35.44
N SER D 42 29.31 -27.48 36.16
CA SER D 42 30.30 -27.78 37.22
C SER D 42 29.91 -27.18 38.59
N ARG D 43 30.47 -27.75 39.64
CA ARG D 43 30.28 -27.23 40.98
C ARG D 43 31.19 -26.05 41.16
N LEU D 44 30.64 -24.94 41.62
CA LEU D 44 31.47 -23.78 41.77
C LEU D 44 32.37 -23.96 42.98
N ALA D 45 33.66 -23.68 42.82
CA ALA D 45 34.57 -23.59 43.95
C ALA D 45 34.13 -22.44 44.86
N VAL D 46 34.55 -22.54 46.13
CA VAL D 46 34.20 -21.52 47.12
C VAL D 46 34.41 -20.10 46.61
N SER D 47 35.59 -19.80 46.06
CA SER D 47 35.86 -18.42 45.73
C SER D 47 35.00 -17.90 44.58
N ASP D 48 34.35 -18.77 43.80
CA ASP D 48 33.54 -18.30 42.68
C ASP D 48 32.05 -18.24 42.98
N VAL D 49 31.63 -18.53 44.20
CA VAL D 49 30.23 -18.43 44.52
C VAL D 49 29.88 -16.96 44.81
N PRO D 50 28.89 -16.36 44.10
CA PRO D 50 28.57 -14.95 44.42
C PRO D 50 28.12 -14.83 45.85
N VAL D 51 28.35 -13.67 46.46
CA VAL D 51 27.97 -13.49 47.88
C VAL D 51 26.50 -13.71 48.15
N GLU D 52 25.63 -13.25 47.27
CA GLU D 52 24.17 -13.47 47.46
C GLU D 52 23.86 -14.92 47.53
N LEU D 53 24.66 -15.76 46.88
CA LEU D 53 24.22 -17.11 46.76
C LEU D 53 24.81 -17.98 47.92
N ALA D 54 25.92 -17.53 48.49
CA ALA D 54 26.63 -18.33 49.50
C ALA D 54 25.80 -18.55 50.73
N ALA D 55 25.02 -17.56 51.13
CA ALA D 55 24.13 -17.75 52.28
C ALA D 55 23.01 -18.78 52.04
N LEU D 56 22.83 -19.23 50.79
CA LEU D 56 21.63 -20.00 50.38
C LEU D 56 21.98 -21.48 50.18
N ILE D 57 23.26 -21.83 50.21
CA ILE D 57 23.69 -23.18 49.97
C ILE D 57 23.44 -23.97 51.27
N GLY D 58 22.94 -25.19 51.17
CA GLY D 58 22.75 -25.92 52.41
C GLY D 58 22.14 -27.25 52.12
N ARG D 59 21.78 -27.98 53.17
CA ARG D 59 21.21 -29.27 53.12
C ARG D 59 19.93 -29.18 53.98
N ASP D 60 18.81 -29.68 53.47
CA ASP D 60 17.55 -29.64 54.24
C ASP D 60 17.23 -31.05 54.67
N ASP D 61 17.39 -31.35 55.97
CA ASP D 61 17.17 -32.69 56.50
C ASP D 61 15.71 -33.17 56.44
N ASP D 62 14.76 -32.28 56.47
CA ASP D 62 13.37 -32.70 56.43
C ASP D 62 13.03 -33.10 55.02
N ARG D 63 13.43 -32.28 54.04
CA ARG D 63 13.15 -32.59 52.64
C ARG D 63 14.14 -33.58 52.11
N ARG D 64 15.23 -33.77 52.78
CA ARG D 64 16.29 -34.62 52.23
C ARG D 64 16.79 -34.12 50.88
N THR D 65 17.10 -32.82 50.79
CA THR D 65 17.57 -32.17 49.55
C THR D 65 18.83 -31.42 49.89
N GLU D 66 19.62 -31.01 48.87
CA GLU D 66 20.71 -30.13 49.09
C GLU D 66 20.55 -29.04 48.06
N THR D 67 21.06 -27.86 48.36
CA THR D 67 21.01 -26.78 47.43
C THR D 67 22.47 -26.39 47.24
N ILE D 68 22.90 -26.33 45.98
CA ILE D 68 24.33 -26.26 45.64
C ILE D 68 24.55 -25.16 44.61
N ALA D 69 25.74 -24.59 44.57
CA ALA D 69 26.03 -23.53 43.60
C ALA D 69 26.74 -24.15 42.38
N VAL D 70 26.24 -23.88 41.18
CA VAL D 70 26.78 -24.48 39.97
C VAL D 70 27.01 -23.40 38.89
N ARG D 71 27.84 -23.74 37.93
CA ARG D 71 27.88 -22.99 36.69
C ARG D 71 27.57 -23.94 35.53
N THR D 72 26.56 -23.58 34.77
CA THR D 72 26.10 -24.31 33.63
C THR D 72 26.48 -23.58 32.35
N VAL D 73 27.10 -24.31 31.41
CA VAL D 73 27.47 -23.73 30.12
C VAL D 73 26.73 -24.49 29.03
N ILE D 74 26.21 -23.78 28.04
CA ILE D 74 25.61 -24.42 26.89
C ILE D 74 26.52 -24.08 25.70
N GLY D 75 27.14 -25.08 25.09
CA GLY D 75 28.00 -24.80 23.91
C GLY D 75 27.27 -24.18 22.71
N SER D 76 26.05 -24.67 22.45
CA SER D 76 25.22 -24.22 21.37
C SER D 76 23.75 -24.34 21.69
N LEU D 77 23.02 -23.24 21.46
CA LEU D 77 21.59 -23.14 21.72
C LEU D 77 20.76 -23.97 20.74
N ASP D 78 21.40 -24.31 19.62
CA ASP D 78 20.84 -25.22 18.65
C ASP D 78 20.81 -26.66 19.12
N ASP D 79 21.68 -27.02 20.08
CA ASP D 79 21.64 -28.37 20.62
C ASP D 79 20.45 -28.58 21.57
N VAL D 80 20.07 -29.84 21.74
CA VAL D 80 18.97 -30.16 22.61
C VAL D 80 19.52 -30.08 24.05
N ALA D 81 18.67 -29.81 25.02
CA ALA D 81 19.11 -29.85 26.42
C ALA D 81 19.69 -31.23 26.81
N ALA D 82 20.91 -31.20 27.29
CA ALA D 82 21.66 -32.35 27.78
C ALA D 82 21.18 -32.90 29.17
N ASP D 83 20.64 -32.05 30.04
CA ASP D 83 20.45 -32.44 31.46
C ASP D 83 19.53 -31.40 32.07
N PRO D 84 19.07 -31.57 33.34
CA PRO D 84 18.16 -30.55 33.75
C PRO D 84 18.80 -29.19 33.95
N TYR D 85 20.09 -29.12 34.31
CA TYR D 85 20.65 -27.77 34.53
C TYR D 85 20.54 -26.97 33.24
N ASP D 86 20.92 -27.61 32.16
CA ASP D 86 20.86 -27.09 30.81
C ASP D 86 19.41 -26.68 30.45
N ALA D 87 18.46 -27.58 30.65
CA ALA D 87 17.05 -27.24 30.46
C ALA D 87 16.61 -25.96 31.24
N TYR D 88 16.96 -25.90 32.52
CA TYR D 88 16.59 -24.73 33.30
C TYR D 88 17.22 -23.43 32.73
N LEU D 89 18.48 -23.51 32.30
CA LEU D 89 19.16 -22.34 31.75
C LEU D 89 18.41 -21.83 30.47
N ARG D 90 18.01 -22.77 29.63
CA ARG D 90 17.21 -22.42 28.43
C ARG D 90 15.90 -21.76 28.77
N LEU D 91 15.17 -22.27 29.76
CA LEU D 91 13.93 -21.65 30.18
C LEU D 91 14.13 -20.25 30.76
N HIS D 92 15.16 -20.06 31.58
CA HIS D 92 15.63 -18.70 31.96
C HIS D 92 15.91 -17.76 30.83
N LEU D 93 16.60 -18.22 29.80
CA LEU D 93 16.98 -17.33 28.72
C LEU D 93 15.71 -16.84 28.05
N LEU D 94 14.76 -17.76 27.86
CA LEU D 94 13.44 -17.39 27.33
C LEU D 94 12.71 -16.35 28.22
N SER D 95 12.51 -16.65 29.49
CA SER D 95 11.79 -15.70 30.40
C SER D 95 12.47 -14.36 30.70
N HIS D 96 13.82 -14.35 30.67
CA HIS D 96 14.58 -13.11 30.72
C HIS D 96 14.56 -12.38 29.37
N ARG D 97 13.93 -12.94 28.33
CA ARG D 97 13.79 -12.27 27.03
C ARG D 97 15.15 -12.08 26.37
N LEU D 98 16.14 -12.87 26.79
CA LEU D 98 17.43 -12.81 26.15
C LEU D 98 17.41 -13.55 24.83
N VAL D 99 16.46 -14.45 24.69
CA VAL D 99 16.25 -15.19 23.48
C VAL D 99 14.74 -15.20 23.36
N ALA D 100 14.26 -15.07 22.14
CA ALA D 100 12.84 -15.03 21.85
C ALA D 100 12.42 -16.49 21.61
N PRO D 101 11.13 -16.80 21.60
CA PRO D 101 10.76 -18.19 21.32
C PRO D 101 11.23 -18.69 19.95
N HIS D 102 11.57 -19.98 19.84
CA HIS D 102 12.28 -20.58 18.67
C HIS D 102 13.70 -20.08 18.47
N GLY D 103 14.17 -19.27 19.41
CA GLY D 103 15.52 -18.75 19.26
C GLY D 103 16.49 -19.74 19.87
N LEU D 104 15.99 -20.77 20.53
CA LEU D 104 16.91 -21.83 20.95
C LEU D 104 16.10 -23.13 20.81
N ASN D 105 16.78 -24.28 20.83
CA ASN D 105 16.13 -25.60 20.81
C ASN D 105 15.45 -25.90 22.15
N ALA D 106 14.11 -25.89 22.16
CA ALA D 106 13.38 -26.25 23.36
C ALA D 106 12.76 -27.67 23.28
N GLY D 107 13.28 -28.50 22.38
CA GLY D 107 12.80 -29.87 22.20
C GLY D 107 13.30 -30.75 23.34
N GLY D 108 12.63 -31.87 23.56
CA GLY D 108 13.14 -32.87 24.50
C GLY D 108 13.08 -32.56 25.99
N LEU D 109 12.38 -31.50 26.42
CA LEU D 109 12.47 -31.08 27.85
C LEU D 109 11.69 -32.00 28.77
N PHE D 110 10.55 -32.43 28.30
CA PHE D 110 9.76 -33.36 29.06
C PHE D 110 10.59 -34.59 29.44
N GLY D 111 11.45 -35.04 28.51
CA GLY D 111 12.24 -36.21 28.77
C GLY D 111 13.38 -35.88 29.69
N VAL D 112 13.74 -34.62 29.79
CA VAL D 112 14.95 -34.30 30.55
C VAL D 112 14.66 -33.83 31.99
N LEU D 113 13.57 -33.09 32.16
CA LEU D 113 13.26 -32.51 33.45
C LEU D 113 12.75 -33.54 34.48
N THR D 114 13.04 -33.31 35.77
CA THR D 114 12.47 -34.13 36.84
C THR D 114 11.03 -33.66 37.18
N ASN D 115 10.14 -34.60 37.43
CA ASN D 115 8.82 -34.26 38.01
C ASN D 115 9.00 -33.88 39.48
N VAL D 116 8.49 -32.74 39.90
CA VAL D 116 8.82 -32.15 41.21
C VAL D 116 7.58 -31.82 41.98
N VAL D 117 7.60 -32.09 43.28
CA VAL D 117 6.51 -31.59 44.16
C VAL D 117 6.91 -30.19 44.64
N TRP D 118 6.25 -29.14 44.15
CA TRP D 118 6.64 -27.75 44.48
C TRP D 118 5.88 -27.33 45.73
N THR D 119 6.58 -27.05 46.82
CA THR D 119 5.89 -26.79 48.08
C THR D 119 6.26 -25.38 48.62
N ASN D 120 5.53 -24.95 49.63
CA ASN D 120 5.92 -23.78 50.36
C ASN D 120 7.22 -23.93 51.20
N HIS D 121 7.88 -25.12 51.13
CA HIS D 121 9.21 -25.30 51.73
C HIS D 121 10.22 -25.54 50.66
N GLY D 122 9.83 -25.34 49.41
CA GLY D 122 10.77 -25.46 48.29
C GLY D 122 10.40 -26.71 47.49
N PRO D 123 11.22 -27.03 46.46
CA PRO D 123 11.04 -28.21 45.63
C PRO D 123 11.36 -29.48 46.45
N CYS D 124 10.59 -30.53 46.22
CA CYS D 124 10.77 -31.81 46.88
C CYS D 124 10.66 -32.91 45.83
N ALA D 125 11.26 -34.06 46.10
CA ALA D 125 11.09 -35.18 45.18
C ALA D 125 9.70 -35.85 45.37
N ILE D 126 9.28 -36.64 44.38
CA ILE D 126 8.08 -37.48 44.55
C ILE D 126 8.41 -38.54 45.56
N ASP D 127 9.60 -39.14 45.43
CA ASP D 127 10.00 -40.20 46.33
C ASP D 127 10.05 -39.83 47.80
N GLY D 128 9.38 -40.66 48.60
CA GLY D 128 9.35 -40.41 50.03
C GLY D 128 8.57 -39.13 50.40
N PHE D 129 7.70 -38.64 49.52
CA PHE D 129 7.13 -37.29 49.81
C PHE D 129 6.18 -37.29 51.03
N GLU D 130 5.44 -38.37 51.28
CA GLU D 130 4.49 -38.30 52.34
C GLU D 130 5.22 -38.24 53.71
N ALA D 131 6.38 -38.90 53.84
CA ALA D 131 7.15 -38.80 55.10
C ALA D 131 7.83 -37.42 55.20
N VAL D 132 8.27 -36.88 54.09
CA VAL D 132 8.78 -35.50 54.06
C VAL D 132 7.67 -34.53 54.52
N ARG D 133 6.45 -34.74 54.06
CA ARG D 133 5.34 -33.88 54.41
C ARG D 133 5.13 -33.91 55.94
N ALA D 134 5.07 -35.09 56.53
CA ALA D 134 4.93 -35.18 57.97
C ALA D 134 6.07 -34.44 58.74
N ARG D 135 7.33 -34.53 58.31
CA ARG D 135 8.43 -33.86 58.99
C ARG D 135 8.25 -32.33 58.80
N LEU D 136 7.91 -31.91 57.59
CA LEU D 136 7.78 -30.50 57.33
C LEU D 136 6.62 -29.84 58.09
N ARG D 137 5.55 -30.60 58.38
CA ARG D 137 4.45 -30.11 59.19
C ARG D 137 4.92 -29.70 60.61
N ARG D 138 6.09 -30.16 61.06
CA ARG D 138 6.62 -29.66 62.31
C ARG D 138 6.98 -28.15 62.15
N ARG D 139 7.17 -27.66 60.93
CA ARG D 139 7.48 -26.24 60.74
C ARG D 139 6.20 -25.41 60.62
N GLY D 140 5.10 -26.03 60.22
CA GLY D 140 3.82 -25.32 59.97
C GLY D 140 3.15 -26.03 58.79
N PRO D 141 2.12 -25.41 58.20
CA PRO D 141 1.37 -25.99 57.10
C PRO D 141 2.27 -26.39 55.95
N VAL D 142 1.90 -27.50 55.29
CA VAL D 142 2.60 -27.90 54.07
C VAL D 142 1.67 -27.73 52.92
N THR D 143 2.03 -26.80 52.03
CA THR D 143 1.19 -26.46 50.88
C THR D 143 1.89 -26.88 49.60
N VAL D 144 1.17 -27.62 48.75
CA VAL D 144 1.79 -28.09 47.51
C VAL D 144 1.13 -27.26 46.41
N TYR D 145 1.95 -26.51 45.68
CA TYR D 145 1.45 -25.62 44.65
C TYR D 145 1.19 -26.42 43.36
N GLY D 146 1.97 -27.46 43.12
CA GLY D 146 1.85 -28.20 41.88
C GLY D 146 2.81 -29.39 41.87
N VAL D 147 2.64 -30.28 40.91
CA VAL D 147 3.49 -31.48 40.81
C VAL D 147 3.75 -31.55 39.32
N ASP D 148 4.93 -31.07 38.89
CA ASP D 148 5.13 -30.93 37.45
C ASP D 148 6.62 -30.77 37.18
N LYS D 149 7.00 -30.98 35.91
CA LYS D 149 8.38 -30.76 35.45
C LYS D 149 8.70 -29.25 35.29
N PHE D 150 7.69 -28.41 35.17
CA PHE D 150 7.88 -26.98 34.87
C PHE D 150 7.38 -26.13 36.03
N PRO D 151 8.23 -25.26 36.57
CA PRO D 151 7.69 -24.49 37.71
C PRO D 151 7.11 -23.15 37.21
N ARG D 152 6.81 -22.26 38.16
CA ARG D 152 6.19 -20.97 37.89
C ARG D 152 7.25 -19.92 37.54
N MET D 153 7.14 -19.31 36.36
CA MET D 153 8.15 -18.35 35.92
C MET D 153 8.58 -17.36 36.98
N VAL D 154 7.59 -16.74 37.66
CA VAL D 154 7.83 -15.59 38.50
C VAL D 154 8.65 -15.95 39.71
N ASP D 155 8.75 -17.22 39.95
CA ASP D 155 9.52 -17.71 41.09
C ASP D 155 11.00 -17.80 40.74
N TYR D 156 11.35 -17.41 39.50
CA TYR D 156 12.76 -17.36 39.03
C TYR D 156 13.06 -15.97 38.53
N VAL D 157 12.16 -15.36 37.75
CA VAL D 157 12.45 -13.99 37.33
C VAL D 157 11.13 -13.22 37.17
N VAL D 158 11.08 -11.95 37.58
CA VAL D 158 9.92 -11.11 37.19
C VAL D 158 10.37 -10.15 36.11
N PRO D 159 9.96 -10.40 34.85
CA PRO D 159 10.31 -9.48 33.74
C PRO D 159 9.65 -8.09 33.86
N THR D 160 10.34 -7.05 33.40
CA THR D 160 9.87 -5.71 33.60
C THR D 160 8.80 -5.44 32.55
N GLY D 161 7.93 -4.49 32.84
CA GLY D 161 6.94 -4.00 31.90
C GLY D 161 5.79 -4.96 31.77
N VAL D 162 5.65 -5.87 32.74
CA VAL D 162 4.67 -6.94 32.65
C VAL D 162 3.73 -7.00 33.86
N ARG D 163 2.48 -7.41 33.62
CA ARG D 163 1.54 -7.83 34.70
C ARG D 163 1.07 -9.26 34.47
N ILE D 164 0.97 -10.00 35.58
CA ILE D 164 0.50 -11.36 35.56
C ILE D 164 -0.49 -11.45 36.76
N ALA D 165 -1.78 -11.38 36.50
CA ALA D 165 -2.73 -11.38 37.62
C ALA D 165 -2.65 -12.66 38.48
N ASP D 166 -2.47 -13.80 37.83
CA ASP D 166 -2.39 -15.07 38.59
C ASP D 166 -1.15 -15.82 38.12
N ALA D 167 -0.08 -15.76 38.91
CA ALA D 167 1.22 -16.24 38.40
C ALA D 167 1.36 -17.78 38.41
N ASP D 168 0.30 -18.48 38.83
CA ASP D 168 0.27 -19.95 38.60
C ASP D 168 0.15 -20.31 37.12
N ARG D 169 -0.26 -19.32 36.29
CA ARG D 169 -0.58 -19.56 34.88
C ARG D 169 0.50 -19.16 33.91
N VAL D 170 1.72 -18.93 34.41
CA VAL D 170 2.80 -18.67 33.49
C VAL D 170 4.00 -19.58 33.84
N ARG D 171 4.28 -20.58 33.01
CA ARG D 171 5.43 -21.41 33.24
C ARG D 171 6.75 -20.69 32.99
N LEU D 172 7.77 -21.13 33.73
CA LEU D 172 9.14 -20.73 33.44
C LEU D 172 9.42 -21.15 32.01
N GLY D 173 10.04 -20.26 31.25
CA GLY D 173 10.20 -20.52 29.80
C GLY D 173 9.26 -19.64 28.97
N ALA D 174 8.24 -19.06 29.61
CA ALA D 174 7.35 -18.12 28.90
C ALA D 174 8.07 -16.82 28.67
N HIS D 175 7.86 -16.26 27.48
CA HIS D 175 8.49 -15.05 27.06
C HIS D 175 7.48 -13.91 26.91
N LEU D 176 7.52 -12.95 27.85
CA LEU D 176 6.51 -11.91 27.88
C LEU D 176 7.11 -10.57 27.66
N ALA D 177 6.78 -9.96 26.53
CA ALA D 177 7.45 -8.70 26.16
C ALA D 177 6.89 -7.52 26.97
N PRO D 178 7.67 -6.40 27.10
CA PRO D 178 7.15 -5.26 27.82
C PRO D 178 5.75 -4.83 27.30
N GLY D 179 4.85 -4.53 28.21
CA GLY D 179 3.52 -4.01 27.88
C GLY D 179 2.51 -5.15 27.89
N THR D 180 3.00 -6.36 28.13
CA THR D 180 2.12 -7.51 28.20
C THR D 180 1.50 -7.62 29.57
N THR D 181 0.21 -7.95 29.56
CA THR D 181 -0.53 -8.27 30.75
C THR D 181 -1.14 -9.65 30.57
N VAL D 182 -0.89 -10.56 31.50
CA VAL D 182 -1.61 -11.83 31.50
C VAL D 182 -2.69 -11.81 32.56
N MET D 183 -3.95 -12.00 32.17
CA MET D 183 -5.04 -11.89 33.10
C MET D 183 -5.33 -13.28 33.68
N HIS D 184 -6.28 -13.41 34.59
CA HIS D 184 -6.46 -14.68 35.36
C HIS D 184 -6.76 -15.86 34.47
N GLU D 185 -7.39 -15.61 33.36
CA GLU D 185 -7.77 -16.67 32.46
C GLU D 185 -6.69 -16.91 31.38
N GLY D 186 -5.75 -15.98 31.29
CA GLY D 186 -4.60 -16.17 30.42
C GLY D 186 -3.73 -17.37 30.86
N PHE D 187 -3.01 -17.97 29.91
CA PHE D 187 -2.01 -18.97 30.23
C PHE D 187 -0.92 -18.91 29.20
N VAL D 188 0.36 -18.99 29.62
CA VAL D 188 1.46 -18.95 28.66
C VAL D 188 2.41 -20.09 28.99
N ASN D 189 2.55 -20.98 28.03
CA ASN D 189 3.42 -22.15 28.16
C ASN D 189 4.88 -21.76 27.90
N TYR D 190 5.81 -22.71 27.99
CA TYR D 190 7.18 -22.37 27.76
C TYR D 190 7.46 -22.28 26.23
N ASN D 191 8.52 -21.53 25.86
CA ASN D 191 8.89 -21.33 24.45
C ASN D 191 7.68 -20.76 23.74
N ALA D 192 7.02 -19.78 24.39
CA ALA D 192 5.79 -19.23 23.84
C ALA D 192 5.68 -17.84 24.44
N GLY D 193 4.82 -17.02 23.87
CA GLY D 193 4.48 -15.76 24.58
C GLY D 193 4.32 -14.62 23.60
N THR D 194 4.74 -13.43 24.03
CA THR D 194 4.46 -12.25 23.24
C THR D 194 5.71 -11.60 22.78
N LEU D 195 5.61 -10.91 21.64
CA LEU D 195 6.75 -10.22 21.12
C LEU D 195 6.69 -8.71 21.43
N GLY D 196 5.49 -8.19 21.71
CA GLY D 196 5.36 -6.81 22.17
C GLY D 196 4.26 -6.69 23.24
N ALA D 197 3.43 -5.65 23.12
CA ALA D 197 2.37 -5.38 24.08
C ALA D 197 1.09 -6.13 23.77
N SER D 198 0.62 -6.99 24.66
CA SER D 198 -0.56 -7.78 24.39
C SER D 198 -1.31 -7.96 25.64
N MET D 199 -2.63 -7.89 25.57
CA MET D 199 -3.46 -8.32 26.66
C MET D 199 -3.78 -9.83 26.49
N VAL D 200 -3.36 -10.67 27.44
CA VAL D 200 -3.47 -12.10 27.26
C VAL D 200 -4.45 -12.70 28.25
N GLU D 201 -5.64 -13.10 27.75
CA GLU D 201 -6.63 -13.64 28.66
C GLU D 201 -7.01 -15.03 28.23
N GLY D 202 -6.28 -15.57 27.25
CA GLY D 202 -6.57 -16.94 26.79
C GLY D 202 -5.28 -17.75 26.82
N ARG D 203 -5.24 -18.87 26.12
CA ARG D 203 -4.15 -19.85 26.30
C ARG D 203 -3.22 -19.89 25.10
N ILE D 204 -1.96 -19.58 25.37
CA ILE D 204 -0.82 -19.63 24.41
C ILE D 204 -0.03 -20.93 24.61
N SER D 205 -0.21 -21.90 23.72
CA SER D 205 0.44 -23.20 23.81
C SER D 205 1.96 -23.14 23.56
N ALA D 206 2.67 -24.22 23.91
CA ALA D 206 4.13 -24.23 23.80
C ALA D 206 4.40 -23.93 22.34
N GLY D 207 5.31 -23.02 22.04
CA GLY D 207 5.73 -22.82 20.64
C GLY D 207 5.00 -21.65 19.99
N VAL D 208 3.94 -21.17 20.65
CA VAL D 208 3.12 -20.16 20.05
C VAL D 208 3.59 -18.73 20.36
N VAL D 209 3.70 -17.90 19.33
CA VAL D 209 4.10 -16.53 19.50
C VAL D 209 2.97 -15.57 19.03
N VAL D 210 2.81 -14.46 19.74
CA VAL D 210 1.74 -13.49 19.51
C VAL D 210 2.37 -12.10 19.24
N GLY D 211 2.11 -11.49 18.09
CA GLY D 211 2.79 -10.27 17.80
C GLY D 211 2.27 -9.03 18.53
N ASP D 212 3.03 -7.96 18.43
CA ASP D 212 2.80 -6.70 19.09
C ASP D 212 1.41 -6.19 18.89
N GLY D 213 0.76 -5.76 19.97
CA GLY D 213 -0.55 -5.14 19.84
C GLY D 213 -1.66 -6.18 19.69
N SER D 214 -1.33 -7.48 19.68
CA SER D 214 -2.41 -8.50 19.50
C SER D 214 -3.04 -8.87 20.85
N ASP D 215 -4.36 -9.00 20.92
CA ASP D 215 -4.98 -9.38 22.19
C ASP D 215 -5.68 -10.72 22.07
N VAL D 216 -5.54 -11.53 23.12
CA VAL D 216 -6.14 -12.82 23.20
C VAL D 216 -7.31 -12.72 24.22
N GLY D 217 -8.56 -12.84 23.76
CA GLY D 217 -9.72 -12.76 24.67
C GLY D 217 -9.88 -13.88 25.71
N GLY D 218 -10.73 -13.59 26.71
CA GLY D 218 -11.03 -14.49 27.77
C GLY D 218 -11.34 -15.88 27.29
N GLY D 219 -10.56 -16.87 27.73
CA GLY D 219 -10.93 -18.27 27.41
C GLY D 219 -10.67 -18.66 25.97
N ALA D 220 -9.96 -17.80 25.22
CA ALA D 220 -9.61 -18.18 23.86
C ALA D 220 -8.48 -19.24 23.91
N SER D 221 -8.44 -20.08 22.89
CA SER D 221 -7.60 -21.25 22.83
C SER D 221 -6.73 -21.15 21.56
N ILE D 222 -5.43 -21.04 21.72
CA ILE D 222 -4.55 -21.03 20.58
C ILE D 222 -3.78 -22.36 20.42
N MET D 223 -4.09 -23.09 19.35
CA MET D 223 -3.45 -24.32 18.94
C MET D 223 -3.76 -25.37 19.97
N GLY D 224 -5.01 -25.41 20.37
CA GLY D 224 -5.42 -26.37 21.39
C GLY D 224 -5.79 -27.72 20.79
N THR D 225 -6.37 -28.55 21.63
CA THR D 225 -6.65 -29.92 21.30
C THR D 225 -7.64 -30.02 20.18
N LEU D 226 -7.22 -30.72 19.12
CA LEU D 226 -8.02 -30.98 17.90
C LEU D 226 -8.23 -29.71 17.04
N SER D 227 -7.41 -28.69 17.28
CA SER D 227 -7.48 -27.48 16.43
C SER D 227 -6.93 -27.71 15.01
N GLY D 228 -6.31 -28.85 14.74
CA GLY D 228 -5.72 -29.05 13.41
C GLY D 228 -4.50 -29.91 13.34
N GLY D 229 -4.22 -30.39 12.13
CA GLY D 229 -3.15 -31.37 11.86
C GLY D 229 -2.21 -31.68 13.02
N GLY D 230 -1.76 -30.63 13.74
CA GLY D 230 -0.89 -30.79 14.93
C GLY D 230 0.61 -30.96 14.64
N THR D 231 1.11 -30.20 13.66
CA THR D 231 2.42 -30.44 13.04
C THR D 231 3.38 -29.21 13.08
N HIS D 232 3.04 -28.11 12.39
CA HIS D 232 3.86 -26.91 12.50
C HIS D 232 3.21 -25.92 13.46
N VAL D 233 4.01 -25.23 14.29
CA VAL D 233 3.46 -24.31 15.26
C VAL D 233 2.76 -23.15 14.58
N ILE D 234 1.78 -22.60 15.27
CA ILE D 234 1.13 -21.45 14.71
C ILE D 234 1.53 -20.15 15.42
N SER D 235 1.40 -19.04 14.70
CA SER D 235 1.64 -17.72 15.28
C SER D 235 0.56 -16.73 14.93
N ILE D 236 0.52 -15.63 15.65
CA ILE D 236 -0.39 -14.56 15.31
C ILE D 236 0.50 -13.32 15.14
N GLY D 237 0.20 -12.52 14.12
CA GLY D 237 1.00 -11.31 13.81
C GLY D 237 0.63 -10.16 14.77
N LYS D 238 0.70 -8.95 14.26
CA LYS D 238 0.39 -7.76 15.04
C LYS D 238 -1.04 -7.34 14.90
N ARG D 239 -1.53 -6.69 15.96
CA ARG D 239 -2.86 -6.03 15.97
C ARG D 239 -4.00 -7.02 15.64
N CYS D 240 -3.80 -8.31 15.95
CA CYS D 240 -4.92 -9.29 15.87
C CYS D 240 -5.74 -9.28 17.14
N LEU D 241 -6.97 -9.78 17.06
CA LEU D 241 -7.81 -9.85 18.21
C LEU D 241 -8.63 -11.16 18.18
N LEU D 242 -8.43 -11.97 19.23
CA LEU D 242 -9.17 -13.20 19.37
C LEU D 242 -10.28 -12.92 20.39
N GLY D 243 -11.53 -13.12 19.97
CA GLY D 243 -12.63 -12.89 20.87
C GLY D 243 -12.66 -13.88 22.02
N ALA D 244 -13.40 -13.52 23.07
CA ALA D 244 -13.56 -14.41 24.21
C ALA D 244 -14.10 -15.78 23.76
N ASN D 245 -13.62 -16.86 24.38
CA ASN D 245 -14.07 -18.20 24.08
C ASN D 245 -13.93 -18.61 22.62
N SER D 246 -13.04 -17.97 21.88
CA SER D 246 -12.80 -18.37 20.50
C SER D 246 -11.65 -19.40 20.44
N GLY D 247 -11.34 -19.90 19.27
CA GLY D 247 -10.22 -20.85 19.19
C GLY D 247 -9.54 -20.72 17.86
N LEU D 248 -8.29 -21.13 17.81
CA LEU D 248 -7.52 -20.87 16.59
C LEU D 248 -6.57 -22.02 16.30
N GLY D 249 -6.67 -22.53 15.09
CA GLY D 249 -5.78 -23.63 14.70
C GLY D 249 -4.98 -23.34 13.45
N ILE D 250 -4.93 -22.09 13.00
CA ILE D 250 -4.09 -21.73 11.82
C ILE D 250 -3.33 -20.50 12.29
N SER D 251 -2.19 -20.21 11.69
CA SER D 251 -1.52 -18.92 11.90
C SER D 251 -2.32 -17.78 11.26
N LEU D 252 -2.22 -16.61 11.87
CA LEU D 252 -2.82 -15.40 11.35
C LEU D 252 -1.71 -14.39 11.07
N GLY D 253 -1.94 -13.51 10.10
CA GLY D 253 -0.95 -12.49 9.80
C GLY D 253 -1.26 -11.33 10.69
N ASP D 254 -1.24 -10.15 10.13
CA ASP D 254 -1.52 -9.01 10.92
C ASP D 254 -2.99 -8.66 10.74
N ASP D 255 -3.55 -7.94 11.70
CA ASP D 255 -4.91 -7.32 11.54
C ASP D 255 -6.00 -8.33 11.26
N CYS D 256 -5.95 -9.47 11.96
CA CYS D 256 -6.99 -10.51 11.82
C CYS D 256 -7.86 -10.56 13.09
N VAL D 257 -9.13 -10.91 12.95
CA VAL D 257 -10.00 -11.06 14.11
C VAL D 257 -10.68 -12.40 14.03
N VAL D 258 -10.80 -13.10 15.16
CA VAL D 258 -11.71 -14.24 15.24
C VAL D 258 -12.79 -13.84 16.21
N GLU D 259 -14.04 -13.99 15.80
CA GLU D 259 -15.16 -13.49 16.62
C GLU D 259 -15.33 -14.34 17.93
N ALA D 260 -15.86 -13.69 18.96
CA ALA D 260 -16.13 -14.36 20.23
C ALA D 260 -16.92 -15.66 19.97
N GLY D 261 -16.49 -16.73 20.62
CA GLY D 261 -17.18 -18.02 20.62
C GLY D 261 -16.86 -18.85 19.40
N LEU D 262 -16.07 -18.35 18.46
CA LEU D 262 -15.80 -19.20 17.27
C LEU D 262 -14.44 -19.94 17.33
N TYR D 263 -14.42 -21.25 17.10
CA TYR D 263 -13.20 -22.02 16.97
C TYR D 263 -12.84 -22.29 15.50
N VAL D 264 -11.76 -21.69 14.98
CA VAL D 264 -11.39 -21.91 13.59
C VAL D 264 -10.30 -22.98 13.60
N THR D 265 -10.58 -24.20 13.15
CA THR D 265 -9.54 -25.20 13.08
C THR D 265 -9.00 -25.19 11.67
N ALA D 266 -7.85 -25.84 11.50
CA ALA D 266 -7.20 -25.90 10.21
C ALA D 266 -8.11 -26.56 9.19
N GLY D 267 -8.96 -27.48 9.64
CA GLY D 267 -9.82 -28.23 8.70
C GLY D 267 -11.21 -27.60 8.64
N THR D 268 -11.47 -26.53 9.37
CA THR D 268 -12.76 -25.86 9.22
C THR D 268 -12.88 -25.30 7.79
N ARG D 269 -13.95 -25.65 7.06
CA ARG D 269 -14.26 -25.07 5.77
C ARG D 269 -14.89 -23.67 5.94
N VAL D 270 -14.33 -22.65 5.29
CA VAL D 270 -14.80 -21.29 5.47
C VAL D 270 -15.28 -20.75 4.14
N THR D 271 -16.35 -19.98 4.19
CA THR D 271 -16.94 -19.48 2.96
C THR D 271 -16.50 -18.07 2.82
N MET D 272 -16.06 -17.76 1.62
CA MET D 272 -15.49 -16.47 1.30
C MET D 272 -16.55 -15.58 0.66
N PRO D 273 -16.25 -14.28 0.54
CA PRO D 273 -17.23 -13.32 0.12
C PRO D 273 -17.75 -13.59 -1.27
N ASP D 274 -17.01 -14.37 -2.06
CA ASP D 274 -17.57 -14.83 -3.37
C ASP D 274 -18.33 -16.14 -3.31
N SER D 275 -18.49 -16.72 -2.13
CA SER D 275 -19.39 -17.85 -1.99
C SER D 275 -18.70 -19.20 -2.18
N ASN D 276 -17.52 -19.14 -2.76
CA ASN D 276 -16.58 -20.21 -2.71
C ASN D 276 -16.12 -20.52 -1.28
N SER D 277 -15.64 -21.74 -1.00
CA SER D 277 -15.18 -22.04 0.36
C SER D 277 -13.82 -22.68 0.24
N VAL D 278 -13.01 -22.59 1.30
CA VAL D 278 -11.76 -23.34 1.44
C VAL D 278 -11.59 -23.77 2.88
N LYS D 279 -10.66 -24.70 3.10
CA LYS D 279 -10.22 -25.05 4.42
C LYS D 279 -9.44 -23.90 4.99
N ALA D 280 -9.59 -23.68 6.28
CA ALA D 280 -8.93 -22.56 6.92
C ALA D 280 -7.40 -22.66 6.76
N ARG D 281 -6.84 -23.87 6.71
CA ARG D 281 -5.39 -23.97 6.54
C ARG D 281 -4.93 -23.23 5.27
N GLU D 282 -5.78 -23.09 4.27
CA GLU D 282 -5.36 -22.37 3.10
C GLU D 282 -5.26 -20.87 3.32
N LEU D 283 -5.72 -20.37 4.46
CA LEU D 283 -5.68 -18.92 4.69
C LEU D 283 -4.59 -18.66 5.72
N SER D 284 -3.85 -19.71 6.09
CA SER D 284 -2.85 -19.60 7.13
C SER D 284 -1.82 -18.51 6.84
N GLY D 285 -1.57 -17.58 7.76
CA GLY D 285 -0.59 -16.52 7.47
C GLY D 285 -1.14 -15.24 6.84
N SER D 286 -2.41 -15.27 6.39
CA SER D 286 -2.96 -14.11 5.70
C SER D 286 -3.26 -12.96 6.67
N SER D 287 -3.30 -11.75 6.17
CA SER D 287 -3.61 -10.58 6.98
C SER D 287 -5.02 -10.09 6.69
N ASN D 288 -5.53 -9.22 7.57
CA ASN D 288 -6.72 -8.47 7.30
C ASN D 288 -7.96 -9.38 7.21
N LEU D 289 -8.01 -10.46 7.97
CA LEU D 289 -9.16 -11.37 7.84
C LEU D 289 -10.06 -11.26 9.07
N LEU D 290 -11.36 -11.39 8.87
CA LEU D 290 -12.25 -11.53 10.00
C LEU D 290 -12.96 -12.86 9.83
N PHE D 291 -12.85 -13.70 10.84
CA PHE D 291 -13.61 -14.96 10.83
C PHE D 291 -14.79 -14.86 11.77
N ARG D 292 -15.96 -15.30 11.29
CA ARG D 292 -17.16 -15.25 12.12
C ARG D 292 -18.11 -16.40 11.78
N ARG D 293 -19.01 -16.75 12.71
CA ARG D 293 -20.05 -17.70 12.34
C ARG D 293 -21.30 -16.88 12.07
N ASN D 294 -21.81 -17.02 10.84
CA ASN D 294 -23.01 -16.36 10.47
C ASN D 294 -24.16 -16.77 11.44
N SER D 295 -24.84 -15.78 12.00
CA SER D 295 -25.74 -16.09 13.11
C SER D 295 -27.10 -16.56 12.60
N VAL D 296 -27.35 -16.37 11.30
CA VAL D 296 -28.56 -16.91 10.65
C VAL D 296 -28.35 -18.28 9.97
N SER D 297 -27.28 -18.44 9.18
CA SER D 297 -27.05 -19.69 8.39
C SER D 297 -26.11 -20.63 9.12
N GLY D 298 -25.42 -20.16 10.16
CA GLY D 298 -24.49 -21.05 10.81
C GLY D 298 -23.18 -21.29 10.05
N ALA D 299 -22.96 -20.67 8.90
CA ALA D 299 -21.72 -20.95 8.15
C ALA D 299 -20.56 -20.22 8.79
N VAL D 300 -19.37 -20.84 8.85
CA VAL D 300 -18.19 -20.08 9.14
C VAL D 300 -17.79 -19.31 7.88
N GLU D 301 -17.56 -18.01 8.04
CA GLU D 301 -17.24 -17.10 6.94
C GLU D 301 -15.98 -16.32 7.24
N VAL D 302 -15.28 -15.97 6.18
CA VAL D 302 -14.16 -15.08 6.33
C VAL D 302 -14.43 -13.87 5.48
N LEU D 303 -14.11 -12.68 6.02
CA LEU D 303 -14.23 -11.37 5.33
C LEU D 303 -12.89 -10.66 5.37
N ALA D 304 -12.61 -9.76 4.42
CA ALA D 304 -11.52 -8.75 4.56
C ALA D 304 -11.90 -7.66 5.55
N ARG D 305 -10.92 -7.20 6.33
CA ARG D 305 -11.16 -6.18 7.34
C ARG D 305 -10.78 -4.76 6.86
N ASP D 306 -10.39 -4.64 5.59
CA ASP D 306 -9.68 -3.45 5.22
C ASP D 306 -10.28 -2.84 3.97
N GLY D 307 -11.42 -3.40 3.59
CA GLY D 307 -12.10 -3.07 2.39
C GLY D 307 -11.44 -3.61 1.16
N GLN D 308 -10.38 -4.36 1.27
CA GLN D 308 -9.69 -4.77 0.04
C GLN D 308 -9.76 -6.29 -0.31
N GLY D 309 -10.84 -6.99 0.08
CA GLY D 309 -11.00 -8.40 -0.32
C GLY D 309 -9.79 -9.26 0.05
N ILE D 310 -9.88 -10.56 -0.21
CA ILE D 310 -9.07 -11.64 0.43
C ILE D 310 -7.81 -12.17 -0.29
N ALA D 311 -6.75 -12.48 0.48
CA ALA D 311 -5.55 -13.16 -0.07
C ALA D 311 -5.26 -14.56 0.55
N LEU D 312 -5.16 -15.58 -0.33
CA LEU D 312 -4.99 -17.01 0.06
C LEU D 312 -3.62 -17.36 0.71
N THR E 7 -22.17 -34.63 -48.36
CA THR E 7 -23.60 -35.05 -48.16
C THR E 7 -24.64 -33.94 -48.46
N GLY E 8 -25.45 -34.21 -49.47
CA GLY E 8 -26.48 -33.27 -49.86
C GLY E 8 -27.81 -33.92 -49.64
N ALA E 9 -28.87 -33.25 -50.06
CA ALA E 9 -30.21 -33.77 -49.92
C ALA E 9 -31.02 -33.22 -51.05
N ALA E 10 -32.05 -33.96 -51.44
CA ALA E 10 -32.99 -33.52 -52.46
C ALA E 10 -34.38 -33.91 -52.01
N GLY E 11 -35.38 -33.19 -52.49
CA GLY E 11 -36.77 -33.59 -52.36
C GLY E 11 -37.67 -32.94 -53.39
N ILE E 12 -38.68 -33.67 -53.84
CA ILE E 12 -39.78 -33.04 -54.56
C ILE E 12 -40.86 -32.56 -53.58
N GLY E 13 -41.27 -31.30 -53.76
CA GLY E 13 -42.00 -30.57 -52.73
C GLY E 13 -43.12 -29.71 -53.30
N LEU E 14 -44.16 -29.57 -52.50
CA LEU E 14 -45.32 -28.79 -52.81
C LEU E 14 -45.18 -27.53 -51.96
N ALA E 15 -44.93 -26.40 -52.60
CA ALA E 15 -44.77 -25.13 -51.87
C ALA E 15 -45.97 -24.18 -52.05
N THR E 16 -46.22 -23.38 -51.03
CA THR E 16 -47.28 -22.35 -51.07
C THR E 16 -46.62 -20.99 -51.00
N LEU E 17 -46.78 -20.22 -52.09
CA LEU E 17 -46.30 -18.84 -52.18
C LEU E 17 -47.42 -17.84 -51.88
N ALA E 18 -47.05 -16.72 -51.26
CA ALA E 18 -47.96 -15.60 -50.98
C ALA E 18 -48.17 -14.76 -52.24
N ALA E 19 -49.03 -13.77 -52.12
CA ALA E 19 -49.34 -12.90 -53.24
C ALA E 19 -48.10 -12.14 -53.65
N ASP E 20 -47.17 -11.93 -52.72
CA ASP E 20 -46.05 -11.09 -53.09
C ASP E 20 -44.85 -11.91 -53.50
N GLY E 21 -45.05 -13.22 -53.57
CA GLY E 21 -43.99 -14.14 -53.96
C GLY E 21 -43.41 -14.99 -52.83
N SER E 22 -43.38 -14.43 -51.63
CA SER E 22 -42.75 -15.07 -50.48
C SER E 22 -43.24 -16.51 -50.30
N VAL E 23 -42.35 -17.38 -49.81
CA VAL E 23 -42.69 -18.78 -49.68
C VAL E 23 -43.22 -18.96 -48.29
N LEU E 24 -44.49 -19.33 -48.14
CA LEU E 24 -45.01 -19.57 -46.78
C LEU E 24 -44.59 -20.93 -46.24
N ASP E 25 -44.81 -21.98 -47.03
CA ASP E 25 -44.31 -23.29 -46.63
C ASP E 25 -43.94 -24.13 -47.83
N THR E 26 -43.28 -25.26 -47.55
CA THR E 26 -43.09 -26.34 -48.55
C THR E 26 -43.26 -27.68 -47.82
N TRP E 27 -44.06 -28.56 -48.40
CA TRP E 27 -44.17 -29.92 -47.90
C TRP E 27 -43.51 -30.90 -48.86
N PHE E 28 -42.57 -31.69 -48.34
CA PHE E 28 -41.77 -32.63 -49.11
C PHE E 28 -42.15 -34.01 -48.61
N PRO E 29 -42.92 -34.77 -49.42
CA PRO E 29 -43.33 -36.08 -48.97
C PRO E 29 -42.12 -37.02 -48.95
N ALA E 30 -41.20 -36.88 -49.91
CA ALA E 30 -40.16 -37.92 -50.05
C ALA E 30 -38.72 -37.40 -49.91
N PRO E 31 -38.41 -36.65 -48.84
CA PRO E 31 -37.08 -36.05 -48.82
C PRO E 31 -36.01 -37.16 -48.85
N GLU E 32 -34.84 -36.87 -49.43
CA GLU E 32 -33.77 -37.89 -49.53
C GLU E 32 -32.35 -37.32 -49.31
N LEU E 33 -31.45 -38.16 -48.81
CA LEU E 33 -30.05 -37.74 -48.83
C LEU E 33 -29.50 -38.10 -50.20
N THR E 34 -28.55 -37.29 -50.65
CA THR E 34 -27.94 -37.49 -51.95
C THR E 34 -26.49 -36.99 -51.92
N GLU E 35 -25.70 -37.39 -52.90
CA GLU E 35 -24.31 -36.94 -52.93
C GLU E 35 -24.23 -35.41 -52.95
N SER E 36 -23.10 -34.85 -52.54
CA SER E 36 -22.90 -33.40 -52.55
C SER E 36 -23.10 -32.87 -53.96
N GLY E 37 -23.17 -31.55 -54.11
CA GLY E 37 -23.53 -30.94 -55.39
C GLY E 37 -23.89 -29.48 -55.23
N THR E 38 -24.87 -29.02 -56.00
CA THR E 38 -25.22 -27.59 -56.03
C THR E 38 -26.62 -27.24 -55.53
N SER E 39 -26.72 -26.18 -54.73
CA SER E 39 -28.02 -25.73 -54.19
C SER E 39 -28.87 -24.88 -55.16
N ALA E 40 -30.13 -25.28 -55.32
CA ALA E 40 -31.08 -24.58 -56.20
C ALA E 40 -32.46 -25.16 -55.99
N THR E 41 -33.48 -24.33 -56.21
CA THR E 41 -34.84 -24.85 -56.33
C THR E 41 -35.41 -24.58 -57.74
N SER E 42 -35.60 -25.64 -58.51
CA SER E 42 -36.30 -25.53 -59.78
C SER E 42 -37.83 -25.65 -59.58
N ARG E 43 -38.61 -24.80 -60.24
CA ARG E 43 -40.04 -25.02 -60.27
C ARG E 43 -40.35 -26.11 -61.30
N LEU E 44 -41.25 -27.03 -61.00
CA LEU E 44 -41.46 -28.15 -61.92
C LEU E 44 -42.71 -27.99 -62.78
N ALA E 45 -42.60 -28.28 -64.07
CA ALA E 45 -43.78 -28.44 -64.92
C ALA E 45 -44.39 -29.80 -64.59
N VAL E 46 -45.57 -30.09 -65.10
CA VAL E 46 -46.32 -31.24 -64.59
C VAL E 46 -45.85 -32.65 -65.01
N SER E 47 -45.00 -32.75 -66.03
CA SER E 47 -44.38 -34.03 -66.41
C SER E 47 -43.41 -34.54 -65.32
N ASP E 48 -43.12 -33.69 -64.34
CA ASP E 48 -42.12 -33.98 -63.32
C ASP E 48 -42.75 -34.22 -61.95
N VAL E 49 -44.07 -34.07 -61.88
CA VAL E 49 -44.78 -34.18 -60.61
C VAL E 49 -45.48 -35.52 -60.47
N PRO E 50 -45.26 -36.20 -59.33
CA PRO E 50 -46.04 -37.39 -58.94
C PRO E 50 -47.56 -37.15 -58.96
N VAL E 51 -48.33 -38.18 -59.33
CA VAL E 51 -49.79 -38.06 -59.42
C VAL E 51 -50.44 -37.51 -58.14
N GLU E 52 -49.94 -37.91 -56.96
CA GLU E 52 -50.51 -37.46 -55.69
C GLU E 52 -50.35 -35.95 -55.46
N LEU E 53 -49.19 -35.41 -55.81
CA LEU E 53 -48.98 -33.97 -55.69
C LEU E 53 -49.64 -33.21 -56.82
N ALA E 54 -49.58 -33.80 -58.01
CA ALA E 54 -50.21 -33.21 -59.19
C ALA E 54 -51.56 -32.58 -58.84
N ALA E 55 -52.39 -33.33 -58.11
CA ALA E 55 -53.77 -32.90 -57.91
C ALA E 55 -54.00 -31.90 -56.77
N LEU E 56 -52.93 -31.45 -56.12
CA LEU E 56 -53.05 -30.44 -55.07
C LEU E 56 -52.50 -29.06 -55.47
N ILE E 57 -51.98 -28.96 -56.69
CA ILE E 57 -51.45 -27.69 -57.20
C ILE E 57 -52.61 -26.83 -57.73
N GLY E 58 -52.62 -25.56 -57.38
CA GLY E 58 -53.66 -24.66 -57.86
C GLY E 58 -53.52 -23.34 -57.14
N ARG E 59 -54.24 -22.31 -57.59
CA ARG E 59 -54.29 -21.03 -56.87
C ARG E 59 -55.43 -21.09 -55.86
N ASP E 60 -55.28 -20.35 -54.78
CA ASP E 60 -56.41 -20.13 -53.85
C ASP E 60 -56.72 -18.63 -53.82
N ASP E 61 -57.90 -18.28 -54.33
CA ASP E 61 -58.23 -16.87 -54.60
C ASP E 61 -58.67 -16.09 -53.39
N ASP E 62 -58.98 -16.81 -52.31
CA ASP E 62 -59.32 -16.19 -51.04
C ASP E 62 -58.04 -15.81 -50.28
N ARG E 63 -57.15 -16.79 -50.15
CA ARG E 63 -55.85 -16.60 -49.52
C ARG E 63 -54.86 -15.87 -50.44
N ARG E 64 -55.22 -15.71 -51.71
CA ARG E 64 -54.29 -15.14 -52.66
C ARG E 64 -52.97 -15.91 -52.60
N THR E 65 -53.06 -17.23 -52.40
CA THR E 65 -51.88 -18.09 -52.42
C THR E 65 -51.79 -18.93 -53.71
N GLU E 66 -50.58 -19.37 -54.03
CA GLU E 66 -50.41 -20.36 -55.09
C GLU E 66 -49.55 -21.53 -54.65
N THR E 67 -50.08 -22.73 -54.88
CA THR E 67 -49.39 -23.95 -54.53
C THR E 67 -48.72 -24.49 -55.78
N ILE E 68 -47.38 -24.51 -55.78
CA ILE E 68 -46.63 -25.05 -56.91
C ILE E 68 -45.84 -26.29 -56.48
N ALA E 69 -45.52 -27.12 -57.47
CA ALA E 69 -44.53 -28.16 -57.26
C ALA E 69 -43.10 -27.62 -57.51
N VAL E 70 -42.19 -27.86 -56.57
CA VAL E 70 -40.79 -27.60 -56.82
C VAL E 70 -39.86 -28.78 -56.51
N ARG E 71 -38.67 -28.77 -57.09
CA ARG E 71 -37.63 -29.71 -56.65
C ARG E 71 -36.47 -28.95 -56.04
N THR E 72 -36.13 -29.29 -54.81
CA THR E 72 -35.13 -28.54 -54.06
C THR E 72 -33.86 -29.34 -53.79
N VAL E 73 -32.72 -28.75 -54.13
CA VAL E 73 -31.45 -29.41 -53.91
C VAL E 73 -30.58 -28.70 -52.86
N ILE E 74 -30.11 -29.45 -51.88
CA ILE E 74 -29.09 -28.94 -51.00
C ILE E 74 -27.77 -29.57 -51.37
N GLY E 75 -26.79 -28.74 -51.71
CA GLY E 75 -25.47 -29.22 -52.12
C GLY E 75 -24.66 -29.80 -50.96
N SER E 76 -24.84 -29.25 -49.77
CA SER E 76 -24.10 -29.68 -48.59
C SER E 76 -24.89 -29.32 -47.33
N LEU E 77 -25.16 -30.33 -46.50
CA LEU E 77 -25.93 -30.10 -45.31
C LEU E 77 -25.20 -29.14 -44.38
N ASP E 78 -23.88 -29.06 -44.55
CA ASP E 78 -23.05 -28.21 -43.70
C ASP E 78 -23.28 -26.75 -44.03
N ASP E 79 -23.90 -26.49 -45.16
CA ASP E 79 -24.18 -25.12 -45.55
C ASP E 79 -25.40 -24.59 -44.79
N VAL E 80 -25.61 -23.28 -44.89
CA VAL E 80 -26.72 -22.61 -44.23
C VAL E 80 -27.87 -22.46 -45.23
N ALA E 81 -29.11 -22.62 -44.75
CA ALA E 81 -30.26 -22.53 -45.65
C ALA E 81 -30.23 -21.29 -46.55
N ALA E 82 -30.33 -21.50 -47.85
CA ALA E 82 -30.31 -20.41 -48.85
C ALA E 82 -31.61 -19.59 -48.88
N ASP E 83 -32.71 -20.25 -48.51
CA ASP E 83 -34.04 -19.73 -48.71
C ASP E 83 -35.01 -20.65 -47.98
N PRO E 84 -36.31 -20.30 -47.98
CA PRO E 84 -37.34 -21.07 -47.29
C PRO E 84 -37.51 -22.54 -47.73
N TYR E 85 -37.39 -22.82 -49.03
CA TYR E 85 -37.55 -24.18 -49.54
C TYR E 85 -36.47 -25.04 -48.93
N ASP E 86 -35.25 -24.53 -49.00
CA ASP E 86 -34.09 -25.08 -48.32
C ASP E 86 -34.36 -25.29 -46.82
N ALA E 87 -34.85 -24.24 -46.17
CA ALA E 87 -35.16 -24.32 -44.76
C ALA E 87 -36.08 -25.52 -44.48
N TYR E 88 -37.16 -25.59 -45.25
CA TYR E 88 -38.19 -26.58 -45.04
C TYR E 88 -37.65 -27.97 -45.25
N LEU E 89 -36.77 -28.11 -46.22
CA LEU E 89 -36.15 -29.42 -46.50
C LEU E 89 -35.22 -29.91 -45.37
N ARG E 90 -34.58 -28.99 -44.65
CA ARG E 90 -33.76 -29.37 -43.46
C ARG E 90 -34.69 -29.78 -42.32
N LEU E 91 -35.81 -29.09 -42.20
CA LEU E 91 -36.75 -29.43 -41.17
C LEU E 91 -37.31 -30.85 -41.38
N HIS E 92 -37.71 -31.12 -42.64
CA HIS E 92 -38.21 -32.44 -43.02
C HIS E 92 -37.15 -33.54 -42.81
N LEU E 93 -35.91 -33.21 -43.16
CA LEU E 93 -34.80 -34.15 -43.05
C LEU E 93 -34.67 -34.62 -41.63
N LEU E 94 -34.95 -33.71 -40.71
CA LEU E 94 -34.82 -33.94 -39.29
C LEU E 94 -36.04 -34.69 -38.76
N SER E 95 -37.24 -34.22 -39.11
CA SER E 95 -38.44 -34.87 -38.65
C SER E 95 -38.59 -36.29 -39.24
N HIS E 96 -38.03 -36.50 -40.42
CA HIS E 96 -38.04 -37.83 -41.03
C HIS E 96 -36.97 -38.77 -40.39
N ARG E 97 -36.18 -38.23 -39.45
CA ARG E 97 -35.09 -38.96 -38.78
C ARG E 97 -34.04 -39.43 -39.80
N LEU E 98 -33.98 -38.73 -40.92
CA LEU E 98 -33.01 -39.03 -41.96
C LEU E 98 -31.69 -38.42 -41.54
N VAL E 99 -31.80 -37.35 -40.78
CA VAL E 99 -30.68 -36.65 -40.17
C VAL E 99 -31.00 -36.38 -38.68
N ALA E 100 -30.05 -36.67 -37.80
CA ALA E 100 -30.22 -36.43 -36.36
C ALA E 100 -29.87 -34.98 -36.09
N PRO E 101 -30.40 -34.42 -35.01
CA PRO E 101 -30.00 -33.05 -34.70
C PRO E 101 -28.47 -32.86 -34.75
N HIS E 102 -28.06 -31.76 -35.40
CA HIS E 102 -26.63 -31.44 -35.58
C HIS E 102 -25.99 -32.21 -36.72
N GLY E 103 -26.76 -33.09 -37.34
CA GLY E 103 -26.31 -33.76 -38.55
C GLY E 103 -26.30 -32.84 -39.77
N LEU E 104 -26.96 -31.69 -39.66
CA LEU E 104 -27.01 -30.69 -40.74
C LEU E 104 -26.95 -29.30 -40.11
N ASN E 105 -26.52 -28.32 -40.90
CA ASN E 105 -26.50 -26.94 -40.46
C ASN E 105 -27.89 -26.34 -40.31
N ALA E 106 -28.32 -26.13 -39.07
CA ALA E 106 -29.63 -25.52 -38.82
C ALA E 106 -29.52 -24.08 -38.31
N GLY E 107 -28.43 -23.41 -38.69
CA GLY E 107 -28.23 -22.01 -38.33
C GLY E 107 -29.10 -21.07 -39.16
N GLY E 108 -29.58 -20.00 -38.52
CA GLY E 108 -30.20 -18.87 -39.22
C GLY E 108 -31.50 -19.08 -39.98
N LEU E 109 -32.30 -20.07 -39.55
CA LEU E 109 -33.58 -20.38 -40.18
C LEU E 109 -34.57 -19.27 -39.84
N PHE E 110 -34.40 -18.69 -38.66
CA PHE E 110 -35.18 -17.51 -38.30
C PHE E 110 -35.09 -16.39 -39.37
N GLY E 111 -33.92 -16.22 -40.00
CA GLY E 111 -33.73 -15.16 -40.97
C GLY E 111 -34.33 -15.49 -42.33
N VAL E 112 -34.28 -16.77 -42.67
CA VAL E 112 -34.73 -17.30 -43.94
C VAL E 112 -36.24 -17.48 -43.98
N LEU E 113 -36.79 -18.00 -42.88
CA LEU E 113 -38.19 -18.39 -42.79
C LEU E 113 -39.15 -17.18 -42.75
N THR E 114 -40.31 -17.37 -43.38
CA THR E 114 -41.38 -16.38 -43.43
C THR E 114 -42.28 -16.58 -42.22
N ASN E 115 -42.65 -15.48 -41.57
CA ASN E 115 -43.64 -15.55 -40.49
C ASN E 115 -44.97 -15.75 -41.18
N VAL E 116 -45.66 -16.84 -40.82
CA VAL E 116 -46.85 -17.24 -41.54
C VAL E 116 -48.05 -17.29 -40.60
N VAL E 117 -49.22 -16.98 -41.15
CA VAL E 117 -50.43 -17.22 -40.36
C VAL E 117 -50.97 -18.64 -40.62
N TRP E 118 -50.91 -19.52 -39.61
CA TRP E 118 -51.34 -20.91 -39.78
C TRP E 118 -52.82 -21.07 -39.51
N THR E 119 -53.59 -21.45 -40.54
CA THR E 119 -55.03 -21.55 -40.36
C THR E 119 -55.63 -22.88 -40.77
N ASN E 120 -56.92 -23.03 -40.49
CA ASN E 120 -57.71 -24.18 -40.90
C ASN E 120 -58.10 -24.12 -42.37
N HIS E 121 -57.71 -23.06 -43.06
CA HIS E 121 -57.85 -23.03 -44.51
C HIS E 121 -56.48 -23.17 -45.18
N GLY E 122 -55.43 -23.31 -44.38
CA GLY E 122 -54.09 -23.34 -44.94
C GLY E 122 -53.17 -22.18 -44.51
N PRO E 123 -51.91 -22.22 -44.97
CA PRO E 123 -50.96 -21.15 -44.68
C PRO E 123 -51.38 -19.84 -45.34
N CYS E 124 -51.19 -18.74 -44.60
CA CYS E 124 -51.51 -17.39 -45.09
C CYS E 124 -50.42 -16.35 -44.75
N ALA E 125 -50.32 -15.33 -45.60
CA ALA E 125 -49.42 -14.22 -45.34
C ALA E 125 -49.94 -13.41 -44.15
N ILE E 126 -49.02 -12.72 -43.44
CA ILE E 126 -49.42 -11.63 -42.53
C ILE E 126 -50.01 -10.46 -43.32
N ASP E 127 -49.35 -10.13 -44.42
CA ASP E 127 -49.77 -8.98 -45.21
C ASP E 127 -51.17 -9.18 -45.75
N GLY E 128 -52.08 -8.32 -45.29
CA GLY E 128 -53.45 -8.30 -45.76
C GLY E 128 -54.24 -9.49 -45.28
N PHE E 129 -53.95 -9.97 -44.08
CA PHE E 129 -54.68 -11.12 -43.55
C PHE E 129 -56.13 -10.90 -43.18
N GLU E 130 -56.45 -9.72 -42.64
CA GLU E 130 -57.79 -9.55 -42.11
C GLU E 130 -58.78 -9.59 -43.26
N ALA E 131 -58.38 -9.07 -44.42
CA ALA E 131 -59.25 -9.16 -45.60
C ALA E 131 -59.25 -10.60 -46.10
N VAL E 132 -58.09 -11.25 -46.08
CA VAL E 132 -58.08 -12.67 -46.44
C VAL E 132 -59.09 -13.41 -45.54
N ARG E 133 -58.99 -13.15 -44.23
CA ARG E 133 -59.89 -13.74 -43.23
C ARG E 133 -61.37 -13.55 -43.54
N ALA E 134 -61.76 -12.32 -43.85
CA ALA E 134 -63.17 -12.03 -44.12
C ALA E 134 -63.65 -12.83 -45.34
N ARG E 135 -62.79 -12.92 -46.34
CA ARG E 135 -63.09 -13.65 -47.57
C ARG E 135 -63.30 -15.13 -47.31
N LEU E 136 -62.50 -15.70 -46.43
CA LEU E 136 -62.58 -17.11 -46.13
C LEU E 136 -63.81 -17.46 -45.27
N ARG E 137 -64.15 -16.59 -44.32
CA ARG E 137 -65.37 -16.81 -43.54
C ARG E 137 -66.59 -17.14 -44.40
N ARG E 138 -66.53 -16.76 -45.68
CA ARG E 138 -67.57 -17.15 -46.64
C ARG E 138 -67.60 -18.64 -46.83
N ARG E 139 -66.47 -19.30 -46.58
CA ARG E 139 -66.39 -20.76 -46.63
C ARG E 139 -66.75 -21.37 -45.27
N GLY E 140 -66.37 -20.72 -44.19
CA GLY E 140 -66.76 -21.16 -42.85
C GLY E 140 -65.78 -20.63 -41.85
N PRO E 141 -65.97 -20.95 -40.57
CA PRO E 141 -65.12 -20.48 -39.47
C PRO E 141 -63.65 -20.26 -39.89
N VAL E 142 -63.03 -19.20 -39.39
CA VAL E 142 -61.60 -19.08 -39.59
C VAL E 142 -60.89 -19.22 -38.27
N THR E 143 -60.01 -20.22 -38.23
CA THR E 143 -59.27 -20.60 -37.02
C THR E 143 -57.77 -20.43 -37.23
N VAL E 144 -57.16 -19.61 -36.39
CA VAL E 144 -55.73 -19.41 -36.47
C VAL E 144 -55.01 -20.27 -35.43
N TYR E 145 -54.24 -21.24 -35.92
CA TYR E 145 -53.47 -22.17 -35.09
C TYR E 145 -52.26 -21.50 -34.42
N GLY E 146 -51.51 -20.76 -35.22
CA GLY E 146 -50.44 -19.96 -34.69
C GLY E 146 -50.02 -18.93 -35.72
N VAL E 147 -49.12 -18.05 -35.29
CA VAL E 147 -48.46 -17.10 -36.15
C VAL E 147 -46.96 -17.26 -35.89
N ASP E 148 -46.31 -17.98 -36.80
CA ASP E 148 -44.93 -18.33 -36.55
C ASP E 148 -44.21 -18.69 -37.84
N LYS E 149 -42.89 -18.75 -37.72
CA LYS E 149 -42.03 -19.16 -38.81
C LYS E 149 -41.96 -20.70 -38.93
N PHE E 150 -42.28 -21.40 -37.85
CA PHE E 150 -42.25 -22.89 -37.80
C PHE E 150 -43.65 -23.49 -37.65
N PRO E 151 -44.07 -24.38 -38.57
CA PRO E 151 -45.37 -24.99 -38.37
C PRO E 151 -45.19 -26.28 -37.58
N ARG E 152 -46.26 -27.11 -37.61
CA ARG E 152 -46.45 -28.27 -36.76
C ARG E 152 -45.93 -29.54 -37.43
N MET E 153 -44.98 -30.23 -36.80
CA MET E 153 -44.36 -31.41 -37.49
C MET E 153 -45.39 -32.37 -38.10
N VAL E 154 -46.45 -32.68 -37.34
CA VAL E 154 -47.37 -33.73 -37.72
C VAL E 154 -48.21 -33.40 -38.97
N ASP E 155 -48.20 -32.12 -39.34
CA ASP E 155 -48.88 -31.65 -40.53
C ASP E 155 -47.94 -31.77 -41.75
N TYR E 156 -46.80 -32.42 -41.54
CA TYR E 156 -45.94 -32.73 -42.69
C TYR E 156 -45.62 -34.24 -42.65
N VAL E 157 -45.29 -34.73 -41.47
CA VAL E 157 -44.89 -36.11 -41.33
C VAL E 157 -45.22 -36.62 -39.94
N VAL E 158 -45.72 -37.84 -39.91
CA VAL E 158 -45.99 -38.48 -38.66
C VAL E 158 -45.07 -39.66 -38.53
N PRO E 159 -43.94 -39.48 -37.84
CA PRO E 159 -42.99 -40.59 -37.74
C PRO E 159 -43.61 -41.88 -37.16
N THR E 160 -43.21 -43.05 -37.64
CA THR E 160 -43.65 -44.29 -36.99
C THR E 160 -43.01 -44.43 -35.59
N GLY E 161 -43.62 -45.23 -34.73
CA GLY E 161 -43.06 -45.52 -33.40
C GLY E 161 -43.25 -44.41 -32.38
N VAL E 162 -44.16 -43.48 -32.69
CA VAL E 162 -44.25 -42.25 -31.91
C VAL E 162 -45.67 -41.87 -31.49
N ARG E 163 -45.80 -41.45 -30.24
CA ARG E 163 -47.04 -40.85 -29.78
C ARG E 163 -46.77 -39.38 -29.47
N ILE E 164 -47.74 -38.54 -29.83
CA ILE E 164 -47.71 -37.10 -29.55
C ILE E 164 -49.09 -36.72 -29.10
N ALA E 165 -49.22 -36.31 -27.84
CA ALA E 165 -50.52 -36.20 -27.22
C ALA E 165 -51.19 -34.89 -27.62
N ASP E 166 -50.40 -33.84 -27.75
CA ASP E 166 -50.92 -32.59 -28.28
C ASP E 166 -49.95 -32.11 -29.36
N ALA E 167 -50.33 -32.21 -30.63
CA ALA E 167 -49.33 -32.03 -31.69
C ALA E 167 -48.97 -30.56 -31.91
N ASP E 168 -49.70 -29.69 -31.21
CA ASP E 168 -49.36 -28.28 -31.22
C ASP E 168 -47.97 -28.09 -30.65
N ARG E 169 -47.47 -29.09 -29.94
CA ARG E 169 -46.25 -28.87 -29.11
C ARG E 169 -45.00 -29.47 -29.74
N VAL E 170 -45.09 -29.88 -31.00
CA VAL E 170 -43.88 -30.38 -31.63
C VAL E 170 -43.65 -29.60 -32.91
N ARG E 171 -42.53 -28.89 -32.99
CA ARG E 171 -42.22 -28.16 -34.24
C ARG E 171 -41.72 -29.05 -35.38
N LEU E 172 -42.15 -28.72 -36.59
CA LEU E 172 -41.46 -29.24 -37.78
C LEU E 172 -39.97 -29.05 -37.63
N GLY E 173 -39.21 -30.12 -37.80
CA GLY E 173 -37.80 -30.10 -37.46
C GLY E 173 -37.51 -30.79 -36.12
N ALA E 174 -38.54 -31.21 -35.40
CA ALA E 174 -38.25 -32.07 -34.24
C ALA E 174 -38.00 -33.51 -34.71
N HIS E 175 -37.01 -34.13 -34.11
CA HIS E 175 -36.55 -35.46 -34.45
C HIS E 175 -36.93 -36.40 -33.29
N LEU E 176 -37.88 -37.30 -33.52
CA LEU E 176 -38.37 -38.19 -32.46
C LEU E 176 -38.19 -39.70 -32.73
N ALA E 177 -37.17 -40.28 -32.12
CA ALA E 177 -36.80 -41.67 -32.37
C ALA E 177 -37.92 -42.65 -31.96
N PRO E 178 -38.01 -43.79 -32.68
CA PRO E 178 -39.00 -44.84 -32.37
C PRO E 178 -39.07 -45.14 -30.88
N GLY E 179 -40.28 -45.08 -30.33
CA GLY E 179 -40.51 -45.34 -28.92
C GLY E 179 -40.59 -44.04 -28.16
N THR E 180 -40.60 -42.91 -28.86
CA THR E 180 -40.74 -41.64 -28.19
C THR E 180 -42.24 -41.37 -27.94
N THR E 181 -42.55 -40.95 -26.72
CA THR E 181 -43.87 -40.44 -26.37
C THR E 181 -43.78 -38.97 -25.96
N VAL E 182 -44.49 -38.10 -26.67
CA VAL E 182 -44.61 -36.71 -26.23
C VAL E 182 -45.97 -36.48 -25.60
N MET E 183 -45.95 -36.12 -24.32
CA MET E 183 -47.18 -35.86 -23.59
C MET E 183 -47.53 -34.36 -23.71
N HIS E 184 -48.72 -33.99 -23.23
CA HIS E 184 -49.26 -32.63 -23.31
C HIS E 184 -48.29 -31.56 -22.87
N GLU E 185 -47.50 -31.89 -21.87
CA GLU E 185 -46.64 -30.91 -21.30
C GLU E 185 -45.28 -30.95 -22.03
N GLY E 186 -45.02 -32.05 -22.71
CA GLY E 186 -43.82 -32.13 -23.54
C GLY E 186 -43.80 -30.99 -24.53
N PHE E 187 -42.62 -30.66 -25.00
CA PHE E 187 -42.50 -29.72 -26.11
C PHE E 187 -41.17 -30.01 -26.76
N VAL E 188 -41.15 -30.14 -28.09
CA VAL E 188 -39.88 -30.35 -28.79
C VAL E 188 -39.69 -29.34 -29.91
N ASN E 189 -38.61 -28.59 -29.81
CA ASN E 189 -38.30 -27.56 -30.77
C ASN E 189 -37.65 -28.17 -32.01
N TYR E 190 -37.34 -27.34 -32.99
CA TYR E 190 -36.62 -27.86 -34.16
C TYR E 190 -35.14 -28.15 -33.85
N ASN E 191 -34.53 -29.03 -34.65
CA ASN E 191 -33.15 -29.44 -34.45
C ASN E 191 -32.95 -29.95 -33.04
N ALA E 192 -33.89 -30.74 -32.57
CA ALA E 192 -33.91 -31.19 -31.19
C ALA E 192 -34.70 -32.46 -31.18
N GLY E 193 -34.58 -33.21 -30.08
CA GLY E 193 -35.42 -34.38 -29.97
C GLY E 193 -34.74 -35.51 -29.27
N THR E 194 -35.13 -36.72 -29.66
CA THR E 194 -34.69 -37.90 -28.98
C THR E 194 -33.98 -38.80 -29.97
N LEU E 195 -33.03 -39.60 -29.49
CA LEU E 195 -32.30 -40.59 -30.30
C LEU E 195 -32.76 -42.04 -30.06
N GLY E 196 -33.43 -42.27 -28.95
CA GLY E 196 -34.01 -43.55 -28.64
C GLY E 196 -35.44 -43.42 -28.14
N ALA E 197 -35.82 -44.34 -27.25
CA ALA E 197 -37.14 -44.35 -26.63
C ALA E 197 -37.21 -43.45 -25.39
N SER E 198 -37.84 -42.30 -25.54
CA SER E 198 -37.98 -41.40 -24.42
C SER E 198 -39.43 -41.06 -24.13
N MET E 199 -39.70 -40.81 -22.85
CA MET E 199 -40.90 -40.12 -22.40
C MET E 199 -40.57 -38.62 -22.25
N VAL E 200 -41.29 -37.81 -23.02
CA VAL E 200 -41.07 -36.38 -23.06
C VAL E 200 -42.32 -35.64 -22.55
N GLU E 201 -42.19 -35.04 -21.38
CA GLU E 201 -43.30 -34.36 -20.74
C GLU E 201 -42.89 -32.94 -20.30
N GLY E 202 -41.65 -32.59 -20.66
CA GLY E 202 -41.06 -31.28 -20.36
C GLY E 202 -40.49 -30.73 -21.66
N ARG E 203 -39.71 -29.66 -21.55
CA ARG E 203 -39.38 -28.88 -22.73
C ARG E 203 -37.96 -29.02 -23.27
N ILE E 204 -37.87 -29.60 -24.46
CA ILE E 204 -36.58 -29.79 -25.11
C ILE E 204 -36.36 -28.62 -26.07
N SER E 205 -35.54 -27.65 -25.64
CA SER E 205 -35.14 -26.47 -26.46
C SER E 205 -34.49 -26.82 -27.79
N ALA E 206 -34.45 -25.85 -28.73
CA ALA E 206 -33.74 -26.03 -30.00
C ALA E 206 -32.30 -26.41 -29.74
N GLY E 207 -31.80 -27.36 -30.53
CA GLY E 207 -30.42 -27.87 -30.42
C GLY E 207 -30.28 -28.97 -29.38
N VAL E 208 -31.33 -29.24 -28.62
CA VAL E 208 -31.17 -30.14 -27.49
C VAL E 208 -31.46 -31.61 -27.83
N VAL E 209 -30.55 -32.50 -27.42
CA VAL E 209 -30.65 -33.91 -27.77
C VAL E 209 -30.67 -34.79 -26.51
N VAL E 210 -31.60 -35.76 -26.50
CA VAL E 210 -31.94 -36.56 -25.32
C VAL E 210 -31.79 -38.02 -25.71
N GLY E 211 -30.91 -38.73 -24.99
CA GLY E 211 -30.51 -40.10 -25.31
C GLY E 211 -31.53 -41.18 -24.97
N ASP E 212 -31.34 -42.33 -25.63
CA ASP E 212 -32.12 -43.55 -25.44
C ASP E 212 -32.36 -43.80 -23.96
N GLY E 213 -33.63 -44.04 -23.63
CA GLY E 213 -34.05 -44.44 -22.29
C GLY E 213 -34.18 -43.31 -21.29
N SER E 214 -33.96 -42.08 -21.72
CA SER E 214 -34.07 -40.93 -20.81
C SER E 214 -35.46 -40.36 -20.87
N ASP E 215 -35.96 -39.98 -19.70
CA ASP E 215 -37.30 -39.44 -19.56
C ASP E 215 -37.30 -38.07 -18.98
N VAL E 216 -38.16 -37.23 -19.52
CA VAL E 216 -38.21 -35.83 -19.09
C VAL E 216 -39.53 -35.61 -18.34
N GLY E 217 -39.44 -35.23 -17.07
CA GLY E 217 -40.64 -35.17 -16.25
C GLY E 217 -41.54 -34.03 -16.65
N GLY E 218 -42.79 -34.10 -16.21
CA GLY E 218 -43.76 -33.05 -16.53
C GLY E 218 -43.27 -31.68 -16.14
N GLY E 219 -43.28 -30.77 -17.09
CA GLY E 219 -42.89 -29.39 -16.79
C GLY E 219 -41.39 -29.19 -16.62
N ALA E 220 -40.60 -30.24 -16.80
CA ALA E 220 -39.13 -30.07 -16.78
C ALA E 220 -38.67 -29.14 -17.92
N SER E 221 -37.53 -28.50 -17.78
CA SER E 221 -37.15 -27.46 -18.73
C SER E 221 -35.70 -27.59 -19.06
N ILE E 222 -35.39 -27.92 -20.29
CA ILE E 222 -33.99 -28.14 -20.66
C ILE E 222 -33.46 -26.94 -21.44
N MET E 223 -32.51 -26.26 -20.83
CA MET E 223 -31.79 -25.17 -21.45
C MET E 223 -32.73 -23.98 -21.65
N VAL E 233 -24.33 -25.43 -26.11
CA VAL E 233 -25.58 -26.15 -26.34
C VAL E 233 -25.55 -27.49 -25.63
N ILE E 234 -26.71 -27.84 -25.06
CA ILE E 234 -26.84 -28.87 -24.04
C ILE E 234 -27.39 -30.20 -24.55
N SER E 235 -26.92 -31.29 -23.94
CA SER E 235 -27.36 -32.66 -24.26
C SER E 235 -27.47 -33.57 -23.00
N ILE E 236 -28.19 -34.68 -23.17
CA ILE E 236 -28.47 -35.65 -22.13
C ILE E 236 -28.14 -37.05 -22.64
N GLY E 237 -27.41 -37.83 -21.86
CA GLY E 237 -27.08 -39.19 -22.29
C GLY E 237 -28.25 -40.15 -22.24
N LYS E 238 -27.95 -41.42 -22.08
CA LYS E 238 -28.94 -42.45 -21.91
C LYS E 238 -29.33 -42.67 -20.47
N ARG E 239 -30.53 -43.21 -20.34
CA ARG E 239 -31.06 -43.69 -19.07
C ARG E 239 -31.08 -42.58 -18.02
N CYS E 240 -31.26 -41.35 -18.46
CA CYS E 240 -31.36 -40.24 -17.54
C CYS E 240 -32.82 -40.06 -17.08
N LEU E 241 -32.98 -39.38 -15.95
CA LEU E 241 -34.29 -39.03 -15.46
C LEU E 241 -34.34 -37.59 -14.95
N LEU E 242 -35.24 -36.79 -15.50
CA LEU E 242 -35.43 -35.43 -15.02
C LEU E 242 -36.81 -35.33 -14.37
N GLY E 243 -36.81 -35.01 -13.08
CA GLY E 243 -38.01 -34.87 -12.32
C GLY E 243 -38.98 -33.86 -12.88
N ALA E 244 -40.25 -34.02 -12.55
CA ALA E 244 -41.22 -33.00 -12.91
C ALA E 244 -40.83 -31.62 -12.34
N ASN E 245 -40.98 -30.59 -13.17
CA ASN E 245 -40.73 -29.24 -12.75
C ASN E 245 -39.24 -29.01 -12.42
N SER E 246 -38.35 -29.90 -12.87
CA SER E 246 -36.92 -29.61 -12.73
C SER E 246 -36.42 -28.66 -13.83
N GLY E 247 -35.14 -28.26 -13.75
CA GLY E 247 -34.54 -27.48 -14.83
C GLY E 247 -33.08 -27.84 -15.00
N LEU E 248 -32.62 -27.84 -16.26
CA LEU E 248 -31.24 -28.24 -16.55
C LEU E 248 -30.57 -27.20 -17.42
N GLY E 249 -29.42 -26.70 -16.98
CA GLY E 249 -28.65 -25.73 -17.72
C GLY E 249 -27.26 -26.26 -18.01
N ILE E 250 -27.07 -27.56 -17.88
CA ILE E 250 -25.76 -28.19 -18.19
C ILE E 250 -26.02 -29.53 -18.88
N SER E 251 -25.04 -30.01 -19.64
CA SER E 251 -25.16 -31.32 -20.31
C SER E 251 -25.01 -32.40 -19.25
N LEU E 252 -25.82 -33.46 -19.39
CA LEU E 252 -25.68 -34.68 -18.57
C LEU E 252 -25.16 -35.84 -19.43
N GLY E 253 -24.28 -36.65 -18.88
CA GLY E 253 -23.87 -37.90 -19.54
C GLY E 253 -24.91 -39.00 -19.40
N ASP E 254 -24.47 -40.20 -19.04
CA ASP E 254 -25.39 -41.33 -18.84
C ASP E 254 -25.83 -41.53 -17.41
N ASP E 255 -27.02 -42.08 -17.21
CA ASP E 255 -27.53 -42.47 -15.88
C ASP E 255 -27.54 -41.31 -14.85
N CYS E 256 -27.93 -40.14 -15.31
CA CYS E 256 -27.98 -38.99 -14.42
C CYS E 256 -29.42 -38.79 -13.93
N VAL E 257 -29.57 -38.18 -12.76
CA VAL E 257 -30.88 -37.88 -12.23
C VAL E 257 -30.92 -36.48 -11.69
N VAL E 258 -31.96 -35.72 -12.11
CA VAL E 258 -32.24 -34.43 -11.51
C VAL E 258 -33.58 -34.50 -10.78
N GLU E 259 -33.55 -34.29 -9.47
CA GLU E 259 -34.77 -34.49 -8.71
C GLU E 259 -35.88 -33.46 -9.07
N ALA E 260 -37.12 -33.88 -8.87
CA ALA E 260 -38.29 -33.07 -9.13
C ALA E 260 -38.18 -31.70 -8.45
N GLY E 261 -38.44 -30.63 -9.19
CA GLY E 261 -38.52 -29.30 -8.62
C GLY E 261 -37.20 -28.56 -8.51
N LEU E 262 -36.12 -29.17 -8.96
CA LEU E 262 -34.77 -28.59 -8.80
C LEU E 262 -34.31 -28.02 -10.13
N TYR E 263 -33.95 -26.74 -10.13
CA TYR E 263 -33.33 -26.11 -11.31
C TYR E 263 -31.81 -26.03 -11.24
N VAL E 264 -31.12 -26.77 -12.09
CA VAL E 264 -29.67 -26.70 -12.05
C VAL E 264 -29.12 -25.83 -13.18
N THR E 265 -28.64 -24.63 -12.82
CA THR E 265 -28.10 -23.75 -13.83
C THR E 265 -26.59 -24.00 -13.92
N ALA E 266 -25.99 -23.57 -15.03
CA ALA E 266 -24.54 -23.66 -15.14
C ALA E 266 -23.83 -22.96 -13.99
N GLY E 267 -24.43 -21.89 -13.44
CA GLY E 267 -23.82 -21.10 -12.36
C GLY E 267 -24.22 -21.51 -10.95
N THR E 268 -25.15 -22.46 -10.86
CA THR E 268 -25.51 -23.07 -9.57
C THR E 268 -24.30 -23.70 -8.91
N ARG E 269 -24.04 -23.30 -7.66
CA ARG E 269 -22.95 -23.92 -6.91
C ARG E 269 -23.46 -25.17 -6.20
N VAL E 270 -22.94 -26.32 -6.57
CA VAL E 270 -23.40 -27.60 -6.01
C VAL E 270 -22.41 -28.17 -5.02
N THR E 271 -22.88 -28.64 -3.89
CA THR E 271 -21.98 -29.29 -2.94
C THR E 271 -21.80 -30.77 -3.18
N MET E 272 -20.57 -31.25 -3.10
CA MET E 272 -20.34 -32.68 -3.34
C MET E 272 -20.13 -33.53 -2.10
N PRO E 273 -20.00 -34.85 -2.30
CA PRO E 273 -19.91 -35.70 -1.14
C PRO E 273 -18.72 -35.27 -0.28
N ASP E 274 -17.57 -35.03 -0.93
CA ASP E 274 -16.37 -34.53 -0.21
C ASP E 274 -16.56 -33.19 0.49
N SER E 275 -17.65 -32.46 0.20
CA SER E 275 -18.02 -31.24 0.98
C SER E 275 -17.57 -29.93 0.33
N ASN E 276 -16.69 -30.06 -0.65
CA ASN E 276 -16.36 -28.99 -1.54
C ASN E 276 -17.58 -28.58 -2.42
N SER E 277 -17.53 -27.39 -3.00
CA SER E 277 -18.53 -26.99 -3.95
C SER E 277 -17.85 -26.49 -5.21
N VAL E 278 -18.56 -26.61 -6.31
CA VAL E 278 -18.08 -26.20 -7.60
C VAL E 278 -19.33 -25.72 -8.32
N LYS E 279 -19.16 -24.87 -9.32
CA LYS E 279 -20.23 -24.60 -10.26
C LYS E 279 -20.63 -25.85 -11.01
N ALA E 280 -21.91 -25.94 -11.31
CA ALA E 280 -22.49 -27.12 -11.90
C ALA E 280 -21.83 -27.30 -13.28
N ARG E 281 -21.47 -26.16 -13.88
CA ARG E 281 -20.87 -26.15 -15.21
C ARG E 281 -19.60 -27.00 -15.29
N GLU E 282 -18.90 -27.12 -14.19
CA GLU E 282 -17.69 -27.94 -14.10
C GLU E 282 -17.99 -29.43 -14.11
N LEU E 283 -19.25 -29.79 -13.91
CA LEU E 283 -19.69 -31.21 -13.92
C LEU E 283 -20.46 -31.54 -15.19
N SER E 284 -20.64 -30.53 -16.02
CA SER E 284 -21.30 -30.70 -17.31
C SER E 284 -20.82 -31.98 -18.03
N GLY E 285 -21.74 -32.87 -18.41
CA GLY E 285 -21.39 -34.05 -19.21
C GLY E 285 -20.95 -35.30 -18.45
N SER E 286 -20.73 -35.20 -17.13
CA SER E 286 -20.45 -36.39 -16.32
C SER E 286 -21.63 -37.41 -16.27
N SER E 287 -21.32 -38.64 -15.82
CA SER E 287 -22.32 -39.72 -15.75
C SER E 287 -22.56 -40.17 -14.32
N ASN E 288 -23.69 -40.84 -14.08
CA ASN E 288 -24.05 -41.37 -12.75
C ASN E 288 -24.06 -40.27 -11.69
N LEU E 289 -24.58 -39.10 -12.06
CA LEU E 289 -24.75 -38.02 -11.09
C LEU E 289 -26.21 -37.92 -10.67
N LEU E 290 -26.43 -37.77 -9.37
CA LEU E 290 -27.74 -37.40 -8.94
C LEU E 290 -27.68 -35.99 -8.39
N PHE E 291 -28.48 -35.12 -8.97
CA PHE E 291 -28.66 -33.78 -8.40
C PHE E 291 -29.91 -33.63 -7.53
N ARG E 292 -29.73 -33.06 -6.35
CA ARG E 292 -30.87 -32.71 -5.53
C ARG E 292 -30.69 -31.52 -4.63
N ARG E 293 -31.82 -31.02 -4.15
CA ARG E 293 -31.80 -30.02 -3.11
C ARG E 293 -32.00 -30.68 -1.76
N ASN E 294 -31.04 -30.55 -0.88
CA ASN E 294 -31.22 -31.06 0.44
C ASN E 294 -32.50 -30.44 1.06
N SER E 295 -33.45 -31.29 1.45
CA SER E 295 -34.74 -30.82 1.94
C SER E 295 -34.64 -30.33 3.36
N VAL E 296 -33.46 -30.44 3.98
CA VAL E 296 -33.28 -29.89 5.32
C VAL E 296 -32.41 -28.63 5.34
N SER E 297 -31.23 -28.71 4.71
CA SER E 297 -30.33 -27.54 4.62
C SER E 297 -30.61 -26.58 3.47
N GLY E 298 -31.47 -26.95 2.53
CA GLY E 298 -31.64 -26.23 1.27
C GLY E 298 -30.50 -26.27 0.23
N ALA E 299 -29.38 -26.91 0.56
CA ALA E 299 -28.22 -26.92 -0.34
C ALA E 299 -28.48 -27.74 -1.59
N VAL E 300 -28.09 -27.20 -2.76
CA VAL E 300 -28.03 -28.02 -3.98
C VAL E 300 -26.84 -28.99 -3.93
N GLU E 301 -27.14 -30.28 -4.04
CA GLU E 301 -26.13 -31.30 -3.83
C GLU E 301 -26.01 -32.17 -5.05
N VAL E 302 -24.80 -32.61 -5.32
CA VAL E 302 -24.60 -33.64 -6.34
C VAL E 302 -24.01 -34.87 -5.69
N LEU E 303 -24.54 -36.04 -6.06
CA LEU E 303 -24.01 -37.30 -5.56
C LEU E 303 -23.59 -38.21 -6.70
N ALA E 304 -22.62 -39.07 -6.42
CA ALA E 304 -22.25 -40.14 -7.33
C ALA E 304 -23.12 -41.37 -7.05
N ARG E 305 -24.12 -41.59 -7.89
CA ARG E 305 -25.04 -42.72 -7.72
C ARG E 305 -24.39 -44.06 -7.30
C ACY F . -1.98 18.90 6.83
O ACY F . -0.81 19.21 7.14
OXT ACY F . -2.34 18.50 5.72
CH3 ACY F . -3.02 19.05 7.90
C1 MPD G . 19.09 8.99 23.27
C2 MPD G . 18.78 9.45 24.68
O2 MPD G . 19.46 8.63 25.67
CM MPD G . 19.24 10.91 24.80
C3 MPD G . 17.30 9.27 25.06
C4 MPD G . 16.35 9.38 23.89
O4 MPD G . 15.88 8.09 23.54
C5 MPD G . 15.21 10.26 24.38
MG MG H . 5.18 15.62 0.18
MG MG I . 5.63 -0.73 22.06
NA NA J . 13.80 17.47 2.25
C ACY K . 2.58 5.99 -1.01
O ACY K . 1.50 6.56 -0.87
OXT ACY K . 3.61 6.39 -0.44
CH3 ACY K . 2.83 4.80 -1.91
MG MG L . -1.09 -1.77 -26.46
NA NA M . 13.94 7.07 -24.03
C1 MPD N . 27.82 7.56 -13.32
C2 MPD N . 28.29 6.15 -13.66
O2 MPD N . 29.28 6.34 -14.70
CM MPD N . 28.89 5.50 -12.39
C3 MPD N . 27.26 5.21 -14.30
C4 MPD N . 25.85 5.38 -13.74
O4 MPD N . 25.11 5.90 -14.79
C5 MPD N . 25.23 4.04 -13.37
C ACY O . 1.43 19.51 -8.30
O ACY O . 0.58 18.65 -8.06
OXT ACY O . 2.65 19.37 -8.08
CH3 ACY O . 1.01 20.84 -8.91
MG MG P . 17.05 18.04 2.87
C ACY Q . -5.70 -24.58 24.88
O ACY Q . -5.22 -24.68 26.00
OXT ACY Q . -6.90 -24.78 24.70
CH3 ACY Q . -4.71 -24.17 23.81
MG MG R . -2.72 -20.42 43.26
MG MG S . -10.88 -21.37 31.97
C1 MPD T . 14.17 -8.19 36.06
C2 MPD T . 15.40 -7.70 35.27
O2 MPD T . 15.42 -6.25 35.37
CM MPD T . 16.66 -8.25 35.95
C3 MPD T . 15.36 -8.09 33.78
C4 MPD T . 14.03 -8.72 33.35
O4 MPD T . 13.16 -7.76 32.82
C5 MPD T . 14.21 -9.77 32.28
NA NA U . -4.62 -20.59 40.82
MG MG V . -55.04 -26.85 -30.50
MG MG W . -46.56 -25.80 -18.53
MG MG X . -29.44 -23.75 5.79
NA NA Y . -52.77 -26.57 -27.31
#